data_1MPM
#
_entry.id   1MPM
#
_cell.length_a   129.800
_cell.length_b   211.700
_cell.length_c   218.200
_cell.angle_alpha   90.00
_cell.angle_beta   90.00
_cell.angle_gamma   90.00
#
_symmetry.space_group_name_H-M   'C 2 2 21'
#
loop_
_entity.id
_entity.type
_entity.pdbx_description
1 polymer MALTOPORIN
2 branched alpha-D-glucopyranose-(1-4)-beta-D-glucopyranose
3 non-polymer 'MAGNESIUM ION'
4 water water
#
_entity_poly.entity_id   1
_entity_poly.type   'polypeptide(L)'
_entity_poly.pdbx_seq_one_letter_code
;VDFHGYARSGIGWTGSGGEQQCFQTTGAQSKYRLGNECETYAELKLGQEVWKEGDKSFYFDTNVAYSVAQQNDWEATDPA
FREANVQGKNLIEWLPGSTIWAGKRFYQRHDVHMIDFYYWDISGPGAGLENIDVGFGKLSLAATRSSEAGGSSSFASNNI
YDYTNETANDVFDVRLAQMEINPGGTLELGVDYGRANLRDNYRLVDGASKDGWLFTAEHTQSVLKGFNKFVVQYATDSMT
SQGKGLSQGSGVAFDNEKFAYNINNNGHMLRILDHGAISMGDNWDMMYVGMYQDINWDNDNGTKWWTVGIRPMYKWTPIM
STVMEIGYDNVESQRTGDKNNQYKITLAQQWQAGDSIWSRPAIRVFATYAKWDEKWGYDYTGNADNNANFGKAVPADFNG
GSFGRGDSDEWTFGAQMEIWW
;
_entity_poly.pdbx_strand_id   A,B,C
#
loop_
_chem_comp.id
_chem_comp.type
_chem_comp.name
_chem_comp.formula
BGC D-saccharide, beta linking beta-D-glucopyranose 'C6 H12 O6'
GLC D-saccharide, alpha linking alpha-D-glucopyranose 'C6 H12 O6'
MG non-polymer 'MAGNESIUM ION' 'Mg 2'
#
# COMPACT_ATOMS: atom_id res chain seq x y z
N VAL A 1 -3.00 -19.37 -8.46
CA VAL A 1 -2.37 -18.06 -8.59
C VAL A 1 -0.88 -18.29 -8.60
N ASP A 2 -0.14 -17.62 -9.47
CA ASP A 2 1.31 -17.77 -9.47
C ASP A 2 1.85 -16.66 -8.59
N PHE A 3 2.73 -17.00 -7.68
CA PHE A 3 3.30 -16.04 -6.78
C PHE A 3 4.77 -15.87 -7.16
N HIS A 4 5.18 -14.67 -7.55
CA HIS A 4 6.59 -14.45 -7.89
C HIS A 4 7.05 -13.13 -7.34
N GLY A 5 8.33 -12.83 -7.48
CA GLY A 5 8.83 -11.56 -6.98
C GLY A 5 10.32 -11.46 -6.77
N TYR A 6 10.74 -10.50 -5.95
CA TYR A 6 12.16 -10.25 -5.65
C TYR A 6 12.16 -9.58 -4.30
N ALA A 7 13.15 -9.82 -3.48
CA ALA A 7 13.17 -9.18 -2.19
C ALA A 7 14.56 -9.30 -1.63
N ARG A 8 15.02 -8.29 -0.89
CA ARG A 8 16.33 -8.32 -0.22
C ARG A 8 16.04 -7.60 1.09
N SER A 9 16.64 -8.04 2.18
CA SER A 9 16.39 -7.41 3.44
C SER A 9 17.46 -7.87 4.40
N GLY A 10 17.95 -7.00 5.28
CA GLY A 10 19.02 -7.38 6.20
C GLY A 10 19.22 -6.40 7.34
N ILE A 11 20.34 -6.53 8.07
CA ILE A 11 20.71 -5.67 9.21
C ILE A 11 22.19 -5.40 9.03
N GLY A 12 22.63 -4.17 9.33
CA GLY A 12 24.02 -3.86 9.10
C GLY A 12 24.52 -2.81 10.05
N TRP A 13 25.84 -2.71 10.12
CA TRP A 13 26.58 -1.78 11.00
C TRP A 13 27.72 -1.08 10.29
N THR A 14 27.97 0.19 10.65
CA THR A 14 29.09 0.93 10.05
C THR A 14 30.26 0.85 10.99
N GLY A 15 31.44 0.55 10.45
CA GLY A 15 32.62 0.46 11.29
C GLY A 15 32.76 1.61 12.29
N SER A 16 32.74 2.85 11.78
CA SER A 16 32.84 4.05 12.63
C SER A 16 31.65 4.37 13.49
N GLY A 17 30.52 3.68 13.29
CA GLY A 17 29.35 3.92 14.13
C GLY A 17 28.04 4.00 13.39
N GLY A 18 26.97 3.54 14.05
CA GLY A 18 25.64 3.60 13.47
C GLY A 18 25.22 2.56 12.44
N GLU A 19 24.03 2.74 11.89
CA GLU A 19 23.49 1.83 10.90
C GLU A 19 24.41 1.71 9.71
N GLN A 20 24.26 0.63 8.95
CA GLN A 20 25.09 0.43 7.79
C GLN A 20 24.98 1.56 6.77
N GLN A 21 26.09 1.97 6.16
CA GLN A 21 26.05 3.00 5.12
C GLN A 21 26.42 2.34 3.85
N CYS A 22 26.01 2.89 2.73
CA CYS A 22 26.33 2.29 1.46
C CYS A 22 27.18 3.26 0.64
N PHE A 23 27.97 2.76 -0.31
CA PHE A 23 28.89 3.59 -1.03
C PHE A 23 28.80 3.64 -2.52
N GLN A 24 28.46 4.78 -3.08
CA GLN A 24 28.39 4.94 -4.51
C GLN A 24 29.21 6.18 -4.91
N THR A 25 29.96 6.11 -6.00
CA THR A 25 30.75 7.22 -6.47
C THR A 25 29.89 8.37 -7.05
N THR A 26 30.17 9.63 -6.66
CA THR A 26 29.42 10.81 -7.19
C THR A 26 29.62 10.88 -8.70
N GLY A 27 28.53 10.88 -9.45
CA GLY A 27 28.64 10.88 -10.89
C GLY A 27 28.42 9.46 -11.44
N ALA A 28 28.61 8.41 -10.62
CA ALA A 28 28.38 7.04 -11.09
C ALA A 28 26.90 6.77 -11.04
N GLN A 29 26.37 6.08 -12.03
CA GLN A 29 24.96 5.72 -12.03
C GLN A 29 24.65 4.39 -11.30
N SER A 30 25.60 3.85 -10.54
CA SER A 30 25.38 2.60 -9.82
C SER A 30 26.48 2.36 -8.81
N LYS A 31 26.34 1.32 -8.00
CA LYS A 31 27.36 0.89 -7.01
C LYS A 31 27.42 -0.65 -7.12
N TYR A 32 28.48 -1.27 -6.63
CA TYR A 32 28.63 -2.72 -6.62
C TYR A 32 27.82 -3.14 -5.40
N ARG A 33 26.75 -3.90 -5.61
CA ARG A 33 25.84 -4.32 -4.55
C ARG A 33 26.22 -5.21 -3.40
N LEU A 34 27.10 -6.18 -3.61
CA LEU A 34 27.29 -7.11 -2.51
C LEU A 34 27.67 -6.44 -1.22
N GLY A 35 26.89 -6.63 -0.16
CA GLY A 35 27.22 -5.99 1.12
C GLY A 35 27.29 -4.47 0.98
N ASN A 36 26.42 -3.94 0.13
CA ASN A 36 26.39 -2.52 -0.14
C ASN A 36 24.93 -2.12 -0.51
N GLU A 37 23.93 -2.75 0.12
CA GLU A 37 22.54 -2.41 -0.12
C GLU A 37 21.95 -2.01 1.20
N CYS A 38 21.34 -0.84 1.23
CA CYS A 38 20.84 -0.29 2.50
C CYS A 38 19.35 -0.15 2.66
N GLU A 39 18.55 -0.91 1.92
CA GLU A 39 17.10 -0.85 2.11
C GLU A 39 16.51 -2.27 1.97
N THR A 40 15.25 -2.42 2.40
CA THR A 40 14.51 -3.65 2.21
C THR A 40 13.71 -3.29 0.96
N TYR A 41 13.89 -4.03 -0.13
CA TYR A 41 13.14 -3.77 -1.35
C TYR A 41 12.43 -5.05 -1.70
N ALA A 42 11.17 -5.01 -2.10
CA ALA A 42 10.48 -6.25 -2.44
C ALA A 42 9.44 -6.04 -3.50
N GLU A 43 9.34 -6.92 -4.49
CA GLU A 43 8.28 -6.86 -5.51
C GLU A 43 7.45 -8.13 -5.30
N LEU A 44 6.15 -8.01 -5.01
CA LEU A 44 5.25 -9.16 -4.83
C LEU A 44 4.37 -9.30 -6.07
N LYS A 45 4.62 -10.32 -6.89
CA LYS A 45 3.83 -10.55 -8.09
C LYS A 45 2.82 -11.68 -7.93
N LEU A 46 1.58 -11.44 -8.30
CA LEU A 46 0.53 -12.45 -8.27
C LEU A 46 -0.02 -12.46 -9.69
N GLY A 47 0.18 -13.53 -10.43
CA GLY A 47 -0.38 -13.57 -11.77
C GLY A 47 -1.16 -14.85 -11.95
N GLN A 48 -1.71 -15.02 -13.14
CA GLN A 48 -2.44 -16.20 -13.42
C GLN A 48 -2.84 -16.38 -14.86
N GLU A 49 -2.72 -17.61 -15.37
CA GLU A 49 -3.14 -17.92 -16.74
C GLU A 49 -4.64 -18.02 -16.62
N VAL A 50 -5.35 -17.08 -17.19
CA VAL A 50 -6.78 -17.07 -16.98
C VAL A 50 -7.63 -17.79 -18.00
N TRP A 51 -7.07 -18.17 -19.12
CA TRP A 51 -7.87 -18.84 -20.12
C TRP A 51 -6.91 -19.51 -21.05
N LYS A 52 -7.24 -20.73 -21.41
CA LYS A 52 -6.41 -21.46 -22.33
C LYS A 52 -7.25 -22.38 -23.16
N GLU A 53 -6.99 -22.40 -24.45
CA GLU A 53 -7.70 -23.28 -25.35
C GLU A 53 -6.71 -23.73 -26.38
N GLY A 54 -6.13 -24.88 -26.09
CA GLY A 54 -5.17 -25.42 -26.99
C GLY A 54 -3.91 -24.64 -26.85
N ASP A 55 -3.53 -24.03 -27.95
CA ASP A 55 -2.30 -23.22 -28.12
C ASP A 55 -2.45 -21.81 -27.52
N LYS A 56 -3.71 -21.38 -27.41
CA LYS A 56 -4.01 -20.05 -26.97
C LYS A 56 -4.24 -19.83 -25.53
N SER A 57 -3.61 -18.80 -25.02
CA SER A 57 -3.84 -18.44 -23.63
C SER A 57 -3.82 -16.93 -23.38
N PHE A 58 -4.35 -16.54 -22.22
CA PHE A 58 -4.38 -15.17 -21.73
C PHE A 58 -3.78 -15.29 -20.39
N TYR A 59 -2.69 -14.55 -20.18
CA TYR A 59 -2.04 -14.52 -18.90
C TYR A 59 -2.22 -13.13 -18.27
N PHE A 60 -2.49 -13.05 -16.97
CA PHE A 60 -2.68 -11.78 -16.26
C PHE A 60 -1.58 -11.68 -15.23
N ASP A 61 -0.83 -10.58 -15.21
CA ASP A 61 0.29 -10.41 -14.27
C ASP A 61 0.26 -9.05 -13.52
N THR A 62 0.58 -9.03 -12.24
CA THR A 62 0.59 -7.78 -11.50
C THR A 62 1.91 -7.66 -10.77
N ASN A 63 2.19 -6.49 -10.21
CA ASN A 63 3.45 -6.31 -9.44
C ASN A 63 3.28 -5.09 -8.52
N VAL A 64 3.45 -5.30 -7.21
CA VAL A 64 3.33 -4.24 -6.22
C VAL A 64 4.67 -4.21 -5.53
N ALA A 65 5.40 -3.07 -5.60
CA ALA A 65 6.73 -2.92 -5.00
C ALA A 65 6.79 -2.12 -3.70
N TYR A 66 7.67 -2.52 -2.79
CA TYR A 66 7.83 -1.86 -1.50
C TYR A 66 9.28 -1.55 -1.21
N SER A 67 9.57 -0.38 -0.67
CA SER A 67 10.94 -0.01 -0.36
C SER A 67 10.86 0.66 1.02
N VAL A 68 11.49 0.08 2.03
CA VAL A 68 11.43 0.64 3.34
C VAL A 68 12.87 0.71 3.84
N ALA A 69 13.13 1.53 4.86
CA ALA A 69 14.50 1.77 5.35
C ALA A 69 15.11 0.70 6.20
N GLN A 70 14.25 -0.17 6.71
CA GLN A 70 14.65 -1.27 7.55
C GLN A 70 15.39 -0.79 8.76
N GLN A 71 14.71 0.08 9.53
CA GLN A 71 15.28 0.54 10.78
C GLN A 71 14.29 0.29 11.85
N ASN A 72 13.09 -0.15 11.48
CA ASN A 72 12.09 -0.49 12.47
C ASN A 72 11.17 -1.58 11.93
N ASP A 73 10.34 -2.13 12.81
CA ASP A 73 9.39 -3.14 12.42
C ASP A 73 8.25 -2.45 11.65
N TRP A 74 7.47 -1.59 12.30
CA TRP A 74 6.37 -0.93 11.61
C TRP A 74 6.85 0.18 10.71
N GLU A 75 6.92 -0.02 9.41
CA GLU A 75 7.39 1.03 8.54
C GLU A 75 6.38 1.22 7.49
N ALA A 76 5.53 2.24 7.64
CA ALA A 76 4.46 2.59 6.70
C ALA A 76 5.13 3.13 5.46
N THR A 77 4.55 2.89 4.30
CA THR A 77 5.16 3.29 3.06
C THR A 77 4.13 3.41 1.96
N ASP A 78 4.54 3.90 0.80
CA ASP A 78 3.65 4.01 -0.32
C ASP A 78 4.13 3.00 -1.34
N PRO A 79 3.39 1.90 -1.49
CA PRO A 79 3.80 0.89 -2.45
C PRO A 79 3.68 1.47 -3.83
N ALA A 80 4.48 1.00 -4.79
CA ALA A 80 4.35 1.46 -6.17
C ALA A 80 3.58 0.35 -6.98
N PHE A 81 2.48 0.67 -7.64
CA PHE A 81 1.81 -0.33 -8.41
C PHE A 81 2.54 -0.33 -9.76
N ARG A 82 3.54 -1.19 -9.92
CA ARG A 82 4.30 -1.22 -11.17
C ARG A 82 3.83 -2.01 -12.36
N GLU A 83 3.03 -3.07 -12.16
CA GLU A 83 2.56 -3.89 -13.31
C GLU A 83 1.16 -4.37 -13.13
N ALA A 84 0.40 -4.31 -14.21
CA ALA A 84 -0.98 -4.79 -14.29
C ALA A 84 -1.19 -4.91 -15.80
N ASN A 85 -0.89 -6.08 -16.37
CA ASN A 85 -1.05 -6.27 -17.84
C ASN A 85 -1.61 -7.65 -18.20
N VAL A 86 -2.13 -7.77 -19.42
CA VAL A 86 -2.71 -9.01 -19.92
C VAL A 86 -2.00 -9.33 -21.22
N GLN A 87 -1.42 -10.53 -21.28
CA GLN A 87 -0.71 -11.02 -22.46
C GLN A 87 -1.52 -12.14 -23.13
N GLY A 88 -1.84 -11.97 -24.41
CA GLY A 88 -2.58 -12.98 -25.13
C GLY A 88 -1.69 -13.68 -26.16
N LYS A 89 -1.24 -14.93 -25.93
CA LYS A 89 -0.39 -15.62 -26.92
C LYS A 89 -1.12 -16.48 -27.93
N ASN A 90 -0.63 -16.42 -29.16
CA ASN A 90 -1.18 -17.17 -30.29
C ASN A 90 -2.57 -16.80 -30.62
N LEU A 91 -2.96 -15.57 -30.29
CA LEU A 91 -4.30 -15.12 -30.58
C LEU A 91 -4.38 -14.73 -32.09
N ILE A 92 -3.24 -14.37 -32.72
CA ILE A 92 -3.22 -13.97 -34.14
C ILE A 92 -2.62 -15.10 -35.08
N GLU A 93 -3.53 -15.76 -35.82
CA GLU A 93 -3.22 -16.89 -36.74
C GLU A 93 -2.09 -16.60 -37.74
N TRP A 94 -2.21 -15.47 -38.45
CA TRP A 94 -1.21 -15.08 -39.42
C TRP A 94 0.20 -14.82 -38.83
N LEU A 95 0.32 -14.57 -37.52
CA LEU A 95 1.62 -14.31 -36.91
C LEU A 95 1.70 -15.26 -35.72
N PRO A 96 1.93 -16.54 -35.99
CA PRO A 96 2.02 -17.57 -34.95
C PRO A 96 3.13 -17.40 -33.94
N GLY A 97 2.79 -17.73 -32.70
CA GLY A 97 3.72 -17.63 -31.59
C GLY A 97 3.86 -16.24 -31.00
N SER A 98 3.26 -15.24 -31.65
CA SER A 98 3.37 -13.90 -31.19
C SER A 98 2.34 -13.56 -30.11
N THR A 99 2.71 -12.64 -29.22
CA THR A 99 1.86 -12.18 -28.12
C THR A 99 1.42 -10.70 -28.28
N ILE A 100 0.17 -10.43 -27.97
CA ILE A 100 -0.29 -9.07 -27.98
C ILE A 100 -0.50 -8.75 -26.51
N TRP A 101 0.07 -7.66 -26.01
CA TRP A 101 -0.11 -7.29 -24.61
C TRP A 101 -0.51 -5.80 -24.47
N ALA A 102 -1.10 -5.44 -23.35
CA ALA A 102 -1.47 -4.06 -23.06
C ALA A 102 -1.55 -3.95 -21.54
N GLY A 103 -1.06 -2.83 -21.02
CA GLY A 103 -1.13 -2.63 -19.59
C GLY A 103 0.23 -2.18 -19.16
N LYS A 104 0.39 -2.08 -17.87
CA LYS A 104 1.64 -1.64 -17.28
C LYS A 104 2.49 -2.92 -17.19
N ARG A 105 3.72 -2.90 -17.71
CA ARG A 105 4.55 -4.08 -17.71
C ARG A 105 6.05 -3.82 -17.72
N PHE A 106 6.82 -4.67 -17.02
CA PHE A 106 8.29 -4.61 -17.04
C PHE A 106 8.62 -5.30 -18.37
N TYR A 107 8.88 -4.56 -19.45
CA TYR A 107 9.14 -5.11 -20.77
C TYR A 107 10.56 -5.36 -21.17
N GLN A 108 10.87 -6.64 -21.34
CA GLN A 108 12.19 -7.08 -21.77
C GLN A 108 13.31 -6.21 -21.28
N ARG A 109 13.46 -6.10 -19.96
CA ARG A 109 14.56 -5.29 -19.48
C ARG A 109 15.89 -6.00 -19.41
N HIS A 110 16.96 -5.32 -19.80
CA HIS A 110 18.29 -5.91 -19.75
C HIS A 110 19.04 -5.24 -18.59
N ASP A 111 19.72 -5.99 -17.72
CA ASP A 111 20.45 -5.37 -16.62
C ASP A 111 21.73 -6.12 -16.33
N VAL A 112 22.58 -5.57 -15.47
CA VAL A 112 23.82 -6.18 -15.08
C VAL A 112 23.58 -6.36 -13.60
N HIS A 113 23.47 -7.61 -13.17
CA HIS A 113 23.15 -7.88 -11.79
C HIS A 113 24.06 -7.33 -10.73
N MET A 114 25.36 -7.60 -10.81
CA MET A 114 26.22 -7.15 -9.71
C MET A 114 26.26 -5.65 -9.40
N ILE A 115 25.94 -4.81 -10.37
CA ILE A 115 25.88 -3.37 -10.14
C ILE A 115 24.41 -2.88 -10.13
N ASP A 116 23.48 -3.81 -10.30
CA ASP A 116 22.05 -3.53 -10.29
C ASP A 116 21.81 -2.39 -11.23
N PHE A 117 22.35 -2.49 -12.43
CA PHE A 117 22.26 -1.45 -13.42
C PHE A 117 21.42 -1.90 -14.58
N TYR A 118 20.32 -1.22 -14.91
CA TYR A 118 19.53 -1.58 -16.06
C TYR A 118 19.97 -0.73 -17.21
N TYR A 119 20.39 -1.34 -18.32
CA TYR A 119 20.83 -0.56 -19.45
C TYR A 119 19.84 -0.50 -20.59
N TRP A 120 18.78 -1.28 -20.56
CA TRP A 120 17.78 -1.23 -21.63
C TRP A 120 16.48 -1.54 -20.92
N ASP A 121 15.76 -0.48 -20.55
CA ASP A 121 14.54 -0.65 -19.78
C ASP A 121 13.55 0.43 -20.14
N ILE A 122 12.60 0.11 -20.99
CA ILE A 122 11.59 1.04 -21.40
C ILE A 122 10.27 0.71 -20.68
N SER A 123 10.32 0.03 -19.53
CA SER A 123 9.05 -0.33 -18.87
C SER A 123 8.13 0.82 -18.48
N GLY A 124 6.84 0.51 -18.31
CA GLY A 124 5.84 1.47 -17.89
C GLY A 124 4.55 1.09 -18.57
N PRO A 125 3.51 1.96 -18.59
CA PRO A 125 2.23 1.68 -19.25
C PRO A 125 2.58 1.46 -20.70
N GLY A 126 1.94 0.52 -21.39
CA GLY A 126 2.30 0.31 -22.79
C GLY A 126 1.43 -0.70 -23.48
N ALA A 127 1.87 -1.08 -24.68
CA ALA A 127 1.16 -2.07 -25.48
C ALA A 127 2.11 -2.50 -26.60
N GLY A 128 1.94 -3.72 -27.12
CA GLY A 128 2.82 -4.21 -28.18
C GLY A 128 2.45 -5.55 -28.78
N LEU A 129 3.17 -5.92 -29.83
CA LEU A 129 3.00 -7.17 -30.54
C LEU A 129 4.37 -7.75 -30.41
N GLU A 130 4.48 -8.79 -29.61
CA GLU A 130 5.75 -9.41 -29.26
C GLU A 130 6.14 -10.74 -29.95
N ASN A 131 7.43 -11.00 -30.12
CA ASN A 131 7.94 -12.24 -30.74
C ASN A 131 7.32 -12.73 -32.04
N ILE A 132 7.40 -11.90 -33.06
CA ILE A 132 6.90 -12.23 -34.38
C ILE A 132 8.05 -12.97 -35.04
N ASP A 133 7.75 -14.13 -35.61
CA ASP A 133 8.81 -14.91 -36.28
C ASP A 133 9.13 -14.33 -37.62
N VAL A 134 10.33 -13.74 -37.78
CA VAL A 134 10.72 -13.13 -39.03
C VAL A 134 11.60 -14.15 -39.77
N GLY A 135 11.66 -15.36 -39.25
CA GLY A 135 12.48 -16.35 -39.91
C GLY A 135 13.89 -16.38 -39.39
N PHE A 136 14.67 -15.36 -39.67
CA PHE A 136 16.04 -15.36 -39.16
C PHE A 136 16.13 -14.93 -37.70
N GLY A 137 15.03 -14.39 -37.18
CA GLY A 137 14.98 -13.94 -35.79
C GLY A 137 13.57 -13.58 -35.41
N LYS A 138 13.43 -13.10 -34.18
CA LYS A 138 12.13 -12.68 -33.63
C LYS A 138 12.04 -11.14 -33.54
N LEU A 139 10.97 -10.59 -34.08
CA LEU A 139 10.74 -9.16 -34.12
C LEU A 139 9.74 -8.72 -33.07
N SER A 140 10.09 -7.72 -32.27
CA SER A 140 9.11 -7.21 -31.32
C SER A 140 8.81 -5.71 -31.50
N LEU A 141 7.54 -5.34 -31.38
CA LEU A 141 7.09 -3.95 -31.49
C LEU A 141 6.35 -3.49 -30.22
N ALA A 142 6.78 -2.35 -29.63
CA ALA A 142 6.15 -1.80 -28.41
C ALA A 142 6.12 -0.26 -28.33
N ALA A 143 5.10 0.26 -27.68
CA ALA A 143 5.00 1.69 -27.44
C ALA A 143 4.77 1.81 -25.93
N THR A 144 5.68 2.49 -25.22
CA THR A 144 5.46 2.71 -23.78
C THR A 144 5.44 4.21 -23.44
N ARG A 145 5.16 4.54 -22.19
CA ARG A 145 5.04 5.93 -21.80
C ARG A 145 5.65 6.28 -20.46
N SER A 146 6.08 7.53 -20.38
CA SER A 146 6.61 8.15 -19.16
C SER A 146 6.24 9.62 -19.23
N SER A 147 6.47 10.31 -18.13
CA SER A 147 6.17 11.72 -18.16
C SER A 147 7.04 12.44 -17.18
N GLU A 148 7.48 13.63 -17.58
CA GLU A 148 8.32 14.43 -16.71
C GLU A 148 7.42 15.18 -15.77
N ALA A 149 7.93 15.49 -14.57
CA ALA A 149 7.13 16.23 -13.57
C ALA A 149 6.60 17.61 -14.02
N GLY A 150 7.38 18.37 -14.77
CA GLY A 150 6.90 19.65 -15.28
C GLY A 150 7.46 19.73 -16.69
N GLY A 151 7.77 20.93 -17.16
CA GLY A 151 8.36 21.12 -18.48
C GLY A 151 7.50 21.73 -19.55
N SER A 152 6.22 21.88 -19.33
CA SER A 152 5.35 22.45 -20.35
C SER A 152 4.70 23.74 -19.90
N SER A 153 4.50 24.68 -20.84
CA SER A 153 3.86 25.94 -20.52
C SER A 153 2.56 26.02 -21.26
N SER A 154 1.52 26.40 -20.52
CA SER A 154 0.15 26.55 -21.02
C SER A 154 0.11 27.64 -22.06
N PHE A 155 1.09 28.54 -22.00
CA PHE A 155 1.22 29.71 -22.89
C PHE A 155 2.70 29.98 -23.12
N ALA A 156 3.00 30.93 -24.00
CA ALA A 156 4.41 31.24 -24.22
C ALA A 156 4.96 32.19 -23.15
N SER A 157 6.04 31.77 -22.51
CA SER A 157 6.73 32.52 -21.48
C SER A 157 8.20 32.44 -21.88
N ASN A 158 9.01 33.33 -21.30
CA ASN A 158 10.45 33.37 -21.52
C ASN A 158 11.03 32.96 -20.18
N ASN A 159 10.14 32.88 -19.19
CA ASN A 159 10.49 32.52 -17.83
C ASN A 159 10.38 31.02 -17.60
N ILE A 160 11.50 30.37 -17.30
CA ILE A 160 11.48 28.94 -17.07
C ILE A 160 10.52 28.55 -15.95
N TYR A 161 10.32 29.41 -14.96
CA TYR A 161 9.42 29.06 -13.87
C TYR A 161 7.96 28.88 -14.33
N ASP A 162 7.69 29.08 -15.61
CA ASP A 162 6.34 28.96 -16.16
C ASP A 162 6.03 27.58 -16.72
N TYR A 163 7.10 26.86 -16.98
CA TYR A 163 7.07 25.52 -17.54
C TYR A 163 6.93 24.49 -16.43
N THR A 164 5.75 24.45 -15.84
CA THR A 164 5.52 23.55 -14.74
C THR A 164 4.55 22.43 -14.99
N ASN A 165 4.00 22.42 -16.20
CA ASN A 165 3.08 21.37 -16.59
C ASN A 165 3.83 20.08 -16.93
N GLU A 166 3.31 18.97 -16.40
CA GLU A 166 3.84 17.61 -16.59
C GLU A 166 3.88 17.33 -18.08
N THR A 167 4.97 16.72 -18.55
CA THR A 167 5.03 16.45 -19.97
C THR A 167 5.27 14.96 -20.31
N ALA A 168 4.28 14.40 -21.01
CA ALA A 168 4.28 13.02 -21.45
C ALA A 168 5.35 12.80 -22.46
N ASN A 169 6.01 11.67 -22.38
CA ASN A 169 7.03 11.30 -23.38
C ASN A 169 6.62 9.91 -23.88
N ASP A 170 6.67 9.66 -25.20
CA ASP A 170 6.34 8.38 -25.81
C ASP A 170 7.60 7.69 -26.32
N VAL A 171 7.70 6.37 -26.20
CA VAL A 171 8.83 5.62 -26.78
C VAL A 171 8.23 4.61 -27.73
N PHE A 172 8.84 4.48 -28.90
CA PHE A 172 8.42 3.53 -29.92
C PHE A 172 9.62 2.69 -30.10
N ASP A 173 9.45 1.43 -29.74
CA ASP A 173 10.51 0.44 -29.71
C ASP A 173 10.37 -0.68 -30.73
N VAL A 174 11.48 -1.05 -31.34
CA VAL A 174 11.50 -2.14 -32.31
C VAL A 174 12.75 -2.93 -32.01
N ARG A 175 12.60 -4.23 -31.85
CA ARG A 175 13.73 -5.10 -31.56
C ARG A 175 13.65 -6.29 -32.49
N LEU A 176 14.81 -6.82 -32.82
CA LEU A 176 14.97 -8.00 -33.69
C LEU A 176 16.01 -8.86 -32.99
N ALA A 177 15.58 -9.96 -32.40
CA ALA A 177 16.51 -10.76 -31.65
C ALA A 177 16.71 -12.17 -32.13
N GLN A 178 17.48 -12.88 -31.31
CA GLN A 178 17.81 -14.29 -31.51
C GLN A 178 18.36 -14.64 -32.91
N MET A 179 19.14 -13.74 -33.49
CA MET A 179 19.77 -14.00 -34.78
C MET A 179 21.10 -14.61 -34.41
N GLU A 180 21.40 -15.80 -34.96
CA GLU A 180 22.69 -16.44 -34.66
C GLU A 180 23.80 -15.89 -35.59
N ILE A 181 24.40 -14.76 -35.20
CA ILE A 181 25.47 -14.19 -36.01
C ILE A 181 26.53 -15.32 -36.02
N ASN A 182 26.58 -16.15 -34.98
CA ASN A 182 27.60 -17.20 -34.95
C ASN A 182 27.29 -18.40 -34.03
N PRO A 183 28.23 -19.34 -33.96
CA PRO A 183 27.97 -20.50 -33.10
C PRO A 183 28.12 -20.17 -31.64
N GLY A 184 27.02 -20.36 -30.91
CA GLY A 184 27.00 -20.08 -29.49
C GLY A 184 26.76 -18.59 -29.25
N GLY A 185 26.42 -17.89 -30.33
CA GLY A 185 26.23 -16.48 -30.24
C GLY A 185 25.05 -15.93 -30.96
N THR A 186 24.30 -15.11 -30.24
CA THR A 186 23.16 -14.46 -30.83
C THR A 186 23.36 -12.96 -30.85
N LEU A 187 22.57 -12.31 -31.69
CA LEU A 187 22.64 -10.87 -31.81
C LEU A 187 21.28 -10.25 -31.69
N GLU A 188 21.16 -9.25 -30.83
CA GLU A 188 19.91 -8.52 -30.74
C GLU A 188 20.18 -7.09 -31.18
N LEU A 189 19.23 -6.51 -31.89
CA LEU A 189 19.33 -5.16 -32.40
C LEU A 189 18.07 -4.36 -32.03
N GLY A 190 18.22 -3.19 -31.40
CA GLY A 190 17.04 -2.41 -31.08
C GLY A 190 17.11 -0.95 -31.47
N VAL A 191 15.96 -0.35 -31.71
CA VAL A 191 15.92 1.07 -32.06
C VAL A 191 14.80 1.67 -31.24
N ASP A 192 15.15 2.69 -30.46
CA ASP A 192 14.15 3.40 -29.66
C ASP A 192 14.02 4.85 -30.12
N TYR A 193 12.80 5.27 -30.37
CA TYR A 193 12.61 6.64 -30.73
C TYR A 193 11.68 7.27 -29.72
N GLY A 194 12.20 8.18 -28.90
CA GLY A 194 11.37 8.83 -27.88
C GLY A 194 11.07 10.28 -28.14
N ARG A 195 9.93 10.79 -27.70
CA ARG A 195 9.62 12.17 -27.96
C ARG A 195 8.65 12.75 -26.94
N ALA A 196 8.80 14.04 -26.59
CA ALA A 196 7.89 14.75 -25.66
C ALA A 196 6.61 14.95 -26.46
N ASN A 197 5.46 14.70 -25.87
CA ASN A 197 4.20 14.77 -26.59
C ASN A 197 3.33 15.82 -25.93
N LEU A 198 3.40 17.05 -26.44
CA LEU A 198 2.68 18.20 -25.87
C LEU A 198 1.19 18.31 -26.07
N ARG A 199 0.48 18.76 -25.03
CA ARG A 199 -0.95 18.96 -25.15
C ARG A 199 -1.15 20.03 -26.16
N ASP A 200 -2.35 20.07 -26.72
CA ASP A 200 -2.68 21.09 -27.70
C ASP A 200 -2.41 22.45 -27.05
N ASN A 201 -1.59 23.24 -27.74
CA ASN A 201 -1.20 24.58 -27.29
C ASN A 201 -0.07 24.73 -26.22
N TYR A 202 0.50 23.65 -25.68
CA TYR A 202 1.59 23.82 -24.71
C TYR A 202 2.90 24.00 -25.42
N ARG A 203 3.90 24.45 -24.69
CA ARG A 203 5.19 24.72 -25.31
C ARG A 203 6.29 24.26 -24.40
N LEU A 204 7.44 23.94 -24.98
CA LEU A 204 8.59 23.56 -24.20
C LEU A 204 9.52 24.77 -24.19
N VAL A 205 10.39 24.81 -23.20
CA VAL A 205 11.38 25.86 -23.05
C VAL A 205 12.05 26.00 -24.44
N ASP A 206 12.56 27.21 -24.77
CA ASP A 206 13.21 27.43 -26.07
C ASP A 206 14.49 26.61 -26.00
N GLY A 207 14.76 25.84 -27.04
CA GLY A 207 15.97 25.02 -27.01
C GLY A 207 15.89 23.63 -26.39
N ALA A 208 14.73 23.25 -25.84
CA ALA A 208 14.51 21.93 -25.24
C ALA A 208 14.73 20.91 -26.35
N SER A 209 15.39 19.80 -26.00
CA SER A 209 15.72 18.68 -26.92
C SER A 209 14.52 18.03 -27.61
N LYS A 210 13.38 17.92 -26.91
CA LYS A 210 12.15 17.34 -27.48
C LYS A 210 12.13 15.84 -27.76
N ASP A 211 13.08 15.33 -28.55
CA ASP A 211 13.12 13.94 -28.88
C ASP A 211 14.54 13.39 -28.95
N GLY A 212 14.68 12.14 -29.36
CA GLY A 212 15.99 11.53 -29.44
C GLY A 212 15.91 10.07 -29.84
N TRP A 213 17.07 9.40 -29.87
CA TRP A 213 17.15 8.00 -30.27
C TRP A 213 18.03 7.22 -29.39
N LEU A 214 17.73 5.92 -29.26
CA LEU A 214 18.63 5.00 -28.54
C LEU A 214 18.78 3.83 -29.52
N PHE A 215 20.02 3.42 -29.73
CA PHE A 215 20.33 2.33 -30.63
C PHE A 215 21.08 1.34 -29.80
N THR A 216 20.64 0.10 -29.84
CA THR A 216 21.27 -0.98 -29.06
C THR A 216 21.66 -2.18 -29.92
N ALA A 217 22.78 -2.78 -29.57
CA ALA A 217 23.25 -3.99 -30.22
C ALA A 217 23.82 -4.81 -29.08
N GLU A 218 23.24 -5.99 -28.87
CA GLU A 218 23.72 -6.86 -27.81
C GLU A 218 24.07 -8.21 -28.39
N HIS A 219 25.27 -8.68 -28.09
CA HIS A 219 25.69 -9.99 -28.54
C HIS A 219 25.90 -10.91 -27.37
N THR A 220 25.20 -12.05 -27.36
CA THR A 220 25.34 -13.01 -26.27
C THR A 220 26.09 -14.22 -26.73
N GLN A 221 27.09 -14.61 -25.98
CA GLN A 221 27.92 -15.74 -26.32
C GLN A 221 27.91 -16.71 -25.20
N SER A 222 27.47 -17.92 -25.51
CA SER A 222 27.42 -18.99 -24.55
C SER A 222 28.85 -19.39 -24.30
N VAL A 223 29.31 -19.37 -23.05
CA VAL A 223 30.72 -19.68 -22.74
C VAL A 223 30.89 -20.23 -21.34
N LEU A 224 31.90 -21.08 -21.17
CA LEU A 224 32.23 -21.66 -19.88
C LEU A 224 31.02 -21.99 -19.04
N LYS A 225 30.06 -22.62 -19.69
CA LYS A 225 28.83 -23.03 -19.02
C LYS A 225 28.07 -21.79 -18.55
N GLY A 226 28.39 -20.64 -19.12
CA GLY A 226 27.72 -19.42 -18.74
C GLY A 226 27.52 -18.60 -19.98
N PHE A 227 27.59 -17.28 -19.83
CA PHE A 227 27.42 -16.42 -20.99
C PHE A 227 28.28 -15.20 -20.80
N ASN A 228 28.36 -14.44 -21.87
CA ASN A 228 29.07 -13.19 -21.90
C ASN A 228 28.25 -12.34 -22.84
N LYS A 229 27.88 -11.13 -22.40
CA LYS A 229 27.14 -10.19 -23.25
C LYS A 229 28.04 -9.02 -23.56
N PHE A 230 28.03 -8.59 -24.80
CA PHE A 230 28.84 -7.47 -25.14
C PHE A 230 27.83 -6.50 -25.72
N VAL A 231 27.80 -5.30 -25.14
CA VAL A 231 26.82 -4.31 -25.55
C VAL A 231 27.39 -3.00 -26.04
N VAL A 232 26.71 -2.41 -26.99
CA VAL A 232 27.12 -1.12 -27.47
C VAL A 232 25.86 -0.30 -27.67
N GLN A 233 25.78 0.86 -27.00
CA GLN A 233 24.59 1.71 -27.18
C GLN A 233 24.96 3.15 -27.50
N TYR A 234 24.08 3.80 -28.22
CA TYR A 234 24.30 5.17 -28.58
C TYR A 234 22.98 5.92 -28.54
N ALA A 235 22.94 6.96 -27.72
CA ALA A 235 21.76 7.77 -27.57
C ALA A 235 22.01 9.23 -27.99
N THR A 236 20.90 9.84 -28.28
CA THR A 236 20.84 11.17 -28.77
C THR A 236 19.87 12.06 -28.01
N ASP A 237 20.32 13.22 -27.54
CA ASP A 237 19.42 14.16 -26.91
C ASP A 237 18.48 13.73 -25.82
N SER A 238 17.17 13.75 -26.06
CA SER A 238 16.24 13.40 -24.99
C SER A 238 16.36 12.04 -24.31
N MET A 239 17.14 11.14 -24.92
CA MET A 239 17.31 9.81 -24.39
C MET A 239 18.59 9.68 -23.61
N THR A 240 19.37 10.74 -23.52
CA THR A 240 20.64 10.66 -22.83
C THR A 240 20.59 10.82 -21.35
N SER A 241 19.55 11.48 -20.83
CA SER A 241 19.48 11.71 -19.39
C SER A 241 19.13 10.46 -18.64
N GLN A 242 18.04 9.80 -19.03
CA GLN A 242 17.66 8.54 -18.40
C GLN A 242 18.63 7.42 -18.89
N GLY A 243 18.89 7.41 -20.19
CA GLY A 243 19.86 6.47 -20.74
C GLY A 243 19.56 5.00 -20.74
N LYS A 244 18.27 4.65 -20.75
CA LYS A 244 17.86 3.27 -20.74
C LYS A 244 16.75 3.04 -21.73
N GLY A 245 16.29 4.08 -22.40
CA GLY A 245 15.23 3.89 -23.37
C GLY A 245 14.06 4.81 -23.14
N LEU A 246 14.04 5.53 -22.02
CA LEU A 246 12.96 6.47 -21.76
C LEU A 246 13.39 7.91 -22.11
N SER A 247 12.45 8.70 -22.63
CA SER A 247 12.70 10.07 -23.05
C SER A 247 12.38 11.16 -22.03
N GLN A 248 13.24 12.19 -21.99
CA GLN A 248 13.03 13.37 -21.13
C GLN A 248 13.29 14.61 -21.99
N GLY A 249 12.34 14.89 -22.87
CA GLY A 249 12.48 15.97 -23.83
C GLY A 249 12.24 17.40 -23.43
N SER A 250 11.70 17.66 -22.22
CA SER A 250 11.44 19.03 -21.80
C SER A 250 12.72 19.72 -21.30
N GLY A 251 13.64 18.94 -20.75
CA GLY A 251 14.87 19.52 -20.23
C GLY A 251 14.70 20.41 -19.01
N VAL A 252 13.60 20.27 -18.27
CA VAL A 252 13.32 21.06 -17.09
C VAL A 252 13.24 20.20 -15.82
N ALA A 253 13.88 20.64 -14.75
CA ALA A 253 13.90 19.97 -13.46
C ALA A 253 13.43 20.92 -12.37
N PHE A 254 13.17 20.41 -11.18
CA PHE A 254 12.71 21.25 -10.11
C PHE A 254 13.48 21.06 -8.82
N ASP A 255 13.80 22.18 -8.14
CA ASP A 255 14.51 22.12 -6.87
C ASP A 255 13.46 21.71 -5.85
N ASN A 256 13.90 21.39 -4.63
CA ASN A 256 12.94 20.99 -3.59
C ASN A 256 11.98 22.12 -3.17
N GLU A 257 12.30 23.36 -3.56
CA GLU A 257 11.46 24.51 -3.25
C GLU A 257 10.54 24.76 -4.46
N LYS A 258 10.36 23.72 -5.31
CA LYS A 258 9.51 23.79 -6.49
C LYS A 258 10.03 24.74 -7.59
N PHE A 259 11.32 25.04 -7.62
CA PHE A 259 11.84 25.94 -8.66
C PHE A 259 12.29 25.23 -9.90
N ALA A 260 11.76 25.65 -11.03
CA ALA A 260 12.16 25.04 -12.28
C ALA A 260 13.58 25.47 -12.60
N TYR A 261 14.32 24.57 -13.23
CA TYR A 261 15.66 24.87 -13.70
C TYR A 261 15.99 24.06 -14.93
N ASN A 262 16.84 24.61 -15.76
CA ASN A 262 17.17 24.00 -17.02
C ASN A 262 18.26 22.92 -16.98
N ILE A 263 17.86 21.66 -17.17
CA ILE A 263 18.77 20.53 -17.17
C ILE A 263 18.97 20.00 -18.62
N ASN A 264 18.87 20.88 -19.64
CA ASN A 264 18.99 20.47 -21.07
C ASN A 264 19.99 19.38 -21.41
N ASN A 265 19.47 18.38 -22.13
CA ASN A 265 20.21 17.20 -22.48
C ASN A 265 20.61 16.99 -23.93
N ASN A 266 20.60 18.05 -24.76
CA ASN A 266 21.04 17.89 -26.14
C ASN A 266 22.45 17.42 -26.00
N GLY A 267 22.79 16.43 -26.80
CA GLY A 267 24.12 15.82 -26.73
C GLY A 267 23.99 14.37 -27.12
N HIS A 268 24.91 13.54 -26.67
CA HIS A 268 24.79 12.14 -27.02
C HIS A 268 25.44 11.32 -25.95
N MET A 269 25.17 10.03 -25.99
CA MET A 269 25.79 9.14 -25.01
C MET A 269 26.32 7.90 -25.73
N LEU A 270 27.50 7.46 -25.33
CA LEU A 270 28.07 6.28 -25.90
C LEU A 270 28.36 5.34 -24.76
N ARG A 271 27.73 4.16 -24.81
CA ARG A 271 27.91 3.13 -23.78
C ARG A 271 28.43 1.86 -24.46
N ILE A 272 29.50 1.35 -23.89
CA ILE A 272 30.11 0.14 -24.36
C ILE A 272 30.31 -0.72 -23.13
N LEU A 273 29.55 -1.82 -23.08
CA LEU A 273 29.52 -2.73 -21.92
C LEU A 273 29.85 -4.18 -22.25
N ASP A 274 30.38 -4.86 -21.27
CA ASP A 274 30.65 -6.26 -21.39
C ASP A 274 30.56 -6.88 -20.01
N HIS A 275 29.61 -7.79 -19.87
CA HIS A 275 29.40 -8.48 -18.60
C HIS A 275 29.04 -9.92 -18.88
N GLY A 276 29.12 -10.74 -17.85
CA GLY A 276 28.73 -12.11 -18.00
C GLY A 276 28.94 -12.82 -16.70
N ALA A 277 28.75 -14.12 -16.75
CA ALA A 277 28.93 -15.02 -15.61
C ALA A 277 29.43 -16.34 -16.24
N ILE A 278 30.53 -16.86 -15.70
CA ILE A 278 31.15 -18.07 -16.22
C ILE A 278 31.49 -19.02 -15.08
N SER A 279 31.34 -20.31 -15.31
CA SER A 279 31.71 -21.25 -14.28
C SER A 279 33.08 -21.77 -14.78
N MET A 280 33.99 -21.98 -13.84
CA MET A 280 35.32 -22.46 -14.18
C MET A 280 35.62 -23.64 -13.27
N GLY A 281 35.41 -24.85 -13.79
CA GLY A 281 35.63 -26.01 -12.96
C GLY A 281 34.35 -26.32 -12.21
N ASP A 282 34.50 -26.97 -11.06
CA ASP A 282 33.32 -27.32 -10.27
C ASP A 282 33.22 -26.45 -9.04
N ASN A 283 34.37 -25.95 -8.56
CA ASN A 283 34.42 -25.14 -7.34
C ASN A 283 34.41 -23.60 -7.54
N TRP A 284 34.31 -23.11 -8.77
CA TRP A 284 34.33 -21.69 -9.02
C TRP A 284 33.33 -21.12 -9.97
N ASP A 285 32.74 -20.03 -9.51
CA ASP A 285 31.79 -19.26 -10.30
C ASP A 285 32.24 -17.81 -10.22
N MET A 286 31.99 -17.06 -11.27
CA MET A 286 32.34 -15.66 -11.24
C MET A 286 31.56 -14.75 -12.16
N MET A 287 31.03 -13.64 -11.63
CA MET A 287 30.39 -12.68 -12.55
C MET A 287 31.37 -11.50 -12.72
N TYR A 288 31.27 -10.82 -13.85
CA TYR A 288 32.15 -9.69 -14.10
C TYR A 288 31.53 -8.58 -14.94
N VAL A 289 31.99 -7.35 -14.71
CA VAL A 289 31.52 -6.19 -15.51
C VAL A 289 32.70 -5.31 -15.85
N GLY A 290 32.55 -4.67 -17.00
CA GLY A 290 33.51 -3.71 -17.45
C GLY A 290 32.66 -2.76 -18.27
N MET A 291 32.67 -1.46 -17.97
CA MET A 291 31.85 -0.52 -18.76
C MET A 291 32.47 0.85 -18.91
N TYR A 292 32.21 1.48 -20.04
CA TYR A 292 32.66 2.81 -20.27
C TYR A 292 31.47 3.60 -20.76
N GLN A 293 31.07 4.60 -20.00
CA GLN A 293 29.91 5.41 -20.40
C GLN A 293 30.28 6.91 -20.51
N ASP A 294 30.02 7.50 -21.68
CA ASP A 294 30.33 8.91 -21.94
C ASP A 294 29.10 9.73 -22.26
N ILE A 295 28.65 10.56 -21.33
CA ILE A 295 27.52 11.43 -21.58
C ILE A 295 28.12 12.81 -21.86
N ASN A 296 28.06 13.19 -23.12
CA ASN A 296 28.60 14.43 -23.60
C ASN A 296 27.51 15.42 -23.91
N TRP A 297 27.33 16.41 -23.04
CA TRP A 297 26.27 17.36 -23.29
C TRP A 297 26.69 18.70 -23.85
N ASP A 298 25.81 19.26 -24.65
CA ASP A 298 26.04 20.56 -25.23
C ASP A 298 26.31 21.58 -24.12
N ASN A 299 25.59 21.43 -23.01
CA ASN A 299 25.72 22.30 -21.88
C ASN A 299 26.95 22.04 -21.05
N ASP A 300 27.78 21.09 -21.48
CA ASP A 300 29.00 20.80 -20.75
C ASP A 300 28.91 20.16 -19.38
N ASN A 301 27.74 19.68 -18.99
CA ASN A 301 27.68 19.10 -17.68
C ASN A 301 27.63 17.56 -17.61
N GLY A 302 27.99 16.89 -18.71
CA GLY A 302 27.99 15.43 -18.74
C GLY A 302 29.05 14.78 -17.84
N THR A 303 29.34 13.50 -18.09
CA THR A 303 30.31 12.71 -17.29
C THR A 303 30.89 11.60 -18.16
N LYS A 304 32.09 11.12 -17.82
CA LYS A 304 32.73 10.03 -18.57
C LYS A 304 33.02 9.02 -17.45
N TRP A 305 32.24 7.95 -17.43
CA TRP A 305 32.33 6.94 -16.40
C TRP A 305 32.93 5.62 -16.87
N TRP A 306 33.81 5.05 -16.03
CA TRP A 306 34.47 3.76 -16.24
C TRP A 306 34.23 2.86 -15.04
N THR A 307 33.73 1.62 -15.24
CA THR A 307 33.61 0.65 -14.11
C THR A 307 34.17 -0.71 -14.44
N VAL A 308 34.60 -1.41 -13.41
CA VAL A 308 35.06 -2.79 -13.52
C VAL A 308 35.00 -3.42 -12.20
N GLY A 309 34.54 -4.66 -12.20
CA GLY A 309 34.47 -5.40 -10.95
C GLY A 309 34.30 -6.85 -11.31
N ILE A 310 34.56 -7.70 -10.34
CA ILE A 310 34.43 -9.13 -10.54
C ILE A 310 33.88 -9.68 -9.26
N ARG A 311 33.15 -10.77 -9.38
CA ARG A 311 32.57 -11.39 -8.20
C ARG A 311 32.78 -12.90 -8.23
N PRO A 312 33.94 -13.34 -7.77
CA PRO A 312 34.24 -14.77 -7.74
C PRO A 312 33.51 -15.44 -6.58
N MET A 313 33.04 -16.67 -6.82
CA MET A 313 32.33 -17.47 -5.81
C MET A 313 33.05 -18.78 -5.72
N TYR A 314 33.38 -19.18 -4.52
CA TYR A 314 34.05 -20.44 -4.30
C TYR A 314 33.17 -21.34 -3.45
N LYS A 315 32.73 -22.46 -4.04
CA LYS A 315 31.82 -23.38 -3.34
C LYS A 315 32.45 -24.45 -2.48
N TRP A 316 32.30 -24.32 -1.18
CA TRP A 316 32.82 -25.29 -0.25
C TRP A 316 31.98 -26.53 -0.27
N THR A 317 30.70 -26.30 -0.48
CA THR A 317 29.68 -27.29 -0.40
C THR A 317 28.67 -26.92 -1.45
N PRO A 318 27.71 -27.80 -1.70
CA PRO A 318 26.77 -27.34 -2.74
C PRO A 318 25.83 -26.25 -2.24
N ILE A 319 25.82 -26.00 -0.94
CA ILE A 319 24.97 -24.95 -0.43
C ILE A 319 25.72 -23.89 0.40
N MET A 320 27.04 -23.95 0.50
CA MET A 320 27.77 -22.95 1.26
C MET A 320 28.97 -22.48 0.48
N SER A 321 29.15 -21.15 0.43
CA SER A 321 30.26 -20.58 -0.31
C SER A 321 30.80 -19.34 0.32
N THR A 322 31.86 -18.87 -0.32
CA THR A 322 32.49 -17.65 0.09
C THR A 322 32.43 -16.82 -1.16
N VAL A 323 31.73 -15.68 -1.10
CA VAL A 323 31.66 -14.82 -2.27
C VAL A 323 32.52 -13.56 -2.05
N MET A 324 33.11 -13.07 -3.12
CA MET A 324 33.88 -11.87 -2.96
C MET A 324 33.59 -10.90 -4.09
N GLU A 325 33.50 -9.62 -3.76
CA GLU A 325 33.27 -8.63 -4.81
C GLU A 325 34.26 -7.47 -4.72
N ILE A 326 34.80 -7.12 -5.86
CA ILE A 326 35.75 -6.04 -5.94
C ILE A 326 35.30 -5.17 -7.06
N GLY A 327 35.00 -3.92 -6.73
CA GLY A 327 34.54 -2.99 -7.75
C GLY A 327 35.27 -1.67 -7.76
N TYR A 328 35.40 -1.12 -8.95
CA TYR A 328 36.09 0.12 -9.10
C TYR A 328 35.37 1.12 -9.96
N ASP A 329 35.22 2.33 -9.44
CA ASP A 329 34.58 3.37 -10.21
C ASP A 329 35.49 4.57 -10.42
N ASN A 330 35.35 5.20 -11.58
CA ASN A 330 36.08 6.42 -11.88
C ASN A 330 35.24 7.31 -12.77
N VAL A 331 34.82 8.47 -12.26
CA VAL A 331 33.98 9.41 -13.03
C VAL A 331 34.64 10.76 -13.17
N GLU A 332 34.71 11.23 -14.40
CA GLU A 332 35.30 12.51 -14.70
C GLU A 332 34.23 13.54 -15.08
N SER A 333 34.30 14.74 -14.49
CA SER A 333 33.33 15.81 -14.81
C SER A 333 33.54 16.40 -16.21
N GLN A 334 32.51 16.41 -17.05
CA GLN A 334 32.69 17.01 -18.39
C GLN A 334 32.98 18.51 -18.16
N ARG A 335 32.27 19.11 -17.21
CA ARG A 335 32.40 20.52 -16.90
C ARG A 335 33.75 20.91 -16.32
N THR A 336 34.24 20.20 -15.32
CA THR A 336 35.49 20.58 -14.70
C THR A 336 36.73 19.74 -14.98
N GLY A 337 36.57 18.59 -15.61
CA GLY A 337 37.72 17.73 -15.84
C GLY A 337 38.24 17.03 -14.58
N ASP A 338 37.66 17.30 -13.43
CA ASP A 338 38.10 16.59 -12.21
C ASP A 338 37.64 15.13 -12.22
N LYS A 339 38.17 14.37 -11.27
CA LYS A 339 37.83 12.97 -11.17
C LYS A 339 37.51 12.42 -9.80
N ASN A 340 36.43 11.67 -9.77
CA ASN A 340 35.96 11.00 -8.57
C ASN A 340 36.25 9.52 -8.80
N ASN A 341 36.78 8.83 -7.81
CA ASN A 341 36.98 7.42 -8.02
C ASN A 341 36.83 6.65 -6.73
N GLN A 342 36.55 5.35 -6.86
CA GLN A 342 36.35 4.52 -5.68
C GLN A 342 36.57 3.08 -5.98
N TYR A 343 36.99 2.36 -4.96
CA TYR A 343 37.14 0.93 -5.05
C TYR A 343 36.52 0.29 -3.79
N LYS A 344 35.71 -0.73 -4.03
CA LYS A 344 35.02 -1.44 -2.96
C LYS A 344 35.47 -2.90 -2.97
N ILE A 345 35.62 -3.49 -1.79
CA ILE A 345 36.00 -4.89 -1.68
C ILE A 345 35.09 -5.49 -0.64
N THR A 346 34.32 -6.52 -1.00
CA THR A 346 33.43 -7.17 -0.02
C THR A 346 33.79 -8.65 0.07
N LEU A 347 33.70 -9.21 1.26
CA LEU A 347 33.97 -10.61 1.50
C LEU A 347 32.73 -11.17 2.21
N ALA A 348 32.09 -12.18 1.66
CA ALA A 348 30.89 -12.76 2.28
C ALA A 348 30.92 -14.28 2.37
N GLN A 349 30.27 -14.78 3.40
CA GLN A 349 30.12 -16.20 3.59
C GLN A 349 28.64 -16.43 3.33
N GLN A 350 28.28 -17.23 2.33
CA GLN A 350 26.86 -17.45 2.12
C GLN A 350 26.34 -18.87 2.05
N TRP A 351 25.01 -18.98 2.15
CA TRP A 351 24.26 -20.22 2.07
C TRP A 351 23.22 -19.96 1.00
N GLN A 352 23.22 -20.69 -0.10
CA GLN A 352 22.22 -20.46 -1.11
C GLN A 352 21.47 -21.73 -1.52
N ALA A 353 20.29 -21.58 -2.07
CA ALA A 353 19.49 -22.71 -2.48
C ALA A 353 19.97 -23.17 -3.83
N GLY A 354 21.20 -23.66 -3.91
CA GLY A 354 21.69 -24.07 -5.20
C GLY A 354 23.20 -23.99 -5.22
N ASP A 355 23.82 -24.41 -6.32
CA ASP A 355 25.28 -24.43 -6.42
C ASP A 355 25.73 -23.33 -7.37
N SER A 356 24.81 -22.52 -7.86
CA SER A 356 25.19 -21.45 -8.78
C SER A 356 25.38 -20.09 -8.12
N ILE A 357 26.09 -19.21 -8.81
CA ILE A 357 26.26 -17.83 -8.36
C ILE A 357 24.89 -17.11 -8.63
N TRP A 358 24.00 -17.75 -9.40
CA TRP A 358 22.67 -17.23 -9.68
C TRP A 358 21.59 -17.87 -8.79
N SER A 359 21.98 -18.75 -7.90
CA SER A 359 21.02 -19.42 -7.04
C SER A 359 20.50 -18.51 -5.95
N ARG A 360 19.18 -18.47 -5.77
CA ARG A 360 18.54 -17.69 -4.71
C ARG A 360 17.45 -18.59 -4.09
N PRO A 361 17.15 -18.48 -2.77
CA PRO A 361 17.59 -17.51 -1.77
C PRO A 361 19.04 -17.64 -1.37
N ALA A 362 19.65 -16.55 -0.91
CA ALA A 362 21.03 -16.57 -0.46
C ALA A 362 20.97 -15.84 0.87
N ILE A 363 21.68 -16.34 1.86
CA ILE A 363 21.72 -15.70 3.16
C ILE A 363 23.20 -15.43 3.33
N ARG A 364 23.57 -14.14 3.41
CA ARG A 364 24.95 -13.69 3.51
C ARG A 364 25.33 -13.08 4.85
N VAL A 365 26.61 -13.21 5.18
CA VAL A 365 27.15 -12.61 6.37
C VAL A 365 28.40 -11.98 5.75
N PHE A 366 28.51 -10.65 5.75
CA PHE A 366 29.62 -9.98 5.03
C PHE A 366 30.32 -8.87 5.78
N ALA A 367 31.40 -8.40 5.16
CA ALA A 367 32.19 -7.25 5.60
C ALA A 367 32.55 -6.55 4.32
N THR A 368 32.31 -5.24 4.27
CA THR A 368 32.64 -4.42 3.09
C THR A 368 33.61 -3.30 3.47
N TYR A 369 34.50 -2.96 2.55
CA TYR A 369 35.45 -1.87 2.76
C TYR A 369 35.49 -0.98 1.54
N ALA A 370 35.28 0.31 1.73
CA ALA A 370 35.36 1.22 0.59
C ALA A 370 36.29 2.37 0.88
N LYS A 371 37.08 2.73 -0.12
CA LYS A 371 37.98 3.84 0.04
C LYS A 371 37.79 4.70 -1.17
N TRP A 372 37.43 5.99 -0.96
CA TRP A 372 37.22 6.94 -2.06
C TRP A 372 38.02 8.25 -2.00
N ASP A 373 38.04 8.94 -3.13
CA ASP A 373 38.69 10.21 -3.30
C ASP A 373 37.93 10.93 -4.37
N GLU A 374 37.02 11.81 -3.93
CA GLU A 374 36.20 12.57 -4.86
C GLU A 374 36.74 14.01 -4.97
N LYS A 375 37.01 14.45 -6.20
CA LYS A 375 37.53 15.79 -6.42
C LYS A 375 36.52 16.81 -7.02
N TRP A 376 35.25 16.43 -7.04
CA TRP A 376 34.17 17.27 -7.55
C TRP A 376 32.82 16.74 -7.04
N GLY A 377 31.77 17.55 -7.12
CA GLY A 377 30.48 17.14 -6.67
C GLY A 377 29.47 18.03 -7.33
N TYR A 378 28.18 17.83 -7.13
CA TYR A 378 27.22 18.69 -7.76
C TYR A 378 26.79 19.73 -6.77
N ASP A 379 26.54 20.94 -7.26
CA ASP A 379 26.14 22.01 -6.38
C ASP A 379 24.64 22.01 -6.20
N TYR A 380 24.24 21.59 -5.04
CA TYR A 380 22.82 21.57 -4.76
C TYR A 380 22.54 22.44 -3.55
N THR A 381 23.47 23.36 -3.28
CA THR A 381 23.26 24.30 -2.20
C THR A 381 22.37 25.39 -2.76
N GLY A 382 21.72 26.10 -1.85
CA GLY A 382 20.87 27.16 -2.30
C GLY A 382 19.57 26.70 -2.90
N ASN A 383 19.15 27.44 -3.91
CA ASN A 383 17.86 27.28 -4.56
C ASN A 383 18.16 27.33 -6.04
N ALA A 384 17.23 26.87 -6.86
CA ALA A 384 17.42 26.99 -8.30
C ALA A 384 17.33 28.51 -8.54
N ASP A 385 16.66 29.21 -7.60
CA ASP A 385 16.50 30.68 -7.62
C ASP A 385 17.77 31.36 -7.01
N ASN A 386 18.18 30.96 -5.78
CA ASN A 386 19.39 31.52 -5.11
C ASN A 386 20.63 31.19 -5.94
N ASN A 387 20.82 29.89 -6.14
CA ASN A 387 21.96 29.36 -6.84
C ASN A 387 21.81 29.34 -8.33
N ALA A 388 22.85 29.73 -9.02
CA ALA A 388 22.77 29.73 -10.45
C ALA A 388 23.70 28.63 -10.98
N ASN A 389 24.48 28.06 -10.07
CA ASN A 389 25.34 26.95 -10.41
C ASN A 389 24.66 25.70 -9.91
N PHE A 390 23.38 25.84 -9.57
CA PHE A 390 22.57 24.78 -9.03
C PHE A 390 22.49 23.59 -9.96
N GLY A 391 22.99 22.47 -9.47
CA GLY A 391 22.99 21.24 -10.24
C GLY A 391 24.19 21.05 -11.14
N LYS A 392 25.17 21.92 -11.07
CA LYS A 392 26.34 21.83 -11.93
C LYS A 392 27.48 21.21 -11.22
N ALA A 393 28.35 20.57 -11.99
CA ALA A 393 29.54 19.94 -11.44
C ALA A 393 30.42 21.12 -10.96
N VAL A 394 31.06 20.95 -9.81
CA VAL A 394 31.85 22.00 -9.21
C VAL A 394 32.98 21.33 -8.41
N PRO A 395 34.19 21.93 -8.39
CA PRO A 395 35.23 21.26 -7.62
C PRO A 395 34.92 21.08 -6.16
N ALA A 396 35.60 20.10 -5.60
CA ALA A 396 35.40 19.76 -4.23
C ALA A 396 35.39 20.92 -3.28
N ASP A 397 36.28 21.88 -3.52
CA ASP A 397 36.44 23.03 -2.63
C ASP A 397 35.82 24.33 -3.14
N PHE A 398 35.13 24.23 -4.25
CA PHE A 398 34.50 25.37 -4.84
C PHE A 398 33.96 26.36 -3.84
N ASN A 399 34.38 27.61 -4.04
CA ASN A 399 34.00 28.75 -3.22
C ASN A 399 34.06 28.48 -1.72
N GLY A 400 35.14 27.84 -1.28
CA GLY A 400 35.29 27.58 0.13
C GLY A 400 34.44 26.48 0.72
N GLY A 401 33.28 26.16 0.09
CA GLY A 401 32.45 25.09 0.62
C GLY A 401 33.04 23.74 0.24
N SER A 402 32.20 22.71 0.18
CA SER A 402 32.74 21.41 -0.20
C SER A 402 31.73 20.52 -0.85
N PHE A 403 32.16 19.93 -1.95
CA PHE A 403 31.35 19.08 -2.80
C PHE A 403 31.97 17.71 -3.01
N GLY A 404 31.10 16.71 -3.14
CA GLY A 404 31.63 15.37 -3.31
C GLY A 404 31.79 14.74 -1.95
N ARG A 405 32.26 13.50 -1.93
CA ARG A 405 32.38 12.75 -0.69
C ARG A 405 33.70 12.89 0.03
N GLY A 406 34.64 13.59 -0.60
CA GLY A 406 35.91 13.75 0.03
C GLY A 406 36.90 12.68 -0.33
N ASP A 407 37.72 12.36 0.64
CA ASP A 407 38.77 11.39 0.47
C ASP A 407 38.82 10.63 1.76
N SER A 408 38.09 9.52 1.87
CA SER A 408 38.11 8.76 3.12
C SER A 408 37.92 7.25 2.89
N ASP A 409 37.47 6.62 3.95
CA ASP A 409 37.29 5.20 4.09
C ASP A 409 36.13 4.87 4.91
N GLU A 410 35.83 3.59 4.94
CA GLU A 410 34.80 3.09 5.82
C GLU A 410 34.62 1.62 5.58
N TRP A 411 34.21 0.94 6.63
CA TRP A 411 33.95 -0.46 6.50
C TRP A 411 32.63 -0.73 7.17
N THR A 412 31.89 -1.67 6.61
CA THR A 412 30.61 -2.04 7.17
C THR A 412 30.58 -3.53 7.26
N PHE A 413 29.56 -4.04 7.88
CA PHE A 413 29.36 -5.47 8.03
C PHE A 413 27.95 -5.80 8.45
N GLY A 414 27.51 -7.02 8.16
CA GLY A 414 26.16 -7.42 8.54
C GLY A 414 25.72 -8.72 7.89
N ALA A 415 24.42 -8.96 7.91
CA ALA A 415 23.82 -10.16 7.35
C ALA A 415 22.70 -9.72 6.41
N GLN A 416 22.43 -10.47 5.36
CA GLN A 416 21.38 -10.04 4.47
C GLN A 416 20.79 -11.25 3.73
N MET A 417 19.54 -11.17 3.28
CA MET A 417 19.02 -12.24 2.46
C MET A 417 18.66 -11.60 1.10
N GLU A 418 18.85 -12.31 0.00
CA GLU A 418 18.36 -11.84 -1.29
C GLU A 418 17.62 -13.03 -1.94
N ILE A 419 16.54 -12.79 -2.68
CA ILE A 419 15.81 -13.88 -3.27
C ILE A 419 14.95 -13.46 -4.41
N TRP A 420 14.88 -14.28 -5.44
CA TRP A 420 13.91 -14.04 -6.49
C TRP A 420 13.25 -15.41 -6.62
N TRP A 421 11.94 -15.43 -6.82
CA TRP A 421 11.18 -16.66 -6.89
C TRP A 421 10.08 -16.48 -7.89
N VAL B 1 -5.70 -20.53 -1.43
CA VAL B 1 -6.13 -19.13 -1.38
C VAL B 1 -6.85 -18.85 -2.67
N ASP B 2 -7.98 -18.16 -2.63
CA ASP B 2 -8.68 -17.81 -3.85
C ASP B 2 -8.19 -16.43 -4.24
N PHE B 3 -7.80 -16.26 -5.49
CA PHE B 3 -7.32 -15.00 -5.97
C PHE B 3 -8.34 -14.43 -6.92
N HIS B 4 -8.91 -13.27 -6.61
CA HIS B 4 -9.87 -12.66 -7.52
C HIS B 4 -9.64 -11.19 -7.62
N GLY B 5 -10.38 -10.50 -8.48
CA GLY B 5 -10.20 -9.06 -8.60
C GLY B 5 -10.74 -8.44 -9.86
N TYR B 6 -10.23 -7.24 -10.19
CA TYR B 6 -10.65 -6.48 -11.36
C TYR B 6 -9.49 -5.60 -11.70
N ALA B 7 -9.25 -5.31 -12.96
CA ALA B 7 -8.13 -4.47 -13.29
C ALA B 7 -8.31 -3.99 -14.70
N ARG B 8 -7.89 -2.75 -15.01
CA ARG B 8 -7.93 -2.21 -16.37
C ARG B 8 -6.67 -1.38 -16.42
N SER B 9 -5.99 -1.36 -17.56
CA SER B 9 -4.78 -0.62 -17.67
C SER B 9 -4.44 -0.50 -19.14
N GLY B 10 -3.92 0.65 -19.58
CA GLY B 10 -3.62 0.84 -20.99
C GLY B 10 -2.73 2.05 -21.28
N ILE B 11 -2.63 2.43 -22.55
CA ILE B 11 -1.83 3.57 -23.01
C ILE B 11 -2.71 4.30 -24.03
N GLY B 12 -2.67 5.62 -24.04
CA GLY B 12 -3.55 6.35 -24.93
C GLY B 12 -2.97 7.66 -25.34
N TRP B 13 -3.54 8.21 -26.42
CA TRP B 13 -3.14 9.49 -27.03
C TRP B 13 -4.32 10.38 -27.37
N THR B 14 -4.14 11.71 -27.23
CA THR B 14 -5.22 12.64 -27.57
C THR B 14 -4.97 13.16 -28.97
N GLY B 15 -5.99 13.16 -29.81
CA GLY B 15 -5.82 13.64 -31.16
C GLY B 15 -5.03 14.95 -31.26
N SER B 16 -5.48 15.99 -30.55
CA SER B 16 -4.81 17.30 -30.54
C SER B 16 -3.48 17.36 -29.82
N GLY B 17 -3.10 16.31 -29.08
CA GLY B 17 -1.81 16.29 -28.42
C GLY B 17 -1.82 15.78 -27.01
N GLY B 18 -0.73 15.14 -26.60
CA GLY B 18 -0.60 14.62 -25.26
C GLY B 18 -1.28 13.32 -24.87
N GLU B 19 -1.19 12.97 -23.58
CA GLU B 19 -1.78 11.76 -23.07
C GLU B 19 -3.27 11.71 -23.35
N GLN B 20 -3.85 10.53 -23.32
CA GLN B 20 -5.27 10.38 -23.55
C GLN B 20 -6.13 11.19 -22.57
N GLN B 21 -7.20 11.81 -23.04
CA GLN B 21 -8.10 12.54 -22.16
C GLN B 21 -9.39 11.80 -22.16
N CYS B 22 -10.17 11.95 -21.11
CA CYS B 22 -11.43 11.25 -21.04
C CYS B 22 -12.57 12.26 -21.00
N PHE B 23 -13.78 11.89 -21.41
CA PHE B 23 -14.88 12.81 -21.53
C PHE B 23 -16.14 12.52 -20.78
N GLN B 24 -16.47 13.35 -19.81
CA GLN B 24 -17.69 13.19 -19.07
C GLN B 24 -18.46 14.53 -19.07
N THR B 25 -19.77 14.50 -19.23
CA THR B 25 -20.58 15.70 -19.22
C THR B 25 -20.69 16.34 -17.84
N THR B 26 -20.51 17.68 -17.73
CA THR B 26 -20.62 18.40 -16.43
C THR B 26 -22.05 18.23 -15.89
N GLY B 27 -22.18 17.72 -14.69
CA GLY B 27 -23.49 17.46 -14.15
C GLY B 27 -23.85 15.97 -14.28
N ALA B 28 -23.21 15.24 -15.21
CA ALA B 28 -23.49 13.80 -15.35
C ALA B 28 -22.72 13.07 -14.29
N GLN B 29 -23.33 12.06 -13.69
CA GLN B 29 -22.64 11.26 -12.69
C GLN B 29 -21.83 10.08 -13.28
N SER B 30 -21.61 10.04 -14.59
CA SER B 30 -20.87 8.97 -15.21
C SER B 30 -20.51 9.32 -16.64
N LYS B 31 -19.72 8.46 -17.30
CA LYS B 31 -19.33 8.61 -18.71
C LYS B 31 -19.44 7.20 -19.32
N TYR B 32 -19.51 7.08 -20.64
CA TYR B 32 -19.55 5.79 -21.32
C TYR B 32 -18.09 5.39 -21.37
N ARG B 33 -17.75 4.28 -20.70
CA ARG B 33 -16.37 3.80 -20.59
C ARG B 33 -15.54 3.34 -21.76
N LEU B 34 -16.13 2.70 -22.76
CA LEU B 34 -15.25 2.13 -23.77
C LEU B 34 -14.30 3.14 -24.37
N GLY B 35 -13.00 2.91 -24.27
CA GLY B 35 -12.04 3.86 -24.86
C GLY B 35 -12.23 5.25 -24.27
N ASN B 36 -12.56 5.29 -22.99
CA ASN B 36 -12.81 6.52 -22.27
C ASN B 36 -12.43 6.33 -20.78
N GLU B 37 -11.37 5.55 -20.49
CA GLU B 37 -10.93 5.34 -19.13
C GLU B 37 -9.50 5.76 -19.07
N CYS B 38 -9.19 6.65 -18.14
CA CYS B 38 -7.85 7.23 -18.07
C CYS B 38 -6.99 6.89 -16.88
N GLU B 39 -7.24 5.78 -16.21
CA GLU B 39 -6.38 5.39 -15.10
C GLU B 39 -6.18 3.86 -15.11
N THR B 40 -5.21 3.38 -14.34
CA THR B 40 -5.01 1.95 -14.14
C THR B 40 -5.72 1.77 -12.80
N TYR B 41 -6.74 0.93 -12.75
CA TYR B 41 -7.46 0.68 -11.51
C TYR B 41 -7.40 -0.81 -11.28
N ALA B 42 -7.15 -1.28 -10.07
CA ALA B 42 -7.10 -2.72 -9.84
C ALA B 42 -7.53 -3.08 -8.46
N GLU B 43 -8.34 -4.14 -8.30
CA GLU B 43 -8.71 -4.63 -6.97
C GLU B 43 -8.11 -6.04 -6.88
N LEU B 44 -7.24 -6.30 -5.91
CA LEU B 44 -6.63 -7.62 -5.72
C LEU B 44 -7.29 -8.30 -4.50
N LYS B 45 -8.12 -9.33 -4.75
CA LYS B 45 -8.79 -10.05 -3.67
C LYS B 45 -8.15 -11.39 -3.38
N LEU B 46 -7.87 -11.65 -2.11
CA LEU B 46 -7.33 -12.93 -1.66
C LEU B 46 -8.30 -13.41 -0.60
N GLY B 47 -9.04 -14.49 -0.84
CA GLY B 47 -9.94 -14.96 0.17
C GLY B 47 -9.71 -16.45 0.38
N GLN B 48 -10.48 -17.02 1.28
CA GLN B 48 -10.35 -18.42 1.54
C GLN B 48 -11.42 -19.00 2.41
N GLU B 49 -11.90 -20.20 2.05
CA GLU B 49 -12.90 -20.90 2.88
C GLU B 49 -12.07 -21.47 4.00
N VAL B 50 -12.24 -20.95 5.20
CA VAL B 50 -11.37 -21.38 6.26
C VAL B 50 -11.84 -22.53 7.11
N TRP B 51 -13.09 -22.93 7.01
CA TRP B 51 -13.56 -24.01 7.83
C TRP B 51 -14.83 -24.48 7.21
N LYS B 52 -14.98 -25.79 7.15
CA LYS B 52 -16.18 -26.37 6.60
C LYS B 52 -16.48 -27.67 7.27
N GLU B 53 -17.74 -27.85 7.62
CA GLU B 53 -18.18 -29.08 8.24
C GLU B 53 -19.55 -29.37 7.73
N GLY B 54 -19.55 -30.17 6.68
CA GLY B 54 -20.80 -30.53 6.09
C GLY B 54 -21.29 -29.36 5.31
N ASP B 55 -22.46 -28.88 5.72
CA ASP B 55 -23.21 -27.76 5.12
C ASP B 55 -22.62 -26.40 5.52
N LYS B 56 -21.93 -26.39 6.66
CA LYS B 56 -21.42 -25.20 7.24
C LYS B 56 -20.06 -24.78 6.88
N SER B 57 -19.92 -23.51 6.55
CA SER B 57 -18.60 -22.99 6.26
C SER B 57 -18.41 -21.53 6.73
N PHE B 58 -17.14 -21.13 6.81
CA PHE B 58 -16.71 -19.79 7.14
C PHE B 58 -15.82 -19.42 6.02
N TYR B 59 -16.18 -18.34 5.34
CA TYR B 59 -15.37 -17.82 4.26
C TYR B 59 -14.76 -16.48 4.68
N PHE B 60 -13.48 -16.24 4.36
CA PHE B 60 -12.80 -14.99 4.69
C PHE B 60 -12.41 -14.33 3.39
N ASP B 61 -12.78 -13.05 3.21
CA ASP B 61 -12.49 -12.34 1.97
C ASP B 61 -11.85 -10.95 2.18
N THR B 62 -10.88 -10.56 1.37
CA THR B 62 -10.26 -9.26 1.53
C THR B 62 -10.24 -8.56 0.19
N ASN B 63 -9.91 -7.29 0.16
CA ASN B 63 -9.84 -6.53 -1.11
C ASN B 63 -8.96 -5.29 -0.91
N VAL B 64 -7.91 -5.16 -1.70
CA VAL B 64 -7.00 -4.03 -1.63
C VAL B 64 -7.04 -3.41 -3.00
N ALA B 65 -7.46 -2.12 -3.11
CA ALA B 65 -7.58 -1.43 -4.40
C ALA B 65 -6.48 -0.42 -4.70
N TYR B 66 -6.11 -0.29 -5.97
CA TYR B 66 -5.06 0.62 -6.40
C TYR B 66 -5.51 1.44 -7.59
N SER B 67 -5.19 2.73 -7.60
CA SER B 67 -5.57 3.59 -8.70
C SER B 67 -4.35 4.46 -8.98
N VAL B 68 -3.76 4.34 -10.15
CA VAL B 68 -2.59 5.10 -10.47
C VAL B 68 -2.85 5.75 -11.83
N ALA B 69 -2.09 6.79 -12.16
CA ALA B 69 -2.31 7.57 -13.39
C ALA B 69 -1.86 6.96 -14.68
N GLN B 70 -0.98 5.97 -14.55
CA GLN B 70 -0.43 5.26 -15.67
C GLN B 70 0.28 6.19 -16.61
N GLN B 71 1.25 6.91 -16.06
CA GLN B 71 2.08 7.79 -16.88
C GLN B 71 3.49 7.43 -16.64
N ASN B 72 3.75 6.57 -15.69
CA ASN B 72 5.11 6.10 -15.44
C ASN B 72 5.10 4.68 -14.89
N ASP B 73 6.27 4.07 -14.81
CA ASP B 73 6.41 2.74 -14.27
C ASP B 73 6.27 2.84 -12.74
N TRP B 74 7.20 3.51 -12.06
CA TRP B 74 7.12 3.60 -10.60
C TRP B 74 6.08 4.61 -10.17
N GLU B 75 4.92 4.19 -9.74
CA GLU B 75 3.91 5.14 -9.32
C GLU B 75 3.47 4.76 -7.96
N ALA B 76 4.01 5.44 -6.95
CA ALA B 76 3.69 5.22 -5.54
C ALA B 76 2.27 5.70 -5.32
N THR B 77 1.54 5.03 -4.44
CA THR B 77 0.14 5.37 -4.23
C THR B 77 -0.32 4.91 -2.86
N ASP B 78 -1.54 5.28 -2.50
CA ASP B 78 -2.09 4.85 -1.25
C ASP B 78 -3.20 3.88 -1.58
N PRO B 79 -2.96 2.59 -1.34
CA PRO B 79 -3.99 1.62 -1.66
C PRO B 79 -5.14 1.83 -0.73
N ALA B 80 -6.36 1.47 -1.13
CA ALA B 80 -7.53 1.56 -0.25
C ALA B 80 -7.84 0.13 0.30
N PHE B 81 -7.90 -0.08 1.61
CA PHE B 81 -8.24 -1.38 2.10
C PHE B 81 -9.77 -1.41 2.09
N ARG B 82 -10.39 -1.89 1.02
CA ARG B 82 -11.84 -1.91 0.95
C ARG B 82 -12.64 -3.04 1.53
N GLU B 83 -12.07 -4.25 1.68
CA GLU B 83 -12.84 -5.38 2.24
C GLU B 83 -12.01 -6.25 3.11
N ALA B 84 -12.58 -6.68 4.22
CA ALA B 84 -11.98 -7.59 5.19
C ALA B 84 -13.20 -8.07 5.97
N ASN B 85 -13.83 -9.17 5.54
CA ASN B 85 -15.03 -9.69 6.22
C ASN B 85 -15.06 -11.22 6.31
N VAL B 86 -15.88 -11.74 7.21
CA VAL B 86 -16.02 -13.18 7.41
C VAL B 86 -17.49 -13.50 7.28
N GLN B 87 -17.81 -14.43 6.37
CA GLN B 87 -19.19 -14.88 6.13
C GLN B 87 -19.36 -16.30 6.63
N GLY B 88 -20.33 -16.51 7.52
CA GLY B 88 -20.59 -17.84 8.03
C GLY B 88 -21.92 -18.38 7.49
N LYS B 89 -21.90 -19.33 6.54
CA LYS B 89 -23.18 -19.88 6.02
C LYS B 89 -23.70 -21.13 6.71
N ASN B 90 -25.02 -21.15 6.88
CA ASN B 90 -25.72 -22.24 7.53
C ASN B 90 -25.35 -22.45 8.94
N LEU B 91 -24.90 -21.38 9.59
CA LEU B 91 -24.51 -21.48 10.98
C LEU B 91 -25.80 -21.44 11.85
N ILE B 92 -26.90 -20.85 11.36
CA ILE B 92 -28.17 -20.76 12.12
C ILE B 92 -29.26 -21.79 11.61
N GLU B 93 -29.46 -22.85 12.40
CA GLU B 93 -30.41 -23.97 12.12
C GLU B 93 -31.83 -23.52 11.76
N TRP B 94 -32.41 -22.67 12.61
CA TRP B 94 -33.74 -22.16 12.36
C TRP B 94 -33.91 -21.33 11.07
N LEU B 95 -32.82 -20.80 10.51
CA LEU B 95 -32.92 -20.00 9.29
C LEU B 95 -31.90 -20.61 8.32
N PRO B 96 -32.22 -21.77 7.77
CA PRO B 96 -31.35 -22.46 6.83
C PRO B 96 -31.00 -21.74 5.56
N GLY B 97 -29.75 -21.91 5.15
CA GLY B 97 -29.22 -21.29 3.95
C GLY B 97 -28.78 -19.83 4.13
N SER B 98 -29.09 -19.26 5.28
CA SER B 98 -28.76 -17.89 5.52
C SER B 98 -27.31 -17.72 6.01
N THR B 99 -26.73 -16.56 5.68
CA THR B 99 -25.37 -16.19 6.07
C THR B 99 -25.31 -15.02 7.08
N ILE B 100 -24.44 -15.13 8.05
CA ILE B 100 -24.25 -14.04 8.96
C ILE B 100 -22.86 -13.52 8.62
N TRP B 101 -22.72 -12.23 8.36
CA TRP B 101 -21.40 -11.67 8.03
C TRP B 101 -21.12 -10.41 8.88
N ALA B 102 -19.85 -10.05 9.00
CA ALA B 102 -19.43 -8.84 9.71
C ALA B 102 -18.07 -8.46 9.16
N GLY B 103 -17.86 -7.17 8.97
CA GLY B 103 -16.59 -6.71 8.47
C GLY B 103 -16.87 -5.76 7.37
N LYS B 104 -15.82 -5.35 6.71
CA LYS B 104 -15.90 -4.41 5.61
C LYS B 104 -16.22 -5.29 4.39
N ARG B 105 -17.27 -4.95 3.63
CA ARG B 105 -17.65 -5.76 2.49
C ARG B 105 -18.39 -5.03 1.38
N PHE B 106 -18.13 -5.42 0.12
CA PHE B 106 -18.85 -4.86 -1.04
C PHE B 106 -20.18 -5.65 -0.99
N TYR B 107 -21.26 -5.10 -0.44
CA TYR B 107 -22.53 -5.79 -0.29
C TYR B 107 -23.55 -5.61 -1.35
N GLN B 108 -23.84 -6.73 -2.03
CA GLN B 108 -24.84 -6.77 -3.08
C GLN B 108 -24.97 -5.48 -3.87
N ARG B 109 -23.89 -5.08 -4.52
CA ARG B 109 -24.00 -3.87 -5.30
C ARG B 109 -24.56 -4.06 -6.69
N HIS B 110 -25.44 -3.16 -7.12
CA HIS B 110 -26.03 -3.23 -8.45
C HIS B 110 -25.39 -2.15 -9.30
N ASP B 111 -24.93 -2.42 -10.53
CA ASP B 111 -24.33 -1.39 -11.35
C ASP B 111 -24.69 -1.60 -12.81
N VAL B 112 -24.35 -0.62 -13.66
CA VAL B 112 -24.60 -0.69 -15.09
C VAL B 112 -23.18 -0.64 -15.60
N HIS B 113 -22.73 -1.74 -16.19
CA HIS B 113 -21.37 -1.81 -16.64
C HIS B 113 -20.90 -0.79 -17.62
N MET B 114 -21.58 -0.63 -18.74
CA MET B 114 -21.04 0.30 -19.75
C MET B 114 -20.81 1.76 -19.33
N ILE B 115 -21.52 2.22 -18.31
CA ILE B 115 -21.31 3.58 -17.81
C ILE B 115 -20.60 3.53 -16.44
N ASP B 116 -20.28 2.33 -15.97
CA ASP B 116 -19.58 2.11 -14.72
C ASP B 116 -20.31 2.89 -13.66
N PHE B 117 -21.62 2.74 -13.60
CA PHE B 117 -22.46 3.47 -12.68
C PHE B 117 -23.07 2.53 -11.68
N TYR B 118 -22.83 2.73 -10.38
CA TYR B 118 -23.46 1.91 -9.38
C TYR B 118 -24.69 2.60 -8.90
N TYR B 119 -25.86 1.97 -8.98
CA TYR B 119 -27.07 2.60 -8.54
C TYR B 119 -27.59 2.10 -7.21
N TRP B 120 -27.03 1.03 -6.68
CA TRP B 120 -27.51 0.53 -5.38
C TRP B 120 -26.25 -0.06 -4.77
N ASP B 121 -25.59 0.75 -3.93
CA ASP B 121 -24.33 0.34 -3.35
C ASP B 121 -24.18 0.93 -1.96
N ILE B 122 -24.46 0.13 -0.94
CA ILE B 122 -24.34 0.59 0.41
C ILE B 122 -23.08 -0.03 1.03
N SER B 123 -22.08 -0.41 0.23
CA SER B 123 -20.90 -1.02 0.82
C SER B 123 -20.12 -0.20 1.85
N GLY B 124 -19.34 -0.89 2.70
CA GLY B 124 -18.51 -0.26 3.70
C GLY B 124 -18.49 -1.18 4.89
N PRO B 125 -18.00 -0.73 6.08
CA PRO B 125 -17.95 -1.55 7.29
C PRO B 125 -19.40 -1.93 7.56
N GLY B 126 -19.68 -3.14 8.01
CA GLY B 126 -21.08 -3.49 8.25
C GLY B 126 -21.26 -4.85 8.87
N ALA B 127 -22.51 -5.30 8.90
CA ALA B 127 -22.86 -6.60 9.43
C ALA B 127 -24.30 -6.91 8.98
N GLY B 128 -24.64 -8.19 8.87
CA GLY B 128 -25.99 -8.56 8.43
C GLY B 128 -26.32 -10.03 8.48
N LEU B 129 -27.58 -10.34 8.20
CA LEU B 129 -28.11 -11.70 8.17
C LEU B 129 -28.65 -11.73 6.77
N GLU B 130 -27.99 -12.50 5.93
CA GLU B 130 -28.28 -12.57 4.51
C GLU B 130 -29.05 -13.80 3.98
N ASN B 131 -29.81 -13.65 2.90
CA ASN B 131 -30.59 -14.74 2.27
C ASN B 131 -31.43 -15.66 3.15
N ILE B 132 -32.36 -15.08 3.86
CA ILE B 132 -33.27 -15.81 4.72
C ILE B 132 -34.40 -16.23 3.80
N ASP B 133 -34.75 -17.51 3.82
CA ASP B 133 -35.82 -18.02 2.96
C ASP B 133 -37.16 -17.63 3.51
N VAL B 134 -37.87 -16.73 2.84
CA VAL B 134 -39.18 -16.27 3.32
C VAL B 134 -40.23 -17.07 2.52
N GLY B 135 -39.79 -18.06 1.77
CA GLY B 135 -40.75 -18.83 1.02
C GLY B 135 -40.98 -18.28 -0.37
N PHE B 136 -41.62 -17.12 -0.47
CA PHE B 136 -41.82 -16.58 -1.81
C PHE B 136 -40.59 -15.84 -2.35
N GLY B 137 -39.61 -15.61 -1.48
CA GLY B 137 -38.38 -14.94 -1.87
C GLY B 137 -37.37 -15.01 -0.75
N LYS B 138 -36.23 -14.37 -1.00
CA LYS B 138 -35.13 -14.31 -0.01
C LYS B 138 -35.03 -12.90 0.62
N LEU B 139 -35.00 -12.88 1.94
CA LEU B 139 -34.94 -11.64 2.69
C LEU B 139 -33.55 -11.35 3.21
N SER B 140 -33.02 -10.16 2.98
CA SER B 140 -31.72 -9.83 3.55
C SER B 140 -31.77 -8.58 4.46
N LEU B 141 -31.05 -8.65 5.57
CA LEU B 141 -30.94 -7.54 6.53
C LEU B 141 -29.49 -7.11 6.75
N ALA B 142 -29.20 -5.80 6.59
CA ALA B 142 -27.82 -5.27 6.79
C ALA B 142 -27.77 -3.84 7.37
N ALA B 143 -26.71 -3.57 8.12
CA ALA B 143 -26.47 -2.25 8.64
C ALA B 143 -25.04 -1.90 8.22
N THR B 144 -24.87 -0.84 7.44
CA THR B 144 -23.51 -0.43 7.07
C THR B 144 -23.22 1.02 7.53
N ARG B 145 -21.99 1.48 7.34
CA ARG B 145 -21.60 2.79 7.80
C ARG B 145 -20.74 3.58 6.86
N SER B 146 -20.90 4.90 6.96
CA SER B 146 -20.09 5.89 6.25
C SER B 146 -19.99 7.11 7.14
N SER B 147 -19.16 8.04 6.75
CA SER B 147 -19.05 9.24 7.56
C SER B 147 -18.62 10.38 6.70
N GLU B 148 -19.20 11.55 6.99
CA GLU B 148 -18.85 12.74 6.24
C GLU B 148 -17.61 13.31 6.85
N ALA B 149 -16.81 14.01 6.03
CA ALA B 149 -15.55 14.62 6.52
C ALA B 149 -15.71 15.61 7.69
N GLY B 150 -16.75 16.44 7.68
CA GLY B 150 -16.99 17.34 8.79
C GLY B 150 -18.49 17.32 9.00
N GLY B 151 -19.08 18.46 9.42
CA GLY B 151 -20.51 18.55 9.60
C GLY B 151 -21.05 18.61 11.00
N SER B 152 -20.24 18.36 12.00
CA SER B 152 -20.73 18.39 13.37
C SER B 152 -20.03 19.45 14.20
N SER B 153 -20.77 20.06 15.15
CA SER B 153 -20.21 21.07 16.02
C SER B 153 -20.22 20.56 17.42
N SER B 154 -19.09 20.71 18.09
CA SER B 154 -18.86 20.29 19.48
C SER B 154 -19.77 21.07 20.40
N PHE B 155 -20.20 22.24 19.92
CA PHE B 155 -21.07 23.18 20.66
C PHE B 155 -21.98 23.88 19.68
N ALA B 156 -22.91 24.67 20.18
CA ALA B 156 -23.79 25.39 19.27
C ALA B 156 -23.12 26.67 18.73
N SER B 157 -23.08 26.77 17.40
CA SER B 157 -22.53 27.90 16.69
C SER B 157 -23.58 28.24 15.64
N ASN B 158 -23.46 29.44 15.08
CA ASN B 158 -24.36 29.93 14.03
C ASN B 158 -23.46 30.00 12.82
N ASN B 159 -22.16 29.84 13.07
CA ASN B 159 -21.13 29.89 12.04
C ASN B 159 -20.85 28.52 11.44
N ILE B 160 -21.13 28.37 10.15
CA ILE B 160 -20.89 27.09 9.52
C ILE B 160 -19.45 26.62 9.65
N TYR B 161 -18.49 27.55 9.70
CA TYR B 161 -17.10 27.14 9.82
C TYR B 161 -16.80 26.39 11.13
N ASP B 162 -17.80 26.24 11.99
CA ASP B 162 -17.62 25.55 13.27
C ASP B 162 -17.94 24.07 13.24
N TYR B 163 -18.67 23.70 12.20
CA TYR B 163 -19.13 22.37 11.94
C TYR B 163 -18.08 21.59 11.17
N THR B 164 -16.99 21.26 11.85
CA THR B 164 -15.90 20.58 11.20
C THR B 164 -15.65 19.17 11.65
N ASN B 165 -16.44 18.74 12.63
CA ASN B 165 -16.32 17.38 13.12
C ASN B 165 -16.96 16.39 12.18
N GLU B 166 -16.23 15.30 11.93
CA GLU B 166 -16.64 14.18 11.05
C GLU B 166 -17.95 13.64 11.56
N THR B 167 -18.88 13.35 10.66
CA THR B 167 -20.16 12.84 11.11
C THR B 167 -20.54 11.48 10.49
N ALA B 168 -20.67 10.50 11.37
CA ALA B 168 -21.03 9.14 11.04
C ALA B 168 -22.43 9.10 10.53
N ASN B 169 -22.67 8.28 9.51
CA ASN B 169 -24.02 8.09 8.98
C ASN B 169 -24.26 6.57 8.99
N ASP B 170 -25.43 6.10 9.43
CA ASP B 170 -25.79 4.69 9.47
C ASP B 170 -26.83 4.38 8.40
N VAL B 171 -26.74 3.22 7.75
CA VAL B 171 -27.78 2.80 6.80
C VAL B 171 -28.33 1.47 7.31
N PHE B 172 -29.65 1.32 7.28
CA PHE B 172 -30.32 0.10 7.69
C PHE B 172 -31.04 -0.30 6.47
N ASP B 173 -30.63 -1.45 5.95
CA ASP B 173 -31.10 -1.99 4.70
C ASP B 173 -31.91 -3.28 4.82
N VAL B 174 -32.98 -3.38 4.05
CA VAL B 174 -33.81 -4.57 4.03
C VAL B 174 -34.15 -4.81 2.59
N ARG B 175 -33.91 -6.03 2.12
CA ARG B 175 -34.20 -6.39 0.74
C ARG B 175 -34.95 -7.70 0.75
N LEU B 176 -35.80 -7.86 -0.26
CA LEU B 176 -36.62 -9.06 -0.46
C LEU B 176 -36.49 -9.35 -1.95
N ALA B 177 -35.75 -10.40 -2.29
CA ALA B 177 -35.53 -10.67 -3.69
C ALA B 177 -36.03 -11.99 -4.19
N GLN B 178 -35.67 -12.24 -5.45
CA GLN B 178 -35.98 -13.46 -6.17
C GLN B 178 -37.48 -13.87 -6.14
N MET B 179 -38.37 -12.89 -6.17
CA MET B 179 -39.79 -13.18 -6.21
C MET B 179 -40.10 -13.23 -7.70
N GLU B 180 -40.72 -14.32 -8.17
CA GLU B 180 -41.07 -14.44 -9.59
C GLU B 180 -42.42 -13.73 -9.86
N ILE B 181 -42.40 -12.41 -10.07
CA ILE B 181 -43.62 -11.69 -10.36
C ILE B 181 -44.12 -12.38 -11.66
N ASN B 182 -43.22 -12.91 -12.48
CA ASN B 182 -43.67 -13.53 -13.72
C ASN B 182 -42.71 -14.55 -14.35
N PRO B 183 -43.08 -15.09 -15.52
CA PRO B 183 -42.19 -16.06 -16.13
C PRO B 183 -40.99 -15.43 -16.76
N GLY B 184 -39.82 -15.83 -16.26
CA GLY B 184 -38.55 -15.28 -16.76
C GLY B 184 -38.25 -13.95 -16.09
N GLY B 185 -39.05 -13.64 -15.07
CA GLY B 185 -38.89 -12.39 -14.41
C GLY B 185 -38.97 -12.42 -12.91
N THR B 186 -37.99 -11.78 -12.30
CA THR B 186 -37.96 -11.68 -10.86
C THR B 186 -38.09 -10.24 -10.43
N LEU B 187 -38.47 -10.06 -9.18
CA LEU B 187 -38.63 -8.75 -8.62
C LEU B 187 -37.87 -8.62 -7.33
N GLU B 188 -37.07 -7.56 -7.22
CA GLU B 188 -36.40 -7.29 -5.96
C GLU B 188 -36.95 -5.97 -5.42
N LEU B 189 -37.12 -5.90 -4.12
CA LEU B 189 -37.63 -4.73 -3.45
C LEU B 189 -36.70 -4.33 -2.28
N GLY B 190 -36.25 -3.08 -2.22
CA GLY B 190 -35.41 -2.70 -1.10
C GLY B 190 -35.80 -1.42 -0.41
N VAL B 191 -35.47 -1.29 0.86
CA VAL B 191 -35.77 -0.07 1.60
C VAL B 191 -34.53 0.27 2.38
N ASP B 192 -34.03 1.48 2.16
CA ASP B 192 -32.85 1.96 2.88
C ASP B 192 -33.21 3.15 3.76
N TYR B 193 -32.85 3.09 5.02
CA TYR B 193 -33.10 4.21 5.87
C TYR B 193 -31.76 4.69 6.43
N GLY B 194 -31.31 5.87 6.00
CA GLY B 194 -30.03 6.38 6.48
C GLY B 194 -30.14 7.57 7.41
N ARG B 195 -29.20 7.73 8.33
CA ARG B 195 -29.30 8.85 9.23
C ARG B 195 -27.95 9.26 9.80
N ALA B 196 -27.74 10.57 10.03
CA ALA B 196 -26.49 11.09 10.63
C ALA B 196 -26.57 10.70 12.09
N ASN B 197 -25.50 10.20 12.68
CA ASN B 197 -25.52 9.69 14.04
C ASN B 197 -24.55 10.50 14.87
N LEU B 198 -25.05 11.55 15.52
CA LEU B 198 -24.22 12.48 16.29
C LEU B 198 -23.67 12.04 17.62
N ARG B 199 -22.43 12.43 17.93
CA ARG B 199 -21.85 12.10 19.21
C ARG B 199 -22.65 12.83 20.24
N ASP B 200 -22.56 12.35 21.47
CA ASP B 200 -23.28 12.98 22.55
C ASP B 200 -22.85 14.44 22.58
N ASN B 201 -23.86 15.31 22.53
CA ASN B 201 -23.68 16.77 22.55
C ASN B 201 -23.29 17.50 21.22
N TYR B 202 -23.08 16.80 20.10
CA TYR B 202 -22.75 17.51 18.87
C TYR B 202 -24.00 17.98 18.18
N ARG B 203 -23.85 18.88 17.23
CA ARG B 203 -25.02 19.43 16.55
C ARG B 203 -24.76 19.57 15.09
N LEU B 204 -25.81 19.55 14.30
CA LEU B 204 -25.67 19.73 12.87
C LEU B 204 -26.13 21.16 12.59
N VAL B 205 -25.68 21.69 11.47
CA VAL B 205 -26.05 23.02 11.01
C VAL B 205 -27.59 23.10 11.13
N ASP B 206 -28.13 24.31 11.33
CA ASP B 206 -29.59 24.47 11.46
C ASP B 206 -30.14 24.17 10.08
N GLY B 207 -31.17 23.35 10.01
CA GLY B 207 -31.72 23.01 8.71
C GLY B 207 -31.11 21.82 7.95
N ALA B 208 -30.06 21.19 8.51
CA ALA B 208 -29.42 20.03 7.90
C ALA B 208 -30.47 18.94 7.81
N SER B 209 -30.47 18.19 6.69
CA SER B 209 -31.42 17.10 6.39
C SER B 209 -31.44 15.95 7.41
N LYS B 210 -30.28 15.61 7.99
CA LYS B 210 -30.18 14.56 9.00
C LYS B 210 -30.39 13.10 8.55
N ASP B 211 -31.53 12.81 7.93
CA ASP B 211 -31.82 11.46 7.49
C ASP B 211 -32.56 11.42 6.17
N GLY B 212 -32.97 10.24 5.74
CA GLY B 212 -33.66 10.11 4.48
C GLY B 212 -33.95 8.66 4.15
N TRP B 213 -34.52 8.42 2.97
CA TRP B 213 -34.90 7.08 2.54
C TRP B 213 -34.53 6.84 1.13
N LEU B 214 -34.26 5.57 0.80
CA LEU B 214 -34.05 5.16 -0.60
C LEU B 214 -34.96 3.94 -0.75
N PHE B 215 -35.74 3.95 -1.82
CA PHE B 215 -36.67 2.86 -2.11
C PHE B 215 -36.29 2.38 -3.47
N THR B 216 -36.09 1.06 -3.56
CA THR B 216 -35.70 0.45 -4.84
C THR B 216 -36.62 -0.70 -5.26
N ALA B 217 -36.84 -0.82 -6.55
CA ALA B 217 -37.62 -1.89 -7.12
C ALA B 217 -36.89 -2.23 -8.40
N GLU B 218 -36.41 -3.46 -8.49
CA GLU B 218 -35.70 -3.90 -9.67
C GLU B 218 -36.35 -5.13 -10.23
N HIS B 219 -36.67 -5.11 -11.52
CA HIS B 219 -37.25 -6.26 -12.18
C HIS B 219 -36.30 -6.80 -13.22
N THR B 220 -35.94 -8.08 -13.10
CA THR B 220 -35.04 -8.71 -14.07
C THR B 220 -35.79 -9.66 -14.95
N GLN B 221 -35.61 -9.52 -16.24
CA GLN B 221 -36.29 -10.36 -17.19
C GLN B 221 -35.29 -11.03 -18.08
N SER B 222 -35.33 -12.35 -18.04
CA SER B 222 -34.45 -13.17 -18.85
C SER B 222 -34.92 -12.99 -20.27
N VAL B 223 -34.05 -12.58 -21.18
CA VAL B 223 -34.44 -12.33 -22.57
C VAL B 223 -33.30 -12.49 -23.56
N LEU B 224 -33.62 -12.91 -24.78
CA LEU B 224 -32.63 -13.07 -25.83
C LEU B 224 -31.32 -13.61 -25.35
N LYS B 225 -31.41 -14.65 -24.53
CA LYS B 225 -30.23 -15.29 -24.00
C LYS B 225 -29.46 -14.33 -23.09
N GLY B 226 -30.14 -13.27 -22.66
CA GLY B 226 -29.50 -12.30 -21.80
C GLY B 226 -30.50 -11.86 -20.77
N PHE B 227 -30.42 -10.59 -20.38
CA PHE B 227 -31.37 -10.08 -19.41
C PHE B 227 -31.63 -8.63 -19.71
N ASN B 228 -32.62 -8.12 -19.00
CA ASN B 228 -33.02 -6.74 -19.07
C ASN B 228 -33.45 -6.41 -17.67
N LYS B 229 -32.90 -5.34 -17.10
CA LYS B 229 -33.31 -4.91 -15.74
C LYS B 229 -34.01 -3.59 -15.88
N PHE B 230 -35.10 -3.43 -15.17
CA PHE B 230 -35.81 -2.20 -15.23
C PHE B 230 -35.86 -1.76 -13.79
N VAL B 231 -35.36 -0.54 -13.54
CA VAL B 231 -35.26 -0.05 -12.17
C VAL B 231 -35.97 1.25 -11.92
N VAL B 232 -36.49 1.37 -10.72
CA VAL B 232 -37.11 2.60 -10.34
C VAL B 232 -36.69 2.89 -8.91
N GLN B 233 -36.09 4.06 -8.68
CA GLN B 233 -35.68 4.42 -7.31
C GLN B 233 -36.16 5.80 -6.90
N TYR B 234 -36.38 5.96 -5.62
CA TYR B 234 -36.82 7.22 -5.10
C TYR B 234 -36.17 7.47 -3.76
N ALA B 235 -35.44 8.57 -3.69
CA ALA B 235 -34.75 8.96 -2.47
C ALA B 235 -35.25 10.30 -1.93
N THR B 236 -34.98 10.44 -0.67
CA THR B 236 -35.41 11.54 0.11
C THR B 236 -34.28 12.18 0.92
N ASP B 237 -34.11 13.49 0.80
CA ASP B 237 -33.13 14.19 1.62
C ASP B 237 -31.72 13.69 1.74
N SER B 238 -31.30 13.23 2.91
CA SER B 238 -29.91 12.80 3.05
C SER B 238 -29.35 11.73 2.13
N MET B 239 -30.24 11.04 1.41
CA MET B 239 -29.85 9.97 0.52
C MET B 239 -29.77 10.44 -0.91
N THR B 240 -30.08 11.70 -1.16
CA THR B 240 -30.10 12.19 -2.52
C THR B 240 -28.77 12.61 -3.06
N SER B 241 -27.84 12.98 -2.19
CA SER B 241 -26.54 13.45 -2.69
C SER B 241 -25.69 12.34 -3.22
N GLN B 242 -25.49 11.29 -2.42
CA GLN B 242 -24.74 10.12 -2.89
C GLN B 242 -25.62 9.32 -3.88
N GLY B 243 -26.90 9.14 -3.54
CA GLY B 243 -27.83 8.49 -4.44
C GLY B 243 -27.66 7.03 -4.78
N LYS B 244 -27.05 6.27 -3.86
CA LYS B 244 -26.82 4.86 -4.08
C LYS B 244 -27.15 4.09 -2.84
N GLY B 245 -27.53 4.76 -1.76
CA GLY B 245 -27.86 4.03 -0.56
C GLY B 245 -27.12 4.53 0.65
N LEU B 246 -26.14 5.41 0.45
CA LEU B 246 -25.40 5.96 1.59
C LEU B 246 -25.93 7.37 1.96
N SER B 247 -25.94 7.67 3.25
CA SER B 247 -26.45 8.93 3.76
C SER B 247 -25.43 10.04 4.02
N GLN B 248 -25.81 11.27 3.69
CA GLN B 248 -24.98 12.47 3.95
C GLN B 248 -25.88 13.53 4.60
N GLY B 249 -26.19 13.28 5.87
CA GLY B 249 -27.11 14.14 6.58
C GLY B 249 -26.66 15.45 7.17
N SER B 250 -25.36 15.75 7.18
CA SER B 250 -24.88 17.00 7.74
C SER B 250 -25.07 18.17 6.75
N GLY B 251 -25.02 17.87 5.46
CA GLY B 251 -25.17 18.92 4.47
C GLY B 251 -24.02 19.93 4.41
N VAL B 252 -22.85 19.57 4.93
CA VAL B 252 -21.68 20.45 4.95
C VAL B 252 -20.52 19.88 4.13
N ALA B 253 -19.90 20.72 3.31
CA ALA B 253 -18.78 20.36 2.46
C ALA B 253 -17.61 21.30 2.74
N PHE B 254 -16.43 20.98 2.22
CA PHE B 254 -15.26 21.80 2.46
C PHE B 254 -14.52 22.15 1.19
N ASP B 255 -14.09 23.42 1.08
CA ASP B 255 -13.32 23.86 -0.09
C ASP B 255 -11.91 23.34 0.15
N ASN B 256 -11.05 23.44 -0.85
CA ASN B 256 -9.66 22.95 -0.69
C ASN B 256 -8.86 23.75 0.34
N GLU B 257 -9.37 24.92 0.74
CA GLU B 257 -8.71 25.76 1.73
C GLU B 257 -9.33 25.44 3.11
N LYS B 258 -9.97 24.26 3.22
CA LYS B 258 -10.61 23.78 4.44
C LYS B 258 -11.83 24.62 4.89
N PHE B 259 -12.49 25.33 3.97
CA PHE B 259 -13.66 26.12 4.36
C PHE B 259 -14.95 25.38 4.26
N ALA B 260 -15.69 25.36 5.34
CA ALA B 260 -16.97 24.69 5.33
C ALA B 260 -17.95 25.48 4.49
N TYR B 261 -18.84 24.79 3.82
CA TYR B 261 -19.90 25.41 3.06
C TYR B 261 -21.12 24.53 3.02
N ASN B 262 -22.27 25.16 2.91
CA ASN B 262 -23.53 24.46 2.94
C ASN B 262 -24.01 23.84 1.63
N ILE B 263 -23.95 22.50 1.55
CA ILE B 263 -24.39 21.78 0.36
C ILE B 263 -25.74 21.06 0.64
N ASN B 264 -26.59 21.63 1.50
CA ASN B 264 -27.90 21.02 1.88
C ASN B 264 -28.66 20.28 0.79
N ASN B 265 -29.03 19.05 1.13
CA ASN B 265 -29.67 18.13 0.23
C ASN B 265 -31.14 17.78 0.46
N ASN B 266 -31.87 18.59 1.25
CA ASN B 266 -33.29 18.32 1.43
C ASN B 266 -33.84 18.39 0.05
N GLY B 267 -34.70 17.42 -0.26
CA GLY B 267 -35.26 17.33 -1.61
C GLY B 267 -35.52 15.87 -1.90
N HIS B 268 -35.57 15.50 -3.16
CA HIS B 268 -35.79 14.11 -3.46
C HIS B 268 -35.15 13.79 -4.77
N MET B 269 -35.04 12.51 -5.04
CA MET B 269 -34.47 12.08 -6.32
C MET B 269 -35.34 10.99 -6.92
N LEU B 270 -35.55 11.06 -8.23
CA LEU B 270 -36.30 10.05 -8.90
C LEU B 270 -35.43 9.51 -10.00
N ARG B 271 -35.16 8.20 -9.93
CA ARG B 271 -34.32 7.52 -10.93
C ARG B 271 -35.15 6.38 -11.55
N ILE B 272 -35.16 6.39 -12.86
CA ILE B 272 -35.86 5.38 -13.63
C ILE B 272 -34.85 4.91 -14.65
N LEU B 273 -34.43 3.65 -14.50
CA LEU B 273 -33.38 3.03 -15.34
C LEU B 273 -33.82 1.75 -16.02
N ASP B 274 -33.20 1.49 -17.17
CA ASP B 274 -33.42 0.26 -17.87
C ASP B 274 -32.16 -0.05 -18.64
N HIS B 275 -31.56 -1.19 -18.30
CA HIS B 275 -30.34 -1.63 -18.94
C HIS B 275 -30.39 -3.14 -19.09
N GLY B 276 -29.51 -3.65 -19.92
CA GLY B 276 -29.44 -5.08 -20.09
C GLY B 276 -28.39 -5.41 -21.10
N ALA B 277 -28.32 -6.67 -21.44
CA ALA B 277 -27.40 -7.21 -22.43
C ALA B 277 -28.18 -8.39 -23.08
N ILE B 278 -28.23 -8.38 -24.40
CA ILE B 278 -28.96 -9.40 -25.16
C ILE B 278 -28.12 -9.93 -26.30
N SER B 279 -28.23 -11.22 -26.58
CA SER B 279 -27.48 -11.75 -27.71
C SER B 279 -28.58 -11.86 -28.79
N MET B 280 -28.19 -11.57 -30.02
CA MET B 280 -29.13 -11.62 -31.14
C MET B 280 -28.45 -12.44 -32.24
N GLY B 281 -28.79 -13.73 -32.31
CA GLY B 281 -28.16 -14.55 -33.31
C GLY B 281 -26.87 -15.11 -32.73
N ASP B 282 -25.93 -15.43 -33.61
CA ASP B 282 -24.66 -15.99 -33.14
C ASP B 282 -23.55 -14.98 -33.25
N ASN B 283 -23.69 -14.05 -34.20
CA ASN B 283 -22.67 -13.03 -34.45
C ASN B 283 -22.84 -11.65 -33.76
N TRP B 284 -23.89 -11.50 -32.96
CA TRP B 284 -24.12 -10.22 -32.30
C TRP B 284 -24.49 -10.23 -30.86
N ASP B 285 -23.82 -9.33 -30.14
CA ASP B 285 -24.07 -9.10 -28.73
C ASP B 285 -24.23 -7.59 -28.56
N MET B 286 -25.04 -7.20 -27.60
CA MET B 286 -25.21 -5.79 -27.35
C MET B 286 -25.65 -5.40 -25.96
N MET B 287 -24.94 -4.45 -25.33
CA MET B 287 -25.47 -3.97 -24.05
C MET B 287 -26.08 -2.58 -24.30
N TYR B 288 -27.05 -2.21 -23.46
CA TYR B 288 -27.70 -0.93 -23.63
C TYR B 288 -28.16 -0.28 -22.31
N VAL B 289 -28.20 1.06 -22.31
CA VAL B 289 -28.69 1.81 -21.13
C VAL B 289 -29.56 2.93 -21.58
N GLY B 290 -30.51 3.24 -20.71
CA GLY B 290 -31.38 4.36 -20.92
C GLY B 290 -31.71 4.79 -19.50
N MET B 291 -31.46 6.04 -19.12
CA MET B 291 -31.78 6.47 -17.75
C MET B 291 -32.23 7.92 -17.65
N TYR B 292 -33.10 8.18 -16.69
CA TYR B 292 -33.53 9.51 -16.45
C TYR B 292 -33.40 9.74 -14.96
N GLN B 293 -32.55 10.69 -14.57
CA GLN B 293 -32.36 10.96 -13.13
C GLN B 293 -32.65 12.45 -12.81
N ASP B 294 -33.57 12.68 -11.86
CA ASP B 294 -33.96 14.01 -11.44
C ASP B 294 -33.66 14.29 -9.98
N ILE B 295 -32.64 15.10 -9.70
CA ILE B 295 -32.33 15.46 -8.33
C ILE B 295 -32.87 16.87 -8.17
N ASN B 296 -33.96 16.95 -7.41
CA ASN B 296 -34.66 18.19 -7.15
C ASN B 296 -34.41 18.66 -5.74
N TRP B 297 -33.58 19.69 -5.60
CA TRP B 297 -33.30 20.16 -4.25
C TRP B 297 -34.02 21.42 -3.83
N ASP B 298 -34.30 21.48 -2.55
CA ASP B 298 -34.94 22.64 -1.97
C ASP B 298 -34.11 23.88 -2.27
N ASN B 299 -32.80 23.73 -2.24
CA ASN B 299 -31.88 24.80 -2.49
C ASN B 299 -31.73 25.14 -3.96
N ASP B 300 -32.49 24.46 -4.81
CA ASP B 300 -32.43 24.76 -6.23
C ASP B 300 -31.19 24.40 -7.01
N ASN B 301 -30.27 23.64 -6.43
CA ASN B 301 -29.08 23.36 -7.18
C ASN B 301 -28.99 21.94 -7.77
N GLY B 302 -30.11 21.21 -7.83
CA GLY B 302 -30.12 19.87 -8.40
C GLY B 302 -29.83 19.80 -9.90
N THR B 303 -30.18 18.69 -10.54
CA THR B 303 -29.94 18.43 -11.97
C THR B 303 -30.96 17.43 -12.50
N LYS B 304 -31.22 17.46 -13.80
CA LYS B 304 -32.17 16.52 -14.42
C LYS B 304 -31.32 15.93 -15.54
N TRP B 305 -30.92 14.68 -15.34
CA TRP B 305 -30.03 13.98 -16.25
C TRP B 305 -30.72 12.87 -17.06
N TRP B 306 -30.41 12.81 -18.35
CA TRP B 306 -30.89 11.80 -19.30
C TRP B 306 -29.72 11.13 -19.99
N THR B 307 -29.63 9.79 -19.99
CA THR B 307 -28.56 9.07 -20.76
C THR B 307 -29.11 7.94 -21.60
N VAL B 308 -28.39 7.65 -22.68
CA VAL B 308 -28.71 6.52 -23.54
C VAL B 308 -27.50 6.18 -24.31
N GLY B 309 -27.26 4.89 -24.42
CA GLY B 309 -26.13 4.42 -25.20
C GLY B 309 -26.33 2.97 -25.48
N ILE B 310 -25.60 2.47 -26.45
CA ILE B 310 -25.68 1.07 -26.80
C ILE B 310 -24.29 0.64 -27.13
N ARG B 311 -24.03 -0.64 -26.92
CA ARG B 311 -22.71 -1.16 -27.21
C ARG B 311 -22.83 -2.49 -27.96
N PRO B 312 -22.97 -2.41 -29.27
CA PRO B 312 -23.07 -3.62 -30.08
C PRO B 312 -21.69 -4.26 -30.27
N MET B 313 -21.65 -5.60 -30.26
CA MET B 313 -20.41 -6.36 -30.44
C MET B 313 -20.67 -7.32 -31.58
N TYR B 314 -19.77 -7.33 -32.53
CA TYR B 314 -19.88 -8.22 -33.65
C TYR B 314 -18.71 -9.18 -33.66
N LYS B 315 -18.99 -10.47 -33.49
CA LYS B 315 -17.93 -11.49 -33.42
C LYS B 315 -17.46 -12.09 -34.73
N TRP B 316 -16.25 -11.76 -35.12
CA TRP B 316 -15.68 -12.30 -36.34
C TRP B 316 -15.26 -13.72 -36.13
N THR B 317 -14.84 -13.98 -34.91
CA THR B 317 -14.27 -15.23 -34.51
C THR B 317 -14.70 -15.43 -33.08
N PRO B 318 -14.45 -16.62 -32.54
CA PRO B 318 -14.91 -16.71 -31.16
C PRO B 318 -14.03 -15.92 -30.18
N ILE B 319 -12.89 -15.44 -30.64
CA ILE B 319 -12.06 -14.66 -29.78
C ILE B 319 -11.70 -13.26 -30.32
N MET B 320 -12.24 -12.86 -31.46
CA MET B 320 -11.95 -11.54 -32.00
C MET B 320 -13.21 -10.85 -32.43
N SER B 321 -13.36 -9.58 -32.05
CA SER B 321 -14.55 -8.83 -32.39
C SER B 321 -14.29 -7.39 -32.63
N THR B 322 -15.36 -6.72 -33.02
CA THR B 322 -15.31 -5.31 -33.23
C THR B 322 -16.40 -4.80 -32.31
N VAL B 323 -16.02 -3.99 -31.33
CA VAL B 323 -17.03 -3.44 -30.41
C VAL B 323 -17.27 -1.96 -30.72
N MET B 324 -18.50 -1.52 -30.53
CA MET B 324 -18.74 -0.12 -30.75
C MET B 324 -19.62 0.44 -29.65
N GLU B 325 -19.30 1.66 -29.22
CA GLU B 325 -20.11 2.28 -28.19
C GLU B 325 -20.54 3.70 -28.57
N ILE B 326 -21.80 3.97 -28.37
CA ILE B 326 -22.33 5.27 -28.68
C ILE B 326 -23.12 5.70 -27.49
N GLY B 327 -22.70 6.81 -26.90
CA GLY B 327 -23.39 7.31 -25.72
C GLY B 327 -23.77 8.76 -25.80
N TYR B 328 -24.88 9.08 -25.16
CA TYR B 328 -25.36 10.43 -25.17
C TYR B 328 -25.78 10.93 -23.82
N ASP B 329 -25.27 12.10 -23.46
CA ASP B 329 -25.66 12.69 -22.18
C ASP B 329 -26.29 14.06 -22.36
N ASN B 330 -27.25 14.36 -21.50
CA ASN B 330 -27.88 15.67 -21.49
C ASN B 330 -28.27 16.03 -20.05
N VAL B 331 -27.63 17.06 -19.49
CA VAL B 331 -27.92 17.48 -18.11
C VAL B 331 -28.38 18.93 -18.05
N GLU B 332 -29.50 19.13 -17.38
CA GLU B 332 -30.06 20.45 -17.23
C GLU B 332 -29.89 20.96 -15.80
N SER B 333 -29.42 22.21 -15.63
CA SER B 333 -29.26 22.79 -14.30
C SER B 333 -30.59 23.13 -13.62
N GLN B 334 -30.83 22.62 -12.42
CA GLN B 334 -32.10 22.97 -11.74
C GLN B 334 -32.07 24.50 -11.49
N ARG B 335 -30.89 25.01 -11.10
CA ARG B 335 -30.71 26.40 -10.79
C ARG B 335 -30.85 27.33 -11.98
N THR B 336 -30.20 27.04 -13.10
CA THR B 336 -30.27 27.94 -14.22
C THR B 336 -31.09 27.53 -15.44
N GLY B 337 -31.56 26.28 -15.49
CA GLY B 337 -32.30 25.84 -16.64
C GLY B 337 -31.45 25.62 -17.88
N ASP B 338 -30.15 25.90 -17.83
CA ASP B 338 -29.29 25.64 -18.99
C ASP B 338 -29.06 24.13 -19.18
N LYS B 339 -28.46 23.81 -20.32
CA LYS B 339 -28.19 22.42 -20.65
C LYS B 339 -26.84 22.09 -21.20
N ASN B 340 -26.27 21.03 -20.63
CA ASN B 340 -24.98 20.50 -21.05
C ASN B 340 -25.30 19.19 -21.75
N ASN B 341 -24.68 18.93 -22.88
CA ASN B 341 -24.94 17.66 -23.51
C ASN B 341 -23.74 17.16 -24.25
N GLN B 342 -23.69 15.85 -24.47
CA GLN B 342 -22.55 15.24 -25.16
C GLN B 342 -22.90 13.93 -25.77
N TYR B 343 -22.20 13.61 -26.84
CA TYR B 343 -22.32 12.33 -27.48
C TYR B 343 -20.92 11.79 -27.77
N LYS B 344 -20.72 10.53 -27.42
CA LYS B 344 -19.44 9.85 -27.60
C LYS B 344 -19.65 8.66 -28.54
N ILE B 345 -18.69 8.40 -29.40
CA ILE B 345 -18.76 7.27 -30.30
C ILE B 345 -17.39 6.62 -30.25
N THR B 346 -17.31 5.34 -29.88
CA THR B 346 -16.02 4.64 -29.85
C THR B 346 -16.09 3.41 -30.75
N LEU B 347 -14.99 3.10 -31.42
CA LEU B 347 -14.89 1.95 -32.29
C LEU B 347 -13.67 1.17 -31.82
N ALA B 348 -13.83 -0.10 -31.46
CA ALA B 348 -12.71 -0.91 -30.98
C ALA B 348 -12.62 -2.28 -31.65
N GLN B 349 -11.40 -2.75 -31.76
CA GLN B 349 -11.13 -4.06 -32.28
C GLN B 349 -10.65 -4.83 -31.06
N GLN B 350 -11.33 -5.88 -30.64
CA GLN B 350 -10.83 -6.60 -29.48
C GLN B 350 -10.62 -8.10 -29.58
N TRP B 351 -9.90 -8.64 -28.60
CA TRP B 351 -9.59 -10.04 -28.45
C TRP B 351 -10.02 -10.37 -27.03
N GLN B 352 -10.98 -11.26 -26.84
CA GLN B 352 -11.38 -11.57 -25.49
C GLN B 352 -11.37 -13.08 -25.21
N ALA B 353 -11.28 -13.45 -23.94
CA ALA B 353 -11.24 -14.85 -23.57
C ALA B 353 -12.65 -15.37 -23.54
N GLY B 354 -13.30 -15.44 -24.69
CA GLY B 354 -14.67 -15.90 -24.69
C GLY B 354 -15.40 -15.32 -25.86
N ASP B 355 -16.66 -15.72 -26.05
CA ASP B 355 -17.45 -15.27 -27.20
C ASP B 355 -18.53 -14.29 -26.71
N SER B 356 -18.52 -13.96 -25.43
CA SER B 356 -19.52 -13.03 -24.92
C SER B 356 -19.06 -11.57 -24.83
N ILE B 357 -20.02 -10.67 -24.76
CA ILE B 357 -19.72 -9.24 -24.56
C ILE B 357 -19.32 -9.10 -23.05
N TRP B 358 -19.55 -10.14 -22.24
CA TRP B 358 -19.17 -10.17 -20.83
C TRP B 358 -17.85 -10.94 -20.59
N SER B 359 -17.24 -11.44 -21.66
CA SER B 359 -16.02 -12.21 -21.51
C SER B 359 -14.82 -11.34 -21.22
N ARG B 360 -14.03 -11.71 -20.21
CA ARG B 360 -12.81 -10.98 -19.85
C ARG B 360 -11.72 -12.06 -19.59
N PRO B 361 -10.42 -11.79 -19.89
CA PRO B 361 -9.77 -10.55 -20.30
C PRO B 361 -10.12 -10.11 -21.69
N ALA B 362 -10.03 -8.81 -21.96
CA ALA B 362 -10.29 -8.27 -23.30
C ALA B 362 -9.11 -7.37 -23.54
N ILE B 363 -8.58 -7.38 -24.75
CA ILE B 363 -7.47 -6.52 -25.10
C ILE B 363 -8.04 -5.73 -26.27
N ARG B 364 -8.17 -4.41 -26.10
CA ARG B 364 -8.75 -3.52 -27.09
C ARG B 364 -7.77 -2.56 -27.74
N VAL B 365 -8.09 -2.18 -28.97
CA VAL B 365 -7.32 -1.22 -29.70
C VAL B 365 -8.48 -0.34 -30.18
N PHE B 366 -8.54 0.93 -29.75
CA PHE B 366 -9.71 1.78 -30.07
C PHE B 366 -9.41 3.19 -30.54
N ALA B 367 -10.49 3.86 -30.96
CA ALA B 367 -10.48 5.27 -31.35
C ALA B 367 -11.80 5.77 -30.79
N THR B 368 -11.74 6.89 -30.07
CA THR B 368 -12.95 7.52 -29.49
C THR B 368 -13.11 8.96 -30.01
N TYR B 369 -14.35 9.39 -30.19
CA TYR B 369 -14.63 10.75 -30.63
C TYR B 369 -15.74 11.33 -29.79
N ALA B 370 -15.50 12.49 -29.19
CA ALA B 370 -16.54 13.11 -28.39
C ALA B 370 -16.75 14.55 -28.83
N LYS B 371 -18.00 14.95 -28.89
CA LYS B 371 -18.31 16.31 -29.25
C LYS B 371 -19.29 16.80 -28.23
N TRP B 372 -18.96 17.90 -27.54
CA TRP B 372 -19.83 18.49 -26.50
C TRP B 372 -20.19 19.98 -26.67
N ASP B 373 -21.20 20.38 -25.91
CA ASP B 373 -21.67 21.75 -25.88
C ASP B 373 -22.24 21.94 -24.50
N GLU B 374 -21.45 22.53 -23.62
CA GLU B 374 -21.87 22.77 -22.25
C GLU B 374 -22.25 24.25 -22.07
N LYS B 375 -23.46 24.50 -21.58
CA LYS B 375 -23.92 25.87 -21.38
C LYS B 375 -23.99 26.35 -19.91
N TRP B 376 -23.38 25.57 -19.01
CA TRP B 376 -23.31 25.88 -17.59
C TRP B 376 -22.22 25.03 -16.93
N GLY B 377 -21.79 25.41 -15.73
CA GLY B 377 -20.77 24.68 -15.04
C GLY B 377 -20.88 25.03 -13.59
N TYR B 378 -20.08 24.45 -12.71
CA TYR B 378 -20.18 24.80 -11.32
C TYR B 378 -19.12 25.82 -10.99
N ASP B 379 -19.45 26.75 -10.11
CA ASP B 379 -18.50 27.77 -9.75
C ASP B 379 -17.62 27.30 -8.62
N TYR B 380 -16.39 27.00 -8.96
CA TYR B 380 -15.46 26.57 -7.95
C TYR B 380 -14.28 27.53 -7.91
N THR B 381 -14.51 28.74 -8.42
CA THR B 381 -13.48 29.74 -8.36
C THR B 381 -13.55 30.33 -6.97
N GLY B 382 -12.45 30.95 -6.56
CA GLY B 382 -12.46 31.55 -5.26
C GLY B 382 -12.33 30.56 -4.12
N ASN B 383 -13.03 30.91 -3.05
CA ASN B 383 -12.98 30.20 -1.79
C ASN B 383 -14.43 30.05 -1.36
N ALA B 384 -14.69 29.15 -0.43
CA ALA B 384 -16.04 29.04 0.10
C ALA B 384 -16.23 30.36 0.87
N ASP B 385 -15.09 30.96 1.27
CA ASP B 385 -15.05 32.26 1.97
C ASP B 385 -15.14 33.44 0.95
N ASN B 386 -14.26 33.45 -0.07
CA ASN B 386 -14.26 34.50 -1.13
C ASN B 386 -15.59 34.45 -1.89
N ASN B 387 -15.82 33.28 -2.47
CA ASN B 387 -16.99 33.04 -3.29
C ASN B 387 -18.21 32.67 -2.53
N ALA B 388 -19.33 33.24 -2.92
CA ALA B 388 -20.54 32.92 -2.23
C ALA B 388 -21.44 32.13 -3.17
N ASN B 389 -21.01 32.05 -4.42
CA ASN B 389 -21.72 31.25 -5.41
C ASN B 389 -20.93 29.96 -5.55
N PHE B 390 -20.02 29.73 -4.61
CA PHE B 390 -19.13 28.59 -4.62
C PHE B 390 -19.90 27.29 -4.61
N GLY B 391 -19.69 26.52 -5.67
CA GLY B 391 -20.35 25.24 -5.82
C GLY B 391 -21.72 25.28 -6.46
N LYS B 392 -22.14 26.44 -6.94
CA LYS B 392 -23.44 26.57 -7.55
C LYS B 392 -23.36 26.52 -9.02
N ALA B 393 -24.45 26.06 -9.64
CA ALA B 393 -24.54 26.00 -11.09
C ALA B 393 -24.56 27.47 -11.56
N VAL B 394 -23.86 27.77 -12.64
CA VAL B 394 -23.71 29.11 -13.14
C VAL B 394 -23.56 29.04 -14.67
N PRO B 395 -24.13 29.99 -15.41
CA PRO B 395 -23.95 29.90 -16.86
C PRO B 395 -22.52 29.91 -17.32
N ALA B 396 -22.33 29.35 -18.49
CA ALA B 396 -21.03 29.23 -19.06
C ALA B 396 -20.22 30.50 -19.02
N ASP B 397 -20.87 31.63 -19.27
CA ASP B 397 -20.17 32.93 -19.34
C ASP B 397 -20.35 33.80 -18.10
N PHE B 398 -20.99 33.26 -17.09
CA PHE B 398 -21.21 33.98 -15.88
C PHE B 398 -20.09 34.91 -15.49
N ASN B 399 -20.49 36.15 -15.26
CA ASN B 399 -19.61 37.25 -14.86
C ASN B 399 -18.31 37.32 -15.68
N GLY B 400 -18.44 37.17 -17.00
CA GLY B 400 -17.26 37.27 -17.84
C GLY B 400 -16.33 36.10 -17.83
N GLY B 401 -16.32 35.29 -16.76
CA GLY B 401 -15.45 34.12 -16.72
C GLY B 401 -16.03 33.00 -17.56
N SER B 402 -15.68 31.76 -17.26
CA SER B 402 -16.25 30.67 -18.03
C SER B 402 -16.32 29.37 -17.28
N PHE B 403 -17.48 28.76 -17.38
CA PHE B 403 -17.82 27.55 -16.69
C PHE B 403 -18.29 26.44 -17.64
N GLY B 404 -17.97 25.21 -17.27
CA GLY B 404 -18.34 24.11 -18.13
C GLY B 404 -17.23 23.86 -19.11
N ARG B 405 -17.42 22.88 -19.98
CA ARG B 405 -16.38 22.48 -20.92
C ARG B 405 -16.39 23.20 -22.23
N GLY B 406 -17.41 24.02 -22.45
CA GLY B 406 -17.46 24.72 -23.70
C GLY B 406 -18.25 24.01 -24.75
N ASP B 407 -17.79 24.19 -25.98
CA ASP B 407 -18.43 23.62 -27.12
C ASP B 407 -17.30 23.19 -28.03
N SER B 408 -16.84 21.94 -27.93
CA SER B 408 -15.74 21.49 -28.79
C SER B 408 -15.84 20.00 -29.12
N ASP B 409 -14.69 19.48 -29.47
CA ASP B 409 -14.46 18.13 -29.94
C ASP B 409 -13.17 17.61 -29.48
N GLU B 410 -12.98 16.33 -29.76
CA GLU B 410 -11.70 15.70 -29.51
C GLU B 410 -11.82 14.25 -29.84
N TRP B 411 -10.69 13.69 -30.23
CA TRP B 411 -10.65 12.28 -30.51
C TRP B 411 -9.43 11.73 -29.83
N THR B 412 -9.55 10.51 -29.35
CA THR B 412 -8.43 9.85 -28.70
C THR B 412 -8.33 8.49 -29.31
N PHE B 413 -7.27 7.79 -28.96
CA PHE B 413 -7.04 6.43 -29.42
C PHE B 413 -5.98 5.74 -28.59
N GLY B 414 -6.00 4.41 -28.58
CA GLY B 414 -5.01 3.66 -27.81
C GLY B 414 -5.34 2.20 -27.68
N ALA B 415 -4.70 1.54 -26.73
CA ALA B 415 -4.90 0.12 -26.48
C ALA B 415 -5.17 -0.03 -24.98
N GLN B 416 -5.96 -1.02 -24.60
CA GLN B 416 -6.24 -1.15 -23.18
C GLN B 416 -6.59 -2.61 -22.85
N MET B 417 -6.38 -3.06 -21.63
CA MET B 417 -6.85 -4.38 -21.26
C MET B 417 -7.85 -4.19 -20.12
N GLU B 418 -8.91 -5.00 -20.06
CA GLU B 418 -9.81 -4.98 -18.92
C GLU B 418 -10.01 -6.46 -18.49
N ILE B 419 -10.14 -6.74 -17.21
CA ILE B 419 -10.28 -8.12 -16.78
C ILE B 419 -10.87 -8.24 -15.42
N TRP B 420 -11.73 -9.22 -15.24
CA TRP B 420 -12.19 -9.55 -13.89
C TRP B 420 -11.97 -11.06 -13.84
N TRP B 421 -11.51 -11.56 -12.71
CA TRP B 421 -11.19 -12.96 -12.54
C TRP B 421 -11.54 -13.35 -11.14
N VAL C 1 1.78 -21.10 -2.79
CA VAL C 1 2.01 -19.95 -1.91
C VAL C 1 1.22 -20.18 -0.65
N ASP C 2 1.80 -19.92 0.51
CA ASP C 2 1.06 -20.07 1.75
C ASP C 2 0.46 -18.72 2.07
N PHE C 3 -0.83 -18.69 2.36
CA PHE C 3 -1.49 -17.46 2.67
C PHE C 3 -1.84 -17.47 4.15
N HIS C 4 -1.32 -16.53 4.93
CA HIS C 4 -1.65 -16.47 6.34
C HIS C 4 -1.87 -15.06 6.77
N GLY C 5 -2.29 -14.85 8.01
CA GLY C 5 -2.50 -13.49 8.48
C GLY C 5 -3.35 -13.34 9.72
N TYR C 6 -3.89 -12.14 9.92
CA TYR C 6 -4.74 -11.81 11.08
C TYR C 6 -5.60 -10.68 10.62
N ALA C 7 -6.83 -10.58 11.09
CA ALA C 7 -7.67 -9.50 10.67
C ALA C 7 -8.82 -9.40 11.62
N ARG C 8 -9.31 -8.18 11.90
CA ARG C 8 -10.49 -7.96 12.74
C ARG C 8 -11.16 -6.80 12.06
N SER C 9 -12.48 -6.78 12.02
CA SER C 9 -13.18 -5.70 11.38
C SER C 9 -14.63 -5.78 11.79
N GLY C 10 -15.28 -4.63 12.02
CA GLY C 10 -16.66 -4.64 12.47
C GLY C 10 -17.35 -3.29 12.34
N ILE C 11 -18.53 -3.15 12.97
CA ILE C 11 -19.33 -1.92 12.97
C ILE C 11 -19.81 -1.75 14.41
N GLY C 12 -19.85 -0.52 14.90
CA GLY C 12 -20.23 -0.33 16.29
C GLY C 12 -20.89 1.00 16.51
N TRP C 13 -21.55 1.09 17.66
CA TRP C 13 -22.30 2.28 18.11
C TRP C 13 -22.04 2.64 19.56
N THR C 14 -22.03 3.95 19.87
CA THR C 14 -21.84 4.37 21.26
C THR C 14 -23.18 4.65 21.87
N GLY C 15 -23.41 4.14 23.07
CA GLY C 15 -24.69 4.37 23.71
C GLY C 15 -25.18 5.83 23.63
N SER C 16 -24.35 6.77 24.09
CA SER C 16 -24.69 8.21 24.04
C SER C 16 -24.70 8.85 22.68
N GLY C 17 -24.22 8.16 21.64
CA GLY C 17 -24.26 8.72 20.30
C GLY C 17 -23.01 8.52 19.48
N GLY C 18 -23.17 8.37 18.17
CA GLY C 18 -22.04 8.22 17.27
C GLY C 18 -21.36 6.86 17.15
N GLU C 19 -20.27 6.83 16.39
CA GLU C 19 -19.52 5.61 16.16
C GLU C 19 -19.05 5.02 17.47
N GLN C 20 -18.72 3.74 17.46
CA GLN C 20 -18.25 3.08 18.66
C GLN C 20 -16.99 3.73 19.23
N GLN C 21 -16.89 3.85 20.55
CA GLN C 21 -15.69 4.39 21.18
C GLN C 21 -15.06 3.27 21.93
N CYS C 22 -13.77 3.37 22.17
CA CYS C 22 -13.09 2.30 22.88
C CYS C 22 -12.52 2.87 24.18
N PHE C 23 -12.29 2.03 25.20
CA PHE C 23 -11.88 2.49 26.49
C PHE C 23 -10.61 1.96 27.07
N GLN C 24 -9.62 2.79 27.24
CA GLN C 24 -8.37 2.38 27.84
C GLN C 24 -8.02 3.36 28.99
N THR C 25 -7.53 2.86 30.10
CA THR C 25 -7.15 3.68 31.22
C THR C 25 -5.88 4.53 30.96
N THR C 26 -5.91 5.84 31.28
CA THR C 26 -4.73 6.72 31.09
C THR C 26 -3.56 6.20 31.94
N GLY C 27 -2.44 5.92 31.31
CA GLY C 27 -1.33 5.35 32.04
C GLY C 27 -1.25 3.83 31.80
N ALA C 28 -2.36 3.19 31.41
CA ALA C 28 -2.33 1.74 31.14
C ALA C 28 -1.76 1.54 29.76
N GLN C 29 -0.92 0.52 29.60
CA GLN C 29 -0.38 0.21 28.29
C GLN C 29 -1.26 -0.71 27.43
N SER C 30 -2.51 -0.94 27.82
CA SER C 30 -3.41 -1.80 27.06
C SER C 30 -4.83 -1.65 27.54
N LYS C 31 -5.77 -2.29 26.85
CA LYS C 31 -7.20 -2.31 27.22
C LYS C 31 -7.67 -3.76 27.01
N TYR C 32 -8.79 -4.16 27.61
CA TYR C 32 -9.35 -5.50 27.44
C TYR C 32 -10.09 -5.39 26.11
N ARG C 33 -9.65 -6.17 25.12
CA ARG C 33 -10.22 -6.12 23.76
C ARG C 33 -11.63 -6.50 23.42
N LEU C 34 -12.21 -7.48 24.08
CA LEU C 34 -13.51 -7.91 23.59
C LEU C 34 -14.51 -6.79 23.49
N GLY C 35 -15.05 -6.54 22.30
CA GLY C 35 -16.04 -5.47 22.17
C GLY C 35 -15.45 -4.13 22.59
N ASN C 36 -14.16 -3.95 22.31
CA ASN C 36 -13.44 -2.76 22.68
C ASN C 36 -12.31 -2.50 21.65
N GLU C 37 -12.55 -2.81 20.36
CA GLU C 37 -11.58 -2.58 19.32
C GLU C 37 -12.22 -1.70 18.31
N CYS C 38 -11.56 -0.59 17.99
CA CYS C 38 -12.16 0.41 17.10
C CYS C 38 -11.52 0.62 15.76
N GLU C 39 -10.80 -0.35 15.23
CA GLU C 39 -10.24 -0.20 13.88
C GLU C 39 -10.32 -1.54 13.15
N THR C 40 -10.10 -1.51 11.83
CA THR C 40 -10.01 -2.71 11.02
C THR C 40 -8.49 -2.86 10.93
N TYR C 41 -7.94 -3.96 11.42
CA TYR C 41 -6.51 -4.18 11.35
C TYR C 41 -6.30 -5.48 10.62
N ALA C 42 -5.36 -5.59 9.71
CA ALA C 42 -5.17 -6.85 9.00
C ALA C 42 -3.75 -7.06 8.60
N GLU C 43 -3.19 -8.26 8.78
CA GLU C 43 -1.85 -8.59 8.30
C GLU C 43 -2.03 -9.66 7.23
N LEU C 44 -1.61 -9.42 5.99
CA LEU C 44 -1.71 -10.39 4.89
C LEU C 44 -0.32 -10.99 4.63
N LYS C 45 -0.12 -12.26 5.01
CA LYS C 45 1.15 -12.93 4.80
C LYS C 45 1.13 -13.89 3.62
N LEU C 46 2.11 -13.79 2.74
CA LEU C 46 2.25 -14.69 1.62
C LEU C 46 3.66 -15.25 1.74
N GLY C 47 3.81 -16.54 2.02
CA GLY C 47 5.15 -17.08 2.12
C GLY C 47 5.24 -18.33 1.27
N GLN C 48 6.40 -18.94 1.27
CA GLN C 48 6.59 -20.12 0.51
C GLN C 48 7.88 -20.84 0.76
N GLU C 49 7.82 -22.18 0.83
CA GLU C 49 9.03 -23.00 1.01
C GLU C 49 9.62 -23.02 -0.38
N VAL C 50 10.74 -22.36 -0.56
CA VAL C 50 11.26 -22.25 -1.90
C VAL C 50 12.26 -23.29 -2.35
N TRP C 51 12.77 -24.10 -1.44
CA TRP C 51 13.74 -25.10 -1.84
C TRP C 51 13.81 -26.08 -0.73
N LYS C 52 13.84 -27.35 -1.10
CA LYS C 52 13.95 -28.39 -0.11
C LYS C 52 14.71 -29.55 -0.67
N GLU C 53 15.61 -30.08 0.12
CA GLU C 53 16.39 -31.23 -0.28
C GLU C 53 16.60 -32.06 0.95
N GLY C 54 15.69 -33.01 1.10
CA GLY C 54 15.79 -33.87 2.23
C GLY C 54 15.33 -33.12 3.43
N ASP C 55 16.24 -32.98 4.38
CA ASP C 55 16.05 -32.33 5.69
C ASP C 55 16.11 -30.79 5.56
N LYS C 56 16.78 -30.34 4.51
CA LYS C 56 17.01 -28.94 4.31
C LYS C 56 16.03 -28.18 3.53
N SER C 57 15.66 -27.03 4.06
CA SER C 57 14.76 -26.16 3.31
C SER C 57 15.06 -24.66 3.53
N PHE C 58 14.51 -23.85 2.63
CA PHE C 58 14.59 -22.40 2.66
C PHE C 58 13.17 -21.99 2.58
N TYR C 59 12.73 -21.25 3.59
CA TYR C 59 11.38 -20.72 3.60
C TYR C 59 11.44 -19.19 3.45
N PHE C 60 10.54 -18.61 2.65
CA PHE C 60 10.49 -17.16 2.44
C PHE C 60 9.15 -16.68 2.96
N ASP C 61 9.16 -15.67 3.84
CA ASP C 61 7.91 -15.16 4.42
C ASP C 61 7.77 -13.62 4.35
N THR C 62 6.59 -13.10 4.08
CA THR C 62 6.41 -11.66 4.01
C THR C 62 5.21 -11.28 4.86
N ASN C 63 5.02 -10.00 5.10
CA ASN C 63 3.86 -9.55 5.90
C ASN C 63 3.59 -8.06 5.59
N VAL C 64 2.39 -7.74 5.13
CA VAL C 64 2.01 -6.39 4.80
C VAL C 64 0.81 -6.10 5.68
N ALA C 65 0.90 -5.08 6.57
CA ALA C 65 -0.19 -4.74 7.51
C ALA C 65 -0.99 -3.50 7.14
N TYR C 66 -2.28 -3.52 7.44
CA TYR C 66 -3.18 -2.40 7.15
C TYR C 66 -4.01 -2.04 8.36
N SER C 67 -4.20 -0.75 8.60
CA SER C 67 -4.99 -0.30 9.74
C SER C 67 -5.84 0.84 9.20
N VAL C 68 -7.15 0.70 9.19
CA VAL C 68 -8.00 1.74 8.68
C VAL C 68 -9.07 1.98 9.74
N ALA C 69 -9.75 3.12 9.67
CA ALA C 69 -10.73 3.51 10.71
C ALA C 69 -12.06 2.85 10.67
N GLN C 70 -12.36 2.26 9.51
CA GLN C 70 -13.59 1.57 9.27
C GLN C 70 -14.78 2.48 9.47
N GLN C 71 -14.78 3.58 8.73
CA GLN C 71 -15.91 4.50 8.76
C GLN C 71 -16.38 4.70 7.38
N ASN C 72 -15.64 4.17 6.41
CA ASN C 72 -16.08 4.26 5.03
C ASN C 72 -15.57 3.05 4.24
N ASP C 73 -16.06 2.90 3.02
CA ASP C 73 -15.63 1.83 2.15
C ASP C 73 -14.22 2.19 1.63
N TRP C 74 -14.09 3.25 0.83
CA TRP C 74 -12.78 3.59 0.30
C TRP C 74 -11.90 4.26 1.35
N GLU C 75 -10.95 3.57 1.93
CA GLU C 75 -10.13 4.19 2.94
C GLU C 75 -8.72 3.96 2.55
N ALA C 76 -8.10 4.97 1.93
CA ALA C 76 -6.71 4.95 1.49
C ALA C 76 -5.84 4.95 2.72
N THR C 77 -4.70 4.27 2.67
CA THR C 77 -3.86 4.15 3.83
C THR C 77 -2.43 3.85 3.44
N ASP C 78 -1.53 3.84 4.41
CA ASP C 78 -0.15 3.52 4.14
C ASP C 78 0.10 2.18 4.80
N PRO C 79 0.21 1.13 4.00
CA PRO C 79 0.45 -0.19 4.58
C PRO C 79 1.82 -0.19 5.19
N ALA C 80 2.05 -1.01 6.22
CA ALA C 80 3.39 -1.14 6.81
C ALA C 80 4.04 -2.45 6.26
N PHE C 81 5.21 -2.41 5.65
CA PHE C 81 5.82 -3.62 5.22
C PHE C 81 6.56 -4.16 6.44
N ARG C 82 5.93 -5.03 7.22
CA ARG C 82 6.56 -5.54 8.42
C ARG C 82 7.48 -6.73 8.37
N GLU C 83 7.34 -7.63 7.38
CA GLU C 83 8.23 -8.83 7.30
C GLU C 83 8.59 -9.17 5.91
N ALA C 84 9.85 -9.53 5.72
CA ALA C 84 10.43 -9.98 4.46
C ALA C 84 11.71 -10.68 4.91
N ASN C 85 11.64 -11.99 5.18
CA ASN C 85 12.83 -12.73 5.65
C ASN C 85 12.93 -14.13 5.04
N VAL C 86 14.13 -14.72 5.09
CA VAL C 86 14.39 -16.04 4.57
C VAL C 86 15.00 -16.86 5.68
N GLN C 87 14.36 -18.00 5.98
CA GLN C 87 14.81 -18.92 7.02
C GLN C 87 15.37 -20.18 6.39
N GLY C 88 16.61 -20.53 6.70
CA GLY C 88 17.21 -21.74 6.17
C GLY C 88 17.38 -22.79 7.27
N LYS C 89 16.56 -23.84 7.30
CA LYS C 89 16.71 -24.89 8.35
C LYS C 89 17.59 -26.07 7.98
N ASN C 90 18.37 -26.50 8.96
CA ASN C 90 19.30 -27.61 8.82
C ASN C 90 20.36 -27.40 7.82
N LEU C 91 20.70 -26.14 7.58
CA LEU C 91 21.73 -25.82 6.63
C LEU C 91 23.12 -26.04 7.30
N ILE C 92 23.20 -25.97 8.64
CA ILE C 92 24.49 -26.16 9.36
C ILE C 92 24.58 -27.57 10.07
N GLU C 93 25.38 -28.47 9.47
CA GLU C 93 25.60 -29.86 9.92
C GLU C 93 25.97 -30.00 11.41
N TRP C 94 26.97 -29.23 11.84
CA TRP C 94 27.40 -29.28 13.23
C TRP C 94 26.34 -28.82 14.24
N LEU C 95 25.31 -28.08 13.82
CA LEU C 95 24.27 -27.62 14.75
C LEU C 95 22.95 -28.03 14.11
N PRO C 96 22.63 -29.32 14.17
CA PRO C 96 21.40 -29.85 13.59
C PRO C 96 20.11 -29.32 14.16
N GLY C 97 19.15 -29.14 13.25
CA GLY C 97 17.84 -28.63 13.60
C GLY C 97 17.76 -27.11 13.74
N SER C 98 18.92 -26.46 13.70
CA SER C 98 18.94 -25.03 13.86
C SER C 98 18.67 -24.29 12.54
N THR C 99 18.09 -23.09 12.67
CA THR C 99 17.76 -22.22 11.53
C THR C 99 18.60 -20.92 11.51
N ILE C 100 19.05 -20.54 10.34
CA ILE C 100 19.73 -19.28 10.21
C ILE C 100 18.75 -18.42 9.43
N TRP C 101 18.44 -17.22 9.94
CA TRP C 101 17.52 -16.32 9.24
C TRP C 101 18.10 -14.90 9.13
N ALA C 102 17.59 -14.12 8.19
CA ALA C 102 17.99 -12.73 8.01
C ALA C 102 16.85 -12.03 7.31
N GLY C 103 16.57 -10.81 7.72
CA GLY C 103 15.51 -10.06 7.08
C GLY C 103 14.65 -9.49 8.17
N LYS C 104 13.56 -8.90 7.77
CA LYS C 104 12.64 -8.29 8.68
C LYS C 104 11.73 -9.44 9.15
N ARG C 105 11.56 -9.65 10.45
CA ARG C 105 10.77 -10.73 10.94
C ARG C 105 10.13 -10.53 12.31
N PHE C 106 8.91 -11.06 12.50
CA PHE C 106 8.25 -11.02 13.81
C PHE C 106 8.93 -12.18 14.55
N TYR C 107 9.93 -11.92 15.40
CA TYR C 107 10.69 -12.95 16.09
C TYR C 107 10.24 -13.35 17.46
N GLN C 108 9.80 -14.60 17.56
CA GLN C 108 9.36 -15.20 18.82
C GLN C 108 8.71 -14.22 19.75
N ARG C 109 7.62 -13.61 19.33
CA ARG C 109 6.97 -12.69 20.24
C ARG C 109 6.03 -13.33 21.23
N HIS C 110 6.06 -12.89 22.48
CA HIS C 110 5.18 -13.41 23.51
C HIS C 110 4.11 -12.37 23.79
N ASP C 111 2.83 -12.72 23.85
CA ASP C 111 1.79 -11.74 24.13
C ASP C 111 0.69 -12.33 24.98
N VAL C 112 -0.24 -11.49 25.46
CA VAL C 112 -1.36 -11.92 26.25
C VAL C 112 -2.49 -11.50 25.35
N HIS C 113 -3.20 -12.48 24.82
CA HIS C 113 -4.26 -12.18 23.89
C HIS C 113 -5.37 -11.28 24.33
N MET C 114 -6.02 -11.57 25.44
CA MET C 114 -7.18 -10.75 25.80
C MET C 114 -6.94 -9.24 26.01
N ILE C 115 -5.71 -8.85 26.31
CA ILE C 115 -5.40 -7.43 26.46
C ILE C 115 -4.54 -6.96 25.26
N ASP C 116 -4.25 -7.87 24.33
CA ASP C 116 -3.49 -7.59 23.13
C ASP C 116 -2.23 -6.90 23.55
N PHE C 117 -1.54 -7.47 24.54
CA PHE C 117 -0.34 -6.89 25.10
C PHE C 117 0.84 -7.75 24.78
N TYR C 118 1.86 -7.23 24.09
CA TYR C 118 3.06 -8.01 23.85
C TYR C 118 4.07 -7.68 24.90
N TYR C 119 4.55 -8.68 25.63
CA TYR C 119 5.52 -8.41 26.67
C TYR C 119 6.93 -8.79 26.32
N TRP C 120 7.15 -9.48 25.21
CA TRP C 120 8.52 -9.84 24.82
C TRP C 120 8.47 -9.82 23.30
N ASP C 121 8.87 -8.70 22.72
CA ASP C 121 8.78 -8.53 21.29
C ASP C 121 9.92 -7.67 20.79
N ILE C 122 10.95 -8.29 20.27
CA ILE C 122 12.08 -7.56 19.75
C ILE C 122 12.02 -7.57 18.22
N SER C 123 10.84 -7.75 17.61
CA SER C 123 10.79 -7.81 16.15
C SER C 123 11.31 -6.58 15.39
N GLY C 124 11.70 -6.79 14.12
CA GLY C 124 12.15 -5.72 13.25
C GLY C 124 13.21 -6.32 12.35
N PRO C 125 14.01 -5.51 11.62
CA PRO C 125 15.06 -6.01 10.73
C PRO C 125 15.99 -6.79 11.64
N GLY C 126 16.55 -7.91 11.19
CA GLY C 126 17.43 -8.66 12.08
C GLY C 126 18.09 -9.85 11.42
N ALA C 127 18.71 -10.67 12.24
CA ALA C 127 19.36 -11.88 11.78
C ALA C 127 19.66 -12.73 13.02
N GLY C 128 19.76 -14.05 12.85
CA GLY C 128 20.02 -14.93 13.99
C GLY C 128 20.25 -16.39 13.67
N LEU C 129 20.62 -17.16 14.68
CA LEU C 129 20.87 -18.59 14.60
C LEU C 129 19.89 -19.08 15.63
N GLU C 130 18.85 -19.73 15.16
CA GLU C 130 17.75 -20.18 15.99
C GLU C 130 17.67 -21.68 16.37
N ASN C 131 17.10 -22.00 17.52
CA ASN C 131 16.93 -23.39 18.00
C ASN C 131 18.11 -24.36 17.93
N ILE C 132 19.18 -23.99 18.61
CA ILE C 132 20.38 -24.79 18.68
C ILE C 132 20.11 -25.74 19.83
N ASP C 133 20.33 -27.03 19.59
CA ASP C 133 20.09 -28.03 20.64
C ASP C 133 21.22 -28.02 21.64
N VAL C 134 20.97 -27.56 22.87
CA VAL C 134 22.01 -27.49 23.89
C VAL C 134 21.84 -28.73 24.78
N GLY C 135 20.97 -29.65 24.36
CA GLY C 135 20.79 -30.82 25.17
C GLY C 135 19.68 -30.67 26.18
N PHE C 136 19.87 -29.84 27.19
CA PHE C 136 18.79 -29.68 28.16
C PHE C 136 17.72 -28.70 27.69
N GLY C 137 18.01 -27.98 26.60
CA GLY C 137 17.06 -27.03 26.04
C GLY C 137 17.56 -26.54 24.71
N LYS C 138 16.79 -25.60 24.13
CA LYS C 138 17.11 -24.98 22.85
C LYS C 138 17.60 -23.53 23.04
N LEU C 139 18.74 -23.23 22.44
CA LEU C 139 19.35 -21.93 22.55
C LEU C 139 19.13 -21.09 21.31
N SER C 140 18.66 -19.85 21.45
CA SER C 140 18.53 -19.01 20.27
C SER C 140 19.33 -17.69 20.39
N LEU C 141 19.96 -17.29 19.30
CA LEU C 141 20.73 -16.04 19.24
C LEU C 141 20.22 -15.11 18.12
N ALA C 142 19.93 -13.85 18.47
CA ALA C 142 19.42 -12.85 17.49
C ALA C 142 19.89 -11.40 17.74
N ALA C 143 20.03 -10.65 16.65
CA ALA C 143 20.36 -9.25 16.75
C ALA C 143 19.29 -8.53 15.91
N THR C 144 18.52 -7.64 16.53
CA THR C 144 17.53 -6.88 15.75
C THR C 144 17.77 -5.36 15.89
N ARG C 145 17.00 -4.56 15.16
CA ARG C 145 17.20 -3.13 15.15
C ARG C 145 15.95 -2.31 15.17
N SER C 146 16.10 -1.13 15.77
CA SER C 146 15.06 -0.09 15.82
C SER C 146 15.79 1.24 15.82
N SER C 147 15.03 2.31 15.68
CA SER C 147 15.66 3.61 15.71
C SER C 147 14.69 4.63 16.18
N GLU C 148 15.21 5.56 16.98
CA GLU C 148 14.36 6.63 17.50
C GLU C 148 14.30 7.71 16.45
N ALA C 149 13.18 8.45 16.43
CA ALA C 149 13.00 9.53 15.44
C ALA C 149 14.09 10.63 15.44
N GLY C 150 14.57 11.04 16.62
CA GLY C 150 15.65 12.01 16.68
C GLY C 150 16.55 11.52 17.79
N GLY C 151 17.18 12.45 18.52
CA GLY C 151 18.02 12.10 19.64
C GLY C 151 19.52 12.25 19.48
N SER C 152 20.01 12.49 18.29
CA SER C 152 21.44 12.63 18.10
C SER C 152 21.82 14.00 17.58
N SER C 153 22.98 14.50 18.01
CA SER C 153 23.47 15.80 17.56
C SER C 153 24.72 15.60 16.76
N SER C 154 24.75 16.26 15.60
CA SER C 154 25.87 16.23 14.66
C SER C 154 27.11 16.82 15.29
N PHE C 155 26.88 17.66 16.31
CA PHE C 155 27.93 18.38 17.04
C PHE C 155 27.48 18.51 18.48
N ALA C 156 28.37 19.04 19.33
CA ALA C 156 27.98 19.22 20.73
C ALA C 156 27.17 20.51 20.92
N SER C 157 25.99 20.35 21.51
CA SER C 157 25.08 21.44 21.83
C SER C 157 24.67 21.19 23.26
N ASN C 158 24.10 22.23 23.89
CA ASN C 158 23.60 22.16 25.26
C ASN C 158 22.10 22.29 25.09
N ASN C 159 21.70 22.62 23.87
CA ASN C 159 20.30 22.82 23.50
C ASN C 159 19.66 21.52 23.00
N ILE C 160 18.67 21.03 23.73
CA ILE C 160 18.02 19.81 23.32
C ILE C 160 17.44 19.89 21.91
N TYR C 161 17.02 21.07 21.47
CA TYR C 161 16.46 21.18 20.13
C TYR C 161 17.47 20.86 19.02
N ASP C 162 18.71 20.56 19.40
CA ASP C 162 19.76 20.24 18.42
C ASP C 162 19.90 18.76 18.12
N TYR C 163 19.35 17.97 19.03
CA TYR C 163 19.36 16.53 18.98
C TYR C 163 18.19 16.02 18.17
N THR C 164 18.27 16.22 16.87
CA THR C 164 17.19 15.83 16.00
C THR C 164 17.48 14.71 15.04
N ASN C 165 18.72 14.23 15.08
CA ASN C 165 19.12 13.14 14.25
C ASN C 165 18.61 11.81 14.79
N GLU C 166 18.05 11.00 13.88
CA GLU C 166 17.49 9.67 14.16
C GLU C 166 18.59 8.83 14.79
N THR C 167 18.24 8.07 15.82
CA THR C 167 19.27 7.25 16.46
C THR C 167 18.92 5.76 16.51
N ALA C 168 19.77 4.99 15.84
CA ALA C 168 19.68 3.54 15.75
C ALA C 168 19.90 2.93 17.09
N ASN C 169 19.14 1.90 17.41
CA ASN C 169 19.33 1.16 18.67
C ASN C 169 19.47 -0.32 18.26
N ASP C 170 20.42 -1.04 18.83
CA ASP C 170 20.65 -2.46 18.54
C ASP C 170 20.22 -3.32 19.74
N VAL C 171 19.62 -4.49 19.50
CA VAL C 171 19.31 -5.41 20.60
C VAL C 171 20.02 -6.71 20.29
N PHE C 172 20.64 -7.29 21.32
CA PHE C 172 21.34 -8.56 21.20
C PHE C 172 20.62 -9.43 22.17
N ASP C 173 19.99 -10.44 21.61
CA ASP C 173 19.13 -11.35 22.33
C ASP C 173 19.64 -12.79 22.43
N VAL C 174 19.49 -13.39 23.60
CA VAL C 174 19.88 -14.77 23.81
C VAL C 174 18.78 -15.38 24.63
N ARG C 175 18.29 -16.52 24.16
CA ARG C 175 17.21 -17.23 24.86
C ARG C 175 17.60 -18.69 24.95
N LEU C 176 17.13 -19.33 26.01
CA LEU C 176 17.36 -20.74 26.30
C LEU C 176 16.00 -21.27 26.73
N ALA C 177 15.36 -22.04 25.87
CA ALA C 177 14.03 -22.51 26.20
C ALA C 177 13.85 -23.99 26.30
N GLN C 178 12.58 -24.35 26.48
CA GLN C 178 12.12 -25.72 26.57
C GLN C 178 12.86 -26.59 27.60
N MET C 179 13.26 -26.00 28.72
CA MET C 179 13.92 -26.76 29.77
C MET C 179 12.76 -27.19 30.66
N GLU C 180 12.66 -28.50 30.94
CA GLU C 180 11.58 -29.00 31.80
C GLU C 180 11.99 -28.87 33.28
N ILE C 181 11.77 -27.69 33.88
CA ILE C 181 12.09 -27.49 35.28
C ILE C 181 11.21 -28.55 35.99
N ASN C 182 10.07 -28.90 35.41
CA ASN C 182 9.20 -29.88 36.07
C ASN C 182 8.20 -30.63 35.16
N PRO C 183 7.37 -31.48 35.77
CA PRO C 183 6.41 -32.19 34.94
C PRO C 183 5.27 -31.32 34.48
N GLY C 184 5.16 -31.20 33.17
CA GLY C 184 4.10 -30.38 32.57
C GLY C 184 4.53 -28.92 32.57
N GLY C 185 5.80 -28.69 32.88
CA GLY C 185 6.29 -27.36 32.95
C GLY C 185 7.63 -27.12 32.34
N THR C 186 7.69 -26.07 31.54
CA THR C 186 8.93 -25.68 30.93
C THR C 186 9.35 -24.31 31.41
N LEU C 187 10.63 -24.03 31.22
CA LEU C 187 11.18 -22.77 31.62
C LEU C 187 11.94 -22.13 30.49
N GLU C 188 11.64 -20.86 30.21
CA GLU C 188 12.41 -20.14 29.22
C GLU C 188 13.13 -19.01 29.95
N LEU C 189 14.35 -18.73 29.54
CA LEU C 189 15.17 -17.69 30.12
C LEU C 189 15.75 -16.79 29.00
N GLY C 190 15.56 -15.48 29.11
CA GLY C 190 16.13 -14.61 28.08
C GLY C 190 16.91 -13.42 28.61
N VAL C 191 17.85 -12.94 27.83
CA VAL C 191 18.64 -11.78 28.21
C VAL C 191 18.71 -10.88 27.00
N ASP C 192 18.25 -9.65 27.17
CA ASP C 192 18.33 -8.67 26.09
C ASP C 192 19.25 -7.52 26.45
N TYR C 193 20.18 -7.20 25.59
CA TYR C 193 21.03 -6.08 25.86
C TYR C 193 20.87 -5.09 24.72
N GLY C 194 20.26 -3.94 25.00
CA GLY C 194 20.05 -2.94 23.95
C GLY C 194 20.89 -1.69 24.10
N ARG C 195 21.25 -1.05 23.00
CA ARG C 195 22.08 0.13 23.12
C ARG C 195 21.92 1.08 21.94
N ALA C 196 22.00 2.40 22.18
CA ALA C 196 21.92 3.43 21.12
C ALA C 196 23.24 3.32 20.38
N ASN C 197 23.24 3.34 19.07
CA ASN C 197 24.46 3.14 18.29
C ASN C 197 24.70 4.37 17.45
N LEU C 198 25.49 5.30 17.98
CA LEU C 198 25.76 6.60 17.33
C LEU C 198 26.67 6.65 16.14
N ARG C 199 26.33 7.49 15.15
CA ARG C 199 27.18 7.64 13.98
C ARG C 199 28.47 8.23 14.47
N ASP C 200 29.50 8.07 13.67
CA ASP C 200 30.80 8.63 14.02
C ASP C 200 30.59 10.12 14.23
N ASN C 201 31.02 10.57 15.41
CA ASN C 201 30.93 11.97 15.83
C ASN C 201 29.57 12.51 16.38
N TYR C 202 28.49 11.72 16.42
CA TYR C 202 27.25 12.24 16.98
C TYR C 202 27.25 12.10 18.48
N ARG C 203 26.31 12.80 19.13
CA ARG C 203 26.29 12.78 20.58
C ARG C 203 24.87 12.70 21.06
N LEU C 204 24.69 12.16 22.26
CA LEU C 204 23.36 12.10 22.85
C LEU C 204 23.33 13.21 23.89
N VAL C 205 22.11 13.62 24.23
CA VAL C 205 21.87 14.63 25.25
C VAL C 205 22.72 14.21 26.47
N ASP C 206 23.14 15.18 27.31
CA ASP C 206 23.95 14.86 28.49
C ASP C 206 23.01 14.12 29.42
N GLY C 207 23.45 13.00 29.96
CA GLY C 207 22.58 12.25 30.84
C GLY C 207 21.64 11.21 30.22
N ALA C 208 21.64 11.10 28.88
CA ALA C 208 20.81 10.12 28.17
C ALA C 208 21.26 8.74 28.64
N SER C 209 20.29 7.83 28.84
CA SER C 209 20.50 6.45 29.31
C SER C 209 21.41 5.59 28.43
N LYS C 210 21.36 5.77 27.10
CA LYS C 210 22.22 5.05 26.16
C LYS C 210 21.95 3.54 25.97
N ASP C 211 21.96 2.77 27.05
CA ASP C 211 21.73 1.35 26.95
C ASP C 211 20.93 0.80 28.11
N GLY C 212 20.77 -0.52 28.17
CA GLY C 212 19.99 -1.13 29.23
C GLY C 212 19.87 -2.62 29.04
N TRP C 213 19.11 -3.26 29.93
CA TRP C 213 18.93 -4.71 29.90
C TRP C 213 17.52 -5.10 30.12
N LEU C 214 17.13 -6.24 29.55
CA LEU C 214 15.81 -6.82 29.83
C LEU C 214 16.12 -8.28 30.17
N PHE C 215 15.57 -8.75 31.26
CA PHE C 215 15.78 -10.12 31.72
C PHE C 215 14.42 -10.71 31.81
N THR C 216 14.24 -11.87 31.18
CA THR C 216 12.94 -12.56 31.19
C THR C 216 13.04 -14.01 31.67
N ALA C 217 12.01 -14.44 32.37
CA ALA C 217 11.91 -15.81 32.83
C ALA C 217 10.44 -16.14 32.67
N GLU C 218 10.15 -17.13 31.83
CA GLU C 218 8.77 -17.52 31.60
C GLU C 218 8.62 -18.99 31.90
N HIS C 219 7.64 -19.33 32.72
CA HIS C 219 7.36 -20.72 33.04
C HIS C 219 6.00 -21.11 32.51
N THR C 220 5.95 -22.14 31.67
CA THR C 220 4.67 -22.60 31.12
C THR C 220 4.29 -23.91 31.74
N GLN C 221 3.06 -23.98 32.22
CA GLN C 221 2.56 -25.17 32.87
C GLN C 221 1.31 -25.63 32.17
N SER C 222 1.39 -26.85 31.68
CA SER C 222 0.27 -27.47 31.00
C SER C 222 -0.76 -27.76 32.07
N VAL C 223 -1.99 -27.26 31.93
CA VAL C 223 -3.01 -27.43 32.95
C VAL C 223 -4.42 -27.40 32.40
N LEU C 224 -5.33 -28.13 33.03
CA LEU C 224 -6.73 -28.15 32.62
C LEU C 224 -6.93 -28.12 31.15
N LYS C 225 -6.15 -28.95 30.45
CA LYS C 225 -6.25 -29.04 29.01
C LYS C 225 -5.84 -27.70 28.37
N GLY C 226 -5.15 -26.88 29.14
CA GLY C 226 -4.72 -25.59 28.63
C GLY C 226 -3.35 -25.31 29.16
N PHE C 227 -3.06 -24.05 29.42
CA PHE C 227 -1.75 -23.70 29.96
C PHE C 227 -1.91 -22.52 30.87
N ASN C 228 -0.82 -22.24 31.56
CA ASN C 228 -0.72 -21.11 32.44
C ASN C 228 0.72 -20.68 32.31
N LYS C 229 0.95 -19.39 32.04
CA LYS C 229 2.32 -18.86 31.94
C LYS C 229 2.52 -17.91 33.09
N PHE C 230 3.67 -17.99 33.72
CA PHE C 230 3.94 -17.11 34.80
C PHE C 230 5.21 -16.43 34.38
N VAL C 231 5.17 -15.09 34.34
CA VAL C 231 6.31 -14.33 33.85
C VAL C 231 6.86 -13.33 34.82
N VAL C 232 8.16 -13.14 34.76
CA VAL C 232 8.79 -12.16 35.59
C VAL C 232 9.83 -11.45 34.74
N GLN C 233 9.71 -10.13 34.60
CA GLN C 233 10.72 -9.40 33.81
C GLN C 233 11.29 -8.20 34.55
N TYR C 234 12.52 -7.87 34.24
CA TYR C 234 13.17 -6.76 34.85
C TYR C 234 14.03 -6.03 33.84
N ALA C 235 13.71 -4.76 33.65
CA ALA C 235 14.45 -3.93 32.71
C ALA C 235 15.14 -2.76 33.40
N THR C 236 16.12 -2.28 32.69
CA THR C 236 16.99 -1.26 33.11
C THR C 236 17.14 -0.13 32.10
N ASP C 237 16.95 1.11 32.52
CA ASP C 237 17.18 2.24 31.64
C ASP C 237 16.60 2.28 30.26
N SER C 238 17.45 2.23 29.22
CA SER C 238 16.90 2.34 27.87
C SER C 238 15.84 1.35 27.41
N MET C 239 15.66 0.28 28.17
CA MET C 239 14.69 -0.75 27.82
C MET C 239 13.39 -0.58 28.57
N THR C 240 13.31 0.42 29.43
CA THR C 240 12.12 0.60 30.23
C THR C 240 11.00 1.33 29.56
N SER C 241 11.30 2.14 28.57
CA SER C 241 10.23 2.92 27.91
C SER C 241 9.38 2.08 27.03
N GLN C 242 10.00 1.33 26.11
CA GLN C 242 9.25 0.42 25.25
C GLN C 242 8.81 -0.82 26.08
N GLY C 243 9.73 -1.33 26.89
CA GLY C 243 9.40 -2.43 27.78
C GLY C 243 9.04 -3.78 27.22
N LYS C 244 9.55 -4.09 26.05
CA LYS C 244 9.28 -5.35 25.39
C LYS C 244 10.54 -5.93 24.81
N GLY C 245 11.65 -5.22 24.91
CA GLY C 245 12.88 -5.77 24.37
C GLY C 245 13.57 -4.82 23.42
N LEU C 246 12.91 -3.72 23.07
CA LEU C 246 13.54 -2.74 22.19
C LEU C 246 14.10 -1.55 23.01
N SER C 247 15.23 -1.01 22.57
CA SER C 247 15.91 0.08 23.24
C SER C 247 15.62 1.49 22.75
N GLN C 248 15.51 2.43 23.67
CA GLN C 248 15.31 3.86 23.35
C GLN C 248 16.31 4.66 24.21
N GLY C 249 17.57 4.59 23.81
CA GLY C 249 18.63 5.20 24.58
C GLY C 249 18.91 6.68 24.46
N SER C 250 18.28 7.39 23.53
CA SER C 250 18.52 8.83 23.39
C SER C 250 17.74 9.65 24.42
N GLY C 251 16.59 9.13 24.83
CA GLY C 251 15.78 9.84 25.81
C GLY C 251 15.16 11.14 25.30
N VAL C 252 15.05 11.32 23.98
CA VAL C 252 14.49 12.52 23.37
C VAL C 252 13.22 12.22 22.57
N ALA C 253 12.19 13.04 22.76
CA ALA C 253 10.91 12.92 22.08
C ALA C 253 10.58 14.23 21.36
N PHE C 254 9.57 14.22 20.53
CA PHE C 254 9.20 15.42 19.81
C PHE C 254 7.72 15.74 19.90
N ASP C 255 7.40 17.03 20.09
CA ASP C 255 6.01 17.46 20.15
C ASP C 255 5.55 17.51 18.70
N ASN C 256 4.24 17.69 18.47
CA ASN C 256 3.72 17.74 17.10
C ASN C 256 4.23 18.94 16.31
N GLU C 257 4.81 19.93 17.00
CA GLU C 257 5.36 21.12 16.37
C GLU C 257 6.86 20.89 16.14
N LYS C 258 7.27 19.62 16.14
CA LYS C 258 8.66 19.22 15.94
C LYS C 258 9.64 19.66 17.05
N PHE C 259 9.13 19.90 18.26
CA PHE C 259 10.03 20.32 19.35
C PHE C 259 10.57 19.17 20.15
N ALA C 260 11.88 19.12 20.27
CA ALA C 260 12.49 18.08 21.04
C ALA C 260 12.21 18.33 22.51
N TYR C 261 12.07 17.23 23.26
CA TYR C 261 11.91 17.32 24.69
C TYR C 261 12.47 16.08 25.35
N ASN C 262 12.93 16.25 26.58
CA ASN C 262 13.56 15.19 27.31
C ASN C 262 12.66 14.19 28.03
N ILE C 263 12.58 12.97 27.51
CA ILE C 263 11.76 11.91 28.08
C ILE C 263 12.66 10.87 28.77
N ASN C 264 13.82 11.26 29.31
CA ASN C 264 14.79 10.33 29.97
C ASN C 264 14.20 9.18 30.77
N ASN C 265 14.71 8.00 30.44
CA ASN C 265 14.24 6.75 31.01
C ASN C 265 15.15 5.99 31.95
N ASN C 266 16.17 6.64 32.51
CA ASN C 266 17.04 5.96 33.47
C ASN C 266 16.08 5.55 34.55
N GLY C 267 16.24 4.32 35.01
CA GLY C 267 15.34 3.77 36.02
C GLY C 267 15.23 2.28 35.79
N HIS C 268 14.14 1.69 36.23
CA HIS C 268 14.01 0.26 36.00
C HIS C 268 12.55 -0.08 35.93
N MET C 269 12.27 -1.28 35.46
CA MET C 269 10.89 -1.74 35.39
C MET C 269 10.80 -3.16 35.93
N LEU C 270 9.76 -3.42 36.69
CA LEU C 270 9.55 -4.74 37.21
C LEU C 270 8.17 -5.16 36.77
N ARG C 271 8.12 -6.26 36.01
CA ARG C 271 6.85 -6.81 35.51
C ARG C 271 6.72 -8.25 36.01
N ILE C 272 5.58 -8.52 36.59
CA ILE C 272 5.26 -9.83 37.09
C ILE C 272 3.87 -10.13 36.55
N LEU C 273 3.82 -11.12 35.65
CA LEU C 273 2.60 -11.49 34.93
C LEU C 273 2.23 -12.96 35.08
N ASP C 274 0.94 -13.22 34.98
CA ASP C 274 0.44 -14.56 34.99
C ASP C 274 -0.85 -14.58 34.18
N HIS C 275 -0.81 -15.35 33.10
CA HIS C 275 -1.96 -15.49 32.22
C HIS C 275 -2.05 -16.91 31.73
N GLY C 276 -3.19 -17.27 31.19
CA GLY C 276 -3.35 -18.59 30.65
C GLY C 276 -4.74 -18.74 30.11
N ALA C 277 -5.05 -19.95 29.71
CA ALA C 277 -6.35 -20.34 29.19
C ALA C 277 -6.53 -21.81 29.65
N ILE C 278 -7.67 -22.08 30.27
CA ILE C 278 -7.97 -23.41 30.79
C ILE C 278 -9.37 -23.84 30.42
N SER C 279 -9.53 -25.12 30.11
CA SER C 279 -10.87 -25.59 29.80
C SER C 279 -11.29 -26.28 31.12
N MET C 280 -12.56 -26.12 31.46
CA MET C 280 -13.10 -26.71 32.69
C MET C 280 -14.38 -27.45 32.30
N GLY C 281 -14.25 -28.76 32.11
CA GLY C 281 -15.42 -29.51 31.71
C GLY C 281 -15.52 -29.47 30.20
N ASP C 282 -16.75 -29.63 29.70
CA ASP C 282 -16.93 -29.63 28.25
C ASP C 282 -17.58 -28.34 27.78
N ASN C 283 -18.36 -27.72 28.69
CA ASN C 283 -19.09 -26.50 28.37
C ASN C 283 -18.41 -25.15 28.73
N TRP C 284 -17.20 -25.19 29.30
CA TRP C 284 -16.53 -23.97 29.70
C TRP C 284 -15.10 -23.80 29.36
N ASP C 285 -14.80 -22.61 28.85
CA ASP C 285 -13.45 -22.20 28.52
C ASP C 285 -13.25 -20.84 29.18
N MET C 286 -12.02 -20.55 29.56
CA MET C 286 -11.75 -19.27 30.14
C MET C 286 -10.32 -18.77 30.03
N MET C 287 -10.12 -17.54 29.56
CA MET C 287 -8.75 -17.01 29.60
C MET C 287 -8.69 -16.00 30.76
N TYR C 288 -7.49 -15.82 31.31
CA TYR C 288 -7.35 -14.89 32.41
C TYR C 288 -5.98 -14.19 32.47
N VAL C 289 -5.97 -12.97 33.02
CA VAL C 289 -4.72 -12.20 33.19
C VAL C 289 -4.71 -11.55 34.54
N GLY C 290 -3.50 -11.41 35.04
CA GLY C 290 -3.26 -10.71 36.28
C GLY C 290 -1.88 -10.14 36.08
N MET C 291 -1.69 -8.83 36.21
CA MET C 291 -0.34 -8.26 36.03
C MET C 291 -0.05 -7.06 36.92
N TYR C 292 1.20 -6.94 37.31
CA TYR C 292 1.60 -5.80 38.07
C TYR C 292 2.84 -5.25 37.40
N GLN C 293 2.76 -4.01 36.91
CA GLN C 293 3.92 -3.42 36.23
C GLN C 293 4.33 -2.08 36.90
N ASP C 294 5.60 -1.99 37.31
CA ASP C 294 6.13 -0.81 37.97
C ASP C 294 7.27 -0.15 37.20
N ILE C 295 7.01 0.99 36.57
CA ILE C 295 8.06 1.70 35.86
C ILE C 295 8.45 2.85 36.78
N ASN C 296 9.63 2.71 37.35
CA ASN C 296 10.17 3.65 38.29
C ASN C 296 11.29 4.46 37.67
N TRP C 297 10.99 5.70 37.33
CA TRP C 297 12.03 6.51 36.69
C TRP C 297 12.73 7.51 37.58
N ASP C 298 13.99 7.73 37.27
CA ASP C 298 14.79 8.70 37.99
C ASP C 298 14.10 10.06 37.94
N ASN C 299 13.50 10.36 36.79
CA ASN C 299 12.81 11.62 36.58
C ASN C 299 11.46 11.67 37.24
N ASP C 300 11.09 10.62 37.97
CA ASP C 300 9.82 10.63 38.66
C ASP C 300 8.54 10.57 37.85
N ASN C 301 8.62 10.29 36.57
CA ASN C 301 7.38 10.28 35.82
C ASN C 301 6.85 8.90 35.44
N GLY C 302 7.33 7.84 36.10
CA GLY C 302 6.86 6.48 35.82
C GLY C 302 5.41 6.22 36.23
N THR C 303 5.04 4.94 36.35
CA THR C 303 3.66 4.51 36.68
C THR C 303 3.71 3.15 37.35
N LYS C 304 2.70 2.82 38.15
CA LYS C 304 2.62 1.51 38.82
C LYS C 304 1.25 1.02 38.39
N TRP C 305 1.24 0.04 37.49
CA TRP C 305 0.02 -0.47 36.90
C TRP C 305 -0.34 -1.89 37.37
N TRP C 306 -1.62 -2.10 37.67
CA TRP C 306 -2.19 -3.38 38.07
C TRP C 306 -3.36 -3.73 37.16
N THR C 307 -3.38 -4.94 36.57
CA THR C 307 -4.57 -5.39 35.76
C THR C 307 -5.02 -6.79 36.13
N VAL C 308 -6.30 -7.03 35.92
CA VAL C 308 -6.89 -8.35 36.10
C VAL C 308 -8.14 -8.41 35.34
N GLY C 309 -8.33 -9.55 34.69
CA GLY C 309 -9.56 -9.75 33.93
C GLY C 309 -9.67 -11.21 33.65
N ILE C 310 -10.88 -11.62 33.28
CA ILE C 310 -11.13 -13.00 32.96
C ILE C 310 -12.08 -13.00 31.81
N ARG C 311 -12.00 -14.04 31.00
CA ARG C 311 -12.88 -14.15 29.87
C ARG C 311 -13.47 -15.55 29.76
N PRO C 312 -14.55 -15.79 30.48
CA PRO C 312 -15.19 -17.10 30.44
C PRO C 312 -16.02 -17.26 29.17
N MET C 313 -16.00 -18.47 28.60
CA MET C 313 -16.75 -18.80 27.38
C MET C 313 -17.61 -19.99 27.72
N TYR C 314 -18.88 -19.89 27.40
CA TYR C 314 -19.80 -20.97 27.65
C TYR C 314 -20.36 -21.46 26.31
N LYS C 315 -20.05 -22.70 25.96
CA LYS C 315 -20.49 -23.28 24.68
C LYS C 315 -21.85 -23.93 24.63
N TRP C 316 -22.78 -23.30 23.96
CA TRP C 316 -24.10 -23.85 23.82
C TRP C 316 -24.11 -24.97 22.84
N THR C 317 -23.25 -24.82 21.86
CA THR C 317 -23.15 -25.70 20.73
C THR C 317 -21.70 -25.75 20.37
N PRO C 318 -21.32 -26.65 19.47
CA PRO C 318 -19.88 -26.61 19.20
C PRO C 318 -19.46 -25.40 18.37
N ILE C 319 -20.42 -24.67 17.83
CA ILE C 319 -20.08 -23.49 17.09
C ILE C 319 -20.75 -22.20 17.58
N MET C 320 -21.49 -22.24 18.68
CA MET C 320 -22.12 -21.02 19.20
C MET C 320 -21.90 -20.90 20.67
N SER C 321 -21.51 -19.71 21.12
CA SER C 321 -21.25 -19.49 22.53
C SER C 321 -21.59 -18.11 22.98
N THR C 322 -21.44 -17.93 24.28
CA THR C 322 -21.66 -16.66 24.90
C THR C 322 -20.34 -16.38 25.57
N VAL C 323 -19.67 -15.31 25.15
CA VAL C 323 -18.39 -14.97 25.78
C VAL C 323 -18.57 -13.75 26.68
N MET C 324 -17.82 -13.71 27.76
CA MET C 324 -17.92 -12.56 28.60
C MET C 324 -16.54 -12.10 29.05
N GLU C 325 -16.33 -10.79 29.07
CA GLU C 325 -15.04 -10.30 29.54
C GLU C 325 -15.20 -9.21 30.60
N ILE C 326 -14.42 -9.34 31.65
CA ILE C 326 -14.45 -8.39 32.71
C ILE C 326 -13.03 -8.01 33.00
N GLY C 327 -12.74 -6.73 32.84
CA GLY C 327 -11.37 -6.27 33.06
C GLY C 327 -11.28 -5.07 33.98
N TYR C 328 -10.19 -5.03 34.72
CA TYR C 328 -9.99 -3.96 35.63
C TYR C 328 -8.61 -3.37 35.58
N ASP C 329 -8.55 -2.05 35.47
CA ASP C 329 -7.26 -1.38 35.45
C ASP C 329 -7.13 -0.36 36.58
N ASN C 330 -5.91 -0.24 37.10
CA ASN C 330 -5.62 0.76 38.11
C ASN C 330 -4.17 1.24 37.94
N VAL C 331 -4.00 2.52 37.58
CA VAL C 331 -2.66 3.08 37.37
C VAL C 331 -2.41 4.27 38.28
N GLU C 332 -1.29 4.22 38.97
CA GLU C 332 -0.90 5.27 39.87
C GLU C 332 0.27 6.09 39.30
N SER C 333 0.16 7.42 39.34
CA SER C 333 1.24 8.29 38.87
C SER C 333 2.48 8.28 39.76
N GLN C 334 3.65 7.97 39.24
CA GLN C 334 4.85 8.01 40.10
C GLN C 334 5.03 9.46 40.56
N ARG C 335 4.80 10.41 39.64
CA ARG C 335 4.97 11.81 39.91
C ARG C 335 3.98 12.38 40.90
N THR C 336 2.70 12.12 40.75
CA THR C 336 1.73 12.71 41.65
C THR C 336 1.07 11.79 42.69
N GLY C 337 1.26 10.49 42.60
CA GLY C 337 0.61 9.59 43.54
C GLY C 337 -0.89 9.43 43.30
N ASP C 338 -1.46 10.14 42.34
CA ASP C 338 -2.89 9.96 42.06
C ASP C 338 -3.15 8.61 41.36
N LYS C 339 -4.43 8.29 41.25
CA LYS C 339 -4.83 7.03 40.63
C LYS C 339 -5.96 7.07 39.65
N ASN C 340 -5.72 6.40 38.53
CA ASN C 340 -6.70 6.26 37.45
C ASN C 340 -7.15 4.81 37.52
N ASN C 341 -8.43 4.55 37.41
CA ASN C 341 -8.84 3.17 37.40
C ASN C 341 -10.05 2.97 36.55
N GLN C 342 -10.25 1.73 36.10
CA GLN C 342 -11.40 1.42 35.24
C GLN C 342 -11.74 -0.02 35.28
N TYR C 343 -13.02 -0.29 35.06
CA TYR C 343 -13.50 -1.65 34.93
C TYR C 343 -14.43 -1.73 33.71
N LYS C 344 -14.19 -2.76 32.91
CA LYS C 344 -14.96 -2.97 31.69
C LYS C 344 -15.66 -4.33 31.81
N ILE C 345 -16.88 -4.42 31.30
CA ILE C 345 -17.62 -5.67 31.30
C ILE C 345 -18.23 -5.79 29.93
N THR C 346 -17.92 -6.88 29.21
CA THR C 346 -18.51 -7.07 27.87
C THR C 346 -19.24 -8.41 27.85
N LEU C 347 -20.35 -8.46 27.13
CA LEU C 347 -21.15 -9.67 26.98
C LEU C 347 -21.32 -9.87 25.47
N ALA C 348 -20.91 -11.02 24.95
CA ALA C 348 -21.02 -11.29 23.51
C ALA C 348 -21.62 -12.66 23.20
N GLN C 349 -22.31 -12.70 22.07
CA GLN C 349 -22.87 -13.93 21.57
C GLN C 349 -22.02 -14.22 20.35
N GLN C 350 -21.31 -15.34 20.31
CA GLN C 350 -20.51 -15.61 19.12
C GLN C 350 -20.70 -16.93 18.40
N TRP C 351 -20.17 -16.98 17.18
CA TRP C 351 -20.17 -18.15 16.32
C TRP C 351 -18.71 -18.31 15.92
N GLN C 352 -18.07 -19.41 16.26
CA GLN C 352 -16.69 -19.58 15.87
C GLN C 352 -16.42 -20.89 15.14
N ALA C 353 -15.36 -20.94 14.37
CA ALA C 353 -15.03 -22.14 13.63
C ALA C 353 -14.32 -23.10 14.55
N GLY C 354 -15.01 -23.61 15.56
CA GLY C 354 -14.35 -24.50 16.48
C GLY C 354 -15.02 -24.45 17.82
N ASP C 355 -14.57 -25.27 18.76
CA ASP C 355 -15.20 -25.35 20.08
C ASP C 355 -14.28 -24.72 21.12
N SER C 356 -13.17 -24.16 20.69
CA SER C 356 -12.25 -23.54 21.63
C SER C 356 -12.43 -22.02 21.78
N ILE C 357 -11.90 -21.50 22.89
CA ILE C 357 -11.88 -20.04 23.12
C ILE C 357 -10.76 -19.47 22.18
N TRP C 358 -9.93 -20.35 21.61
CA TRP C 358 -8.88 -19.96 20.67
C TRP C 358 -9.29 -20.19 19.20
N SER C 359 -10.50 -20.65 18.98
CA SER C 359 -10.96 -20.92 17.63
C SER C 359 -11.29 -19.65 16.87
N ARG C 360 -10.78 -19.54 15.65
CA ARG C 360 -11.07 -18.38 14.78
C ARG C 360 -11.35 -18.96 13.36
N PRO C 361 -12.24 -18.33 12.54
CA PRO C 361 -12.93 -17.05 12.70
C PRO C 361 -13.99 -17.04 13.75
N ALA C 362 -14.29 -15.86 14.31
CA ALA C 362 -15.34 -15.71 15.32
C ALA C 362 -16.13 -14.54 14.82
N ILE C 363 -17.46 -14.62 14.91
CA ILE C 363 -18.30 -13.52 14.50
C ILE C 363 -19.06 -13.22 15.79
N ARG C 364 -18.87 -12.02 16.34
CA ARG C 364 -19.47 -11.58 17.59
C ARG C 364 -20.53 -10.51 17.45
N VAL C 365 -21.45 -10.51 18.40
CA VAL C 365 -22.48 -9.51 18.48
C VAL C 365 -22.36 -9.18 19.97
N PHE C 366 -21.97 -7.95 20.32
CA PHE C 366 -21.70 -7.63 21.74
C PHE C 366 -22.27 -6.33 22.26
N ALA C 367 -22.13 -6.15 23.57
CA ALA C 367 -22.49 -4.94 24.29
C ALA C 367 -21.38 -4.80 25.31
N THR C 368 -20.78 -3.61 25.39
CA THR C 368 -19.71 -3.32 26.35
C THR C 368 -20.11 -2.16 27.27
N TYR C 369 -19.67 -2.21 28.52
CA TYR C 369 -19.95 -1.14 29.48
C TYR C 369 -18.68 -0.81 30.23
N ALA C 370 -18.29 0.46 30.22
CA ALA C 370 -17.10 0.85 30.97
C ALA C 370 -17.40 2.01 31.88
N LYS C 371 -16.85 1.94 33.09
CA LYS C 371 -17.04 3.01 34.02
C LYS C 371 -15.67 3.35 34.56
N TRP C 372 -15.26 4.60 34.41
CA TRP C 372 -13.93 5.05 34.91
C TRP C 372 -13.92 6.28 35.84
N ASP C 373 -12.78 6.46 36.48
CA ASP C 373 -12.54 7.56 37.38
C ASP C 373 -11.06 7.82 37.33
N GLU C 374 -10.68 8.80 36.52
CA GLU C 374 -9.28 9.16 36.36
C GLU C 374 -8.96 10.43 37.17
N LYS C 375 -7.96 10.35 38.03
CA LYS C 375 -7.57 11.50 38.85
C LYS C 375 -6.26 12.20 38.44
N TRP C 376 -5.75 11.87 37.26
CA TRP C 376 -4.55 12.46 36.70
C TRP C 376 -4.49 12.18 35.19
N GLY C 377 -3.65 12.92 34.47
CA GLY C 377 -3.53 12.73 33.05
C GLY C 377 -2.20 13.31 32.64
N TYR C 378 -1.81 13.22 31.38
CA TYR C 378 -0.54 13.78 30.99
C TYR C 378 -0.78 15.14 30.39
N ASP C 379 0.13 16.05 30.62
CA ASP C 379 -0.03 17.38 30.10
C ASP C 379 0.55 17.48 28.71
N TYR C 380 -0.34 17.55 27.76
CA TYR C 380 0.10 17.67 26.38
C TYR C 380 -0.43 18.95 25.79
N THR C 381 -0.81 19.88 26.66
CA THR C 381 -1.26 21.17 26.20
C THR C 381 -0.01 21.97 25.87
N GLY C 382 -0.20 22.99 25.06
CA GLY C 382 0.95 23.80 24.72
C GLY C 382 1.90 23.17 23.74
N ASN C 383 3.17 23.45 23.96
CA ASN C 383 4.26 23.07 23.09
C ASN C 383 5.33 22.54 24.01
N ALA C 384 6.29 21.80 23.47
CA ALA C 384 7.40 21.35 24.29
C ALA C 384 8.15 22.66 24.62
N ASP C 385 7.94 23.68 23.77
CA ASP C 385 8.53 25.02 23.92
C ASP C 385 7.65 25.88 24.91
N ASN C 386 6.34 25.98 24.65
CA ASN C 386 5.39 26.74 25.52
C ASN C 386 5.36 26.09 26.91
N ASN C 387 4.99 24.81 26.89
CA ASN C 387 4.82 24.03 28.11
C ASN C 387 6.10 23.44 28.62
N ALA C 388 6.28 23.51 29.91
CA ALA C 388 7.49 22.95 30.47
C ALA C 388 7.09 21.73 31.30
N ASN C 389 5.79 21.55 31.47
CA ASN C 389 5.28 20.38 32.16
C ASN C 389 4.79 19.42 31.08
N PHE C 390 5.18 19.71 29.84
CA PHE C 390 4.77 18.96 28.69
C PHE C 390 5.16 17.50 28.79
N GLY C 391 4.14 16.65 28.79
CA GLY C 391 4.35 15.22 28.88
C GLY C 391 4.44 14.67 30.28
N LYS C 392 4.21 15.50 31.30
CA LYS C 392 4.31 15.06 32.66
C LYS C 392 2.97 14.74 33.24
N ALA C 393 2.96 13.83 34.21
CA ALA C 393 1.73 13.46 34.89
C ALA C 393 1.31 14.71 35.68
N VAL C 394 0.03 15.00 35.70
CA VAL C 394 -0.50 16.20 36.33
C VAL C 394 -1.91 15.88 36.85
N PRO C 395 -2.31 16.41 38.01
CA PRO C 395 -3.66 16.09 38.46
C PRO C 395 -4.75 16.49 37.51
N ALA C 396 -5.86 15.81 37.66
CA ALA C 396 -6.98 16.03 36.81
C ALA C 396 -7.36 17.47 36.62
N ASP C 397 -7.27 18.25 37.70
CA ASP C 397 -7.69 19.66 37.68
C ASP C 397 -6.54 20.66 37.62
N PHE C 398 -5.33 20.14 37.49
CA PHE C 398 -4.18 20.97 37.42
C PHE C 398 -4.39 22.27 36.70
N ASN C 399 -4.01 23.34 37.40
CA ASN C 399 -4.11 24.72 36.95
C ASN C 399 -5.45 25.06 36.28
N GLY C 400 -6.54 24.62 36.90
CA GLY C 400 -7.84 24.94 36.37
C GLY C 400 -8.26 24.17 35.15
N GLY C 401 -7.31 23.65 34.35
CA GLY C 401 -7.69 22.87 33.18
C GLY C 401 -8.13 21.48 33.58
N SER C 402 -8.02 20.52 32.67
CA SER C 402 -8.41 19.16 33.05
C SER C 402 -7.70 18.09 32.26
N PHE C 403 -7.21 17.12 33.02
CA PHE C 403 -6.43 16.02 32.51
C PHE C 403 -7.02 14.66 32.87
N GLY C 404 -6.82 13.71 31.97
CA GLY C 404 -7.39 12.41 32.23
C GLY C 404 -8.78 12.36 31.65
N ARG C 405 -9.44 11.22 31.80
CA ARG C 405 -10.75 11.01 31.22
C ARG C 405 -11.92 11.40 32.09
N GLY C 406 -11.63 11.77 33.33
CA GLY C 406 -12.70 12.16 34.19
C GLY C 406 -13.24 11.02 35.01
N ASP C 407 -14.53 11.10 35.24
CA ASP C 407 -15.22 10.13 36.04
C ASP C 407 -16.55 9.92 35.36
N SER C 408 -16.67 8.95 34.45
CA SER C 408 -17.94 8.74 33.77
C SER C 408 -18.17 7.26 33.40
N ASP C 409 -19.02 7.10 32.42
CA ASP C 409 -19.52 5.85 31.92
C ASP C 409 -19.75 5.89 30.47
N GLU C 410 -20.06 4.72 29.94
CA GLU C 410 -20.44 4.62 28.55
C GLU C 410 -20.66 3.18 28.22
N TRP C 411 -21.53 2.97 27.26
CA TRP C 411 -21.78 1.63 26.81
C TRP C 411 -21.76 1.67 25.30
N THR C 412 -21.28 0.60 24.71
CA THR C 412 -21.23 0.49 23.26
C THR C 412 -21.79 -0.85 22.92
N PHE C 413 -21.98 -1.06 21.63
CA PHE C 413 -22.49 -2.32 21.12
C PHE C 413 -22.25 -2.43 19.62
N GLY C 414 -22.21 -3.66 19.11
CA GLY C 414 -22.01 -3.86 17.69
C GLY C 414 -21.71 -5.30 17.33
N ALA C 415 -21.18 -5.51 16.13
CA ALA C 415 -20.84 -6.82 15.62
C ALA C 415 -19.40 -6.76 15.13
N GLN C 416 -18.67 -7.85 15.22
CA GLN C 416 -17.30 -7.79 14.76
C GLN C 416 -16.82 -9.18 14.33
N MET C 417 -15.83 -9.27 13.45
CA MET C 417 -15.28 -10.57 13.15
C MET C 417 -13.79 -10.51 13.54
N GLU C 418 -13.22 -11.61 14.05
CA GLU C 418 -11.78 -11.65 14.29
C GLU C 418 -11.29 -13.00 13.69
N ILE C 419 -10.10 -13.05 13.11
CA ILE C 419 -9.64 -14.28 12.51
C ILE C 419 -8.16 -14.32 12.34
N TRP C 420 -7.57 -15.48 12.57
CA TRP C 420 -6.17 -15.66 12.23
C TRP C 420 -6.21 -16.97 11.43
N TRP C 421 -5.42 -17.04 10.37
CA TRP C 421 -5.41 -18.19 9.49
C TRP C 421 -4.01 -18.39 9.00
C2 BGC D . 16.25 -5.03 -7.92
C3 BGC D . 16.91 -6.05 -8.80
C4 BGC D . 15.82 -6.98 -9.34
C5 BGC D . 14.60 -6.26 -9.97
C6 BGC D . 13.39 -7.18 -10.01
C1 BGC D . 15.32 -4.28 -8.86
O1 BGC D . 14.87 -3.12 -8.26
O2 BGC D . 17.21 -4.17 -7.32
O3 BGC D . 17.91 -6.77 -8.09
O4 BGC D . 16.41 -7.83 -10.31
O5 BGC D . 14.21 -5.10 -9.21
O6 BGC D . 12.40 -6.68 -10.90
C1 GLC D . 16.96 -8.96 -9.75
C2 GLC D . 18.42 -9.08 -10.11
C3 GLC D . 18.55 -9.40 -11.60
C4 GLC D . 17.74 -10.64 -11.92
C5 GLC D . 16.31 -10.33 -11.54
C6 GLC D . 15.26 -11.38 -11.87
O2 GLC D . 19.07 -7.85 -9.82
O3 GLC D . 19.92 -9.58 -11.94
O4 GLC D . 17.87 -10.98 -13.30
O5 GLC D . 16.25 -10.11 -10.14
O6 GLC D . 14.01 -11.05 -11.25
C2 BGC E . 12.52 3.76 -5.95
C3 BGC E . 13.53 2.64 -6.06
C4 BGC E . 13.31 1.91 -7.37
C5 BGC E . 13.32 2.86 -8.57
C6 BGC E . 12.86 2.18 -9.83
C1 BGC E . 12.75 4.68 -7.15
O1 BGC E . 11.94 5.80 -7.09
O2 BGC E . 12.66 4.47 -4.72
O3 BGC E . 13.43 1.73 -4.97
O4 BGC E . 14.38 0.97 -7.55
O5 BGC E . 12.44 3.97 -8.36
O6 BGC E . 12.87 3.09 -10.92
C1 GLC E . 13.99 -0.35 -7.34
C2 GLC E . 15.06 -1.11 -6.57
C3 GLC E . 16.28 -1.44 -7.43
C4 GLC E . 15.90 -1.90 -8.87
C5 GLC E . 14.72 -1.12 -9.48
C6 GLC E . 14.15 -1.81 -10.70
O2 GLC E . 15.49 -0.36 -5.45
O3 GLC E . 17.01 -2.47 -6.77
O4 GLC E . 17.03 -1.76 -9.73
O5 GLC E . 13.65 -1.00 -8.54
O6 GLC E . 13.31 -0.93 -11.45
C2 BGC F . -14.70 -0.76 -11.64
C3 BGC F . -15.78 -1.65 -12.19
C4 BGC F . -15.70 -2.97 -11.43
C5 BGC F . -15.67 -2.85 -9.90
C6 BGC F . -15.12 -4.11 -9.25
C1 BGC F . -15.08 -0.55 -10.18
O1 BGC F . -14.35 0.47 -9.63
O2 BGC F . -14.64 0.48 -12.35
O3 BGC F . -15.62 -1.83 -13.58
O4 BGC F . -16.83 -3.75 -11.81
O5 BGC F . -14.84 -1.76 -9.45
O6 BGC F . -15.42 -4.16 -7.87
C1 GLC F . -16.57 -4.49 -12.95
C2 GLC F . -17.61 -4.18 -14.01
C3 GLC F . -18.97 -4.73 -13.59
C4 GLC F . -18.84 -6.22 -13.29
C5 GLC F . -17.83 -6.34 -12.17
C6 GLC F . -17.60 -7.71 -11.59
O2 GLC F . -17.68 -2.78 -14.19
O3 GLC F . -19.92 -4.51 -14.63
O4 GLC F . -20.10 -6.76 -12.91
O5 GLC F . -16.57 -5.87 -12.66
O6 GLC F . -16.45 -7.71 -10.73
C2 BGC G . -11.29 6.48 -6.05
C3 BGC G . -11.87 5.77 -7.26
C4 BGC G . -12.91 4.75 -6.80
C5 BGC G . -13.97 5.39 -5.90
C6 BGC G . -14.83 4.37 -5.24
C1 BGC G . -12.48 7.16 -5.35
O1 BGC G . -12.05 7.94 -4.28
O2 BGC G . -10.30 7.43 -6.43
O3 BGC G . -10.85 5.10 -8.01
O4 BGC G . -13.55 4.22 -7.95
O5 BGC G . -13.36 6.16 -4.85
O6 BGC G . -15.81 4.99 -4.41
C1 GLC G . -13.16 2.92 -8.24
C2 GLC G . -13.01 2.72 -9.74
C3 GLC G . -14.33 2.65 -10.47
C4 GLC G . -15.40 1.82 -9.72
C5 GLC G . -15.38 2.03 -8.19
C6 GLC G . -16.16 0.95 -7.46
O2 GLC G . -12.23 3.79 -10.29
O3 GLC G . -14.09 2.09 -11.76
O4 GLC G . -16.71 2.16 -10.21
O5 GLC G . -14.05 1.97 -7.69
O6 GLC G . -16.43 1.33 -6.11
C2 BGC H . -3.11 -7.97 16.70
C3 BGC H . -3.06 -9.25 17.47
C4 BGC H . -2.42 -10.30 16.57
C5 BGC H . -1.08 -9.87 15.91
C6 BGC H . -0.76 -10.71 14.69
C1 BGC H . -1.65 -7.62 16.45
O1 BGC H . -1.53 -6.31 16.02
O2 BGC H . -3.77 -6.95 17.46
O3 BGC H . -4.35 -9.65 17.89
O4 BGC H . -2.20 -11.47 17.34
O5 BGC H . -1.11 -8.49 15.47
O6 BGC H . 0.60 -10.59 14.31
C1 GLC H . -3.31 -12.29 17.34
C2 GLC H . -3.74 -12.57 18.77
C3 GLC H . -2.71 -13.45 19.46
C4 GLC H . -2.49 -14.71 18.65
C5 GLC H . -1.99 -14.26 17.29
C6 GLC H . -1.57 -15.32 16.31
O2 GLC H . -3.88 -11.33 19.44
O3 GLC H . -3.15 -13.77 20.77
O4 GLC H . -1.54 -15.55 19.29
O5 GLC H . -3.03 -13.51 16.67
O6 GLC H . -1.37 -14.77 15.01
C2 BGC I . 0.05 0.96 14.33
C3 BGC I . -0.72 -0.13 15.04
C4 BGC I . 0.19 -1.32 15.28
C5 BGC I . 1.48 -0.91 16.01
C6 BGC I . 2.49 -2.02 16.01
C1 BGC I . 1.22 1.33 15.24
O1 BGC I . 1.94 2.39 14.73
O2 BGC I . -0.78 2.09 14.06
O3 BGC I . -1.86 -0.54 14.29
O4 BGC I . -0.50 -2.26 16.11
O5 BGC I . 2.11 0.21 15.35
O6 BGC I . 3.67 -1.60 16.68
C1 GLC I . -0.92 -3.38 15.41
C2 GLC I . -2.31 -3.81 15.86
C3 GLC I . -2.31 -4.46 17.23
C4 GLC I . -1.12 -5.45 17.44
C5 GLC I . 0.21 -4.94 16.84
C6 GLC I . 1.24 -6.04 16.72
O2 GLC I . -3.18 -2.67 15.89
O3 GLC I . -3.55 -5.16 17.38
O4 GLC I . -0.92 -5.67 18.84
O5 GLC I . 0.00 -4.45 15.51
O6 GLC I . 2.54 -5.52 16.50
MG MG J . 1.42 7.92 2.10
MG MG K . 1.04 8.18 1.03
MG MG L . 0.28 8.09 1.91
#